data_6UDM
#
_entry.id   6UDM
#
_cell.length_a   241.281
_cell.length_b   241.281
_cell.length_c   125.298
_cell.angle_alpha   90.000
_cell.angle_beta   90.000
_cell.angle_gamma   120.000
#
_symmetry.space_group_name_H-M   'P 31 2 1'
#
loop_
_entity.id
_entity.type
_entity.pdbx_description
1 polymer 'Cytochrome P450 1A1'
2 non-polymer 'PROTOPORPHYRIN IX CONTAINING FE'
3 non-polymer [(8S)-8-(chloromethyl)-7,8-dihydro-6H-furo[3,2-e]indol-6-yl](5-fluoro-1H-indol-2-yl)methanone
4 non-polymer 3-[(3-CHOLAMIDOPROPYL)DIMETHYLAMMONIO]-1-PROPANESULFONATE
#
_entity_poly.entity_id   1
_entity_poly.type   'polypeptide(L)'
_entity_poly.pdbx_seq_one_letter_code
;MAKKTSSKGLKNPPGPWGWPLIGHMLTLGKNPHLALSRMSQQYGDVLQIRIGSTPVVVLSGLDTIRQALVRQGDDFKGRP
DLYTFTLISNGQSMSFSPDSGPVWAARRRLAQNGLKSFSIASDPASSTSCYLEEHVSKEAEVLISTLQELMAGPGHFNPY
RYVVVSVTNVICAICFGRRYDHNHQELLSLVNLNNNFGEVVGSGNPADFIPILRYLPNPSLNAFKDLNEKFYSFMQKMVK
EHYKTFEKGHIRDITDSLIEHCQEKQLDENANVQLSDEKIINIVLDLFGAGFDTVTTAISWSLMYLVMNPRVQRKIQEEL
DTVIGRSRRPRLSDRSHLPYMEAFILETFRHSSFVPFTIPHSTTRDTSLKGFYIPKGRCVFVNQWQINHDQKLWVNPSEF
LPERFLTPDGAIDKVLSEKVIIFGMGKRKCIGETIARWEVFLFLAILLQRVEFSVPLGVKVDMTPIYGLTMKHACCEHFQ
MQLRSHHHHHH
;
_entity_poly.pdbx_strand_id   A,B,C,D
#
loop_
_chem_comp.id
_chem_comp.type
_chem_comp.name
_chem_comp.formula
CPS non-polymer 3-[(3-CHOLAMIDOPROPYL)DIMETHYLAMMONIO]-1-PROPANESULFONATE 'C32 H58 N2 O7 S'
HEM non-polymer 'PROTOPORPHYRIN IX CONTAINING FE' 'C34 H32 Fe N4 O4'
Q4P non-polymer [(8S)-8-(chloromethyl)-7,8-dihydro-6H-furo[3,2-e]indol-6-yl](5-fluoro-1H-indol-2-yl)methanone 'C20 H14 Cl F N2 O2'
#
# COMPACT_ATOMS: atom_id res chain seq x y z
N LEU A 10 -52.52 -0.92 -21.04
CA LEU A 10 -53.08 -0.61 -19.73
C LEU A 10 -52.24 0.49 -19.07
N LYS A 11 -51.26 0.09 -18.28
CA LYS A 11 -50.36 1.02 -17.60
C LYS A 11 -48.96 0.44 -17.61
N ASN A 12 -47.97 1.32 -17.54
CA ASN A 12 -46.63 0.79 -17.33
C ASN A 12 -46.35 0.65 -15.83
N PRO A 13 -45.67 -0.38 -15.36
CA PRO A 13 -45.43 -0.51 -13.92
C PRO A 13 -44.60 0.67 -13.42
N PRO A 14 -44.95 1.25 -12.28
CA PRO A 14 -44.22 2.41 -11.77
C PRO A 14 -42.87 2.01 -11.18
N GLY A 15 -42.08 3.04 -10.88
CA GLY A 15 -40.78 2.82 -10.29
C GLY A 15 -40.03 4.13 -10.10
N PRO A 16 -38.99 4.11 -9.26
CA PRO A 16 -38.24 5.34 -8.98
C PRO A 16 -37.38 5.73 -10.16
N TRP A 17 -36.79 6.91 -10.06
CA TRP A 17 -35.93 7.41 -11.12
C TRP A 17 -34.60 6.66 -11.15
N GLY A 18 -34.15 6.32 -12.35
CA GLY A 18 -32.90 5.60 -12.51
C GLY A 18 -32.02 6.28 -13.53
N TRP A 19 -30.72 6.07 -13.38
CA TRP A 19 -29.75 6.63 -14.32
C TRP A 19 -30.01 6.09 -15.71
N PRO A 20 -29.75 6.89 -16.75
CA PRO A 20 -30.05 6.43 -18.12
C PRO A 20 -29.16 5.27 -18.58
N LEU A 21 -27.96 5.12 -18.01
CA LEU A 21 -27.03 4.08 -18.43
C LEU A 21 -27.02 2.89 -17.50
N ILE A 22 -26.88 3.11 -16.18
CA ILE A 22 -26.79 2.01 -15.23
C ILE A 22 -28.13 1.69 -14.56
N GLY A 23 -29.15 2.53 -14.74
CA GLY A 23 -30.42 2.26 -14.09
C GLY A 23 -30.32 2.35 -12.58
N HIS A 24 -31.00 1.44 -11.89
CA HIS A 24 -31.07 1.44 -10.45
C HIS A 24 -30.04 0.49 -9.83
N MET A 25 -28.98 0.17 -10.57
CA MET A 25 -28.00 -0.80 -10.09
C MET A 25 -27.37 -0.37 -8.78
N LEU A 26 -27.31 0.94 -8.51
CA LEU A 26 -26.73 1.41 -7.25
C LEU A 26 -27.73 1.32 -6.10
N THR A 27 -29.02 1.50 -6.37
CA THR A 27 -30.01 1.37 -5.32
C THR A 27 -30.04 -0.05 -4.77
N LEU A 28 -30.00 -1.05 -5.65
CA LEU A 28 -29.94 -2.44 -5.21
C LEU A 28 -28.79 -2.63 -4.23
N GLY A 29 -27.58 -2.28 -4.66
CA GLY A 29 -26.44 -2.41 -3.77
C GLY A 29 -26.09 -3.87 -3.52
N LYS A 30 -25.60 -4.13 -2.32
CA LYS A 30 -25.17 -5.47 -1.93
C LYS A 30 -26.30 -6.30 -1.32
N ASN A 31 -27.47 -5.70 -1.11
CA ASN A 31 -28.64 -6.42 -0.57
C ASN A 31 -29.86 -6.02 -1.37
N PRO A 32 -29.98 -6.51 -2.60
CA PRO A 32 -31.13 -6.09 -3.44
C PRO A 32 -32.47 -6.44 -2.83
N HIS A 33 -32.53 -7.48 -2.01
CA HIS A 33 -33.80 -7.86 -1.41
C HIS A 33 -34.28 -6.81 -0.41
N LEU A 34 -33.36 -6.17 0.30
CA LEU A 34 -33.75 -5.12 1.24
C LEU A 34 -34.15 -3.85 0.51
N ALA A 35 -33.40 -3.47 -0.53
CA ALA A 35 -33.71 -2.26 -1.27
C ALA A 35 -35.06 -2.37 -1.96
N LEU A 36 -35.33 -3.51 -2.60
CA LEU A 36 -36.58 -3.69 -3.31
C LEU A 36 -37.77 -3.90 -2.38
N SER A 37 -37.51 -4.21 -1.11
CA SER A 37 -38.60 -4.28 -0.14
C SER A 37 -39.00 -2.90 0.35
N ARG A 38 -38.03 -2.02 0.58
CA ARG A 38 -38.36 -0.62 0.87
C ARG A 38 -39.04 0.03 -0.33
N MET A 39 -38.64 -0.34 -1.54
CA MET A 39 -39.17 0.28 -2.73
C MET A 39 -40.63 -0.10 -2.96
N SER A 40 -41.00 -1.35 -2.66
CA SER A 40 -42.38 -1.79 -2.83
C SER A 40 -43.33 -1.08 -1.88
N GLN A 41 -42.85 -0.59 -0.74
CA GLN A 41 -43.71 0.14 0.18
C GLN A 41 -44.26 1.41 -0.44
N GLN A 42 -43.60 1.94 -1.47
CA GLN A 42 -43.97 3.18 -2.13
C GLN A 42 -44.58 2.95 -3.51
N TYR A 43 -44.05 2.00 -4.28
CA TYR A 43 -44.46 1.81 -5.66
C TYR A 43 -45.34 0.57 -5.87
N GLY A 44 -45.48 -0.28 -4.87
CA GLY A 44 -46.49 -1.33 -4.91
C GLY A 44 -45.96 -2.70 -5.28
N ASP A 45 -46.92 -3.60 -5.47
CA ASP A 45 -46.63 -5.01 -5.71
C ASP A 45 -46.11 -5.28 -7.12
N VAL A 46 -46.24 -4.33 -8.04
CA VAL A 46 -45.69 -4.46 -9.38
C VAL A 46 -44.94 -3.17 -9.68
N LEU A 47 -43.62 -3.24 -9.72
CA LEU A 47 -42.77 -2.10 -10.02
C LEU A 47 -41.71 -2.52 -11.03
N GLN A 48 -41.05 -1.51 -11.60
CA GLN A 48 -40.13 -1.72 -12.70
C GLN A 48 -38.83 -0.97 -12.40
N ILE A 49 -37.71 -1.67 -12.58
CA ILE A 49 -36.39 -1.05 -12.42
C ILE A 49 -35.61 -1.33 -13.69
N ARG A 50 -34.34 -0.94 -13.69
CA ARG A 50 -33.44 -1.20 -14.80
C ARG A 50 -32.08 -1.55 -14.23
N ILE A 51 -31.50 -2.64 -14.71
CA ILE A 51 -30.13 -3.00 -14.41
C ILE A 51 -29.34 -2.74 -15.68
N GLY A 52 -28.47 -1.73 -15.64
CA GLY A 52 -27.89 -1.22 -16.86
C GLY A 52 -28.97 -0.58 -17.69
N SER A 53 -29.29 -1.18 -18.84
CA SER A 53 -30.40 -0.76 -19.67
C SER A 53 -31.52 -1.79 -19.73
N THR A 54 -31.37 -2.92 -19.05
CA THR A 54 -32.33 -4.01 -19.14
C THR A 54 -33.49 -3.76 -18.16
N PRO A 55 -34.73 -3.65 -18.63
CA PRO A 55 -35.84 -3.51 -17.69
C PRO A 55 -36.11 -4.81 -16.94
N VAL A 56 -36.58 -4.64 -15.70
CA VAL A 56 -36.90 -5.77 -14.83
C VAL A 56 -38.14 -5.40 -14.02
N VAL A 57 -39.09 -6.32 -13.95
CA VAL A 57 -40.29 -6.16 -13.13
C VAL A 57 -40.07 -6.96 -11.85
N VAL A 58 -40.39 -6.35 -10.70
CA VAL A 58 -40.20 -6.98 -9.40
C VAL A 58 -41.56 -7.13 -8.75
N LEU A 59 -41.91 -8.36 -8.40
CA LEU A 59 -43.20 -8.68 -7.80
C LEU A 59 -43.05 -8.81 -6.29
N SER A 60 -43.96 -8.18 -5.56
CA SER A 60 -43.99 -8.19 -4.10
C SER A 60 -45.43 -8.33 -3.67
N GLY A 61 -45.65 -9.03 -2.57
CA GLY A 61 -47.00 -9.12 -2.03
C GLY A 61 -47.51 -10.53 -2.19
N LEU A 62 -48.17 -11.02 -1.14
CA LEU A 62 -48.60 -12.41 -1.13
C LEU A 62 -49.67 -12.67 -2.20
N ASP A 63 -50.69 -11.82 -2.27
CA ASP A 63 -51.76 -12.06 -3.24
C ASP A 63 -51.32 -11.79 -4.67
N THR A 64 -50.48 -10.78 -4.87
CA THR A 64 -50.06 -10.44 -6.23
C THR A 64 -49.13 -11.50 -6.80
N ILE A 65 -48.31 -12.13 -5.96
CA ILE A 65 -47.42 -13.17 -6.45
C ILE A 65 -48.20 -14.45 -6.71
N ARG A 66 -49.22 -14.74 -5.90
CA ARG A 66 -50.11 -15.86 -6.19
C ARG A 66 -50.89 -15.61 -7.47
N GLN A 67 -51.28 -14.37 -7.72
CA GLN A 67 -52.01 -14.04 -8.94
C GLN A 67 -51.15 -14.28 -10.17
N ALA A 68 -49.85 -14.02 -10.06
CA ALA A 68 -48.95 -14.07 -11.22
C ALA A 68 -48.39 -15.47 -11.45
N LEU A 69 -47.92 -16.14 -10.39
CA LEU A 69 -47.26 -17.43 -10.55
C LEU A 69 -48.24 -18.59 -10.58
N VAL A 70 -49.41 -18.47 -9.96
CA VAL A 70 -50.37 -19.56 -9.90
C VAL A 70 -51.47 -19.35 -10.92
N ARG A 71 -52.32 -18.35 -10.70
CA ARG A 71 -53.50 -18.17 -11.56
C ARG A 71 -53.10 -17.83 -12.99
N GLN A 72 -52.00 -17.13 -13.19
CA GLN A 72 -51.46 -16.85 -14.51
C GLN A 72 -50.11 -17.54 -14.72
N GLY A 73 -49.92 -18.70 -14.09
CA GLY A 73 -48.60 -19.32 -14.07
C GLY A 73 -48.01 -19.56 -15.44
N ASP A 74 -48.85 -19.88 -16.43
CA ASP A 74 -48.35 -20.13 -17.78
C ASP A 74 -47.82 -18.87 -18.44
N ASP A 75 -48.19 -17.69 -17.92
CA ASP A 75 -47.65 -16.44 -18.45
C ASP A 75 -46.27 -16.12 -17.90
N PHE A 76 -45.88 -16.72 -16.77
CA PHE A 76 -44.65 -16.39 -16.09
C PHE A 76 -43.71 -17.58 -15.90
N LYS A 77 -43.96 -18.70 -16.59
CA LYS A 77 -43.23 -19.93 -16.31
C LYS A 77 -41.88 -20.03 -17.02
N GLY A 78 -41.41 -18.95 -17.64
CA GLY A 78 -40.16 -18.99 -18.39
C GLY A 78 -38.98 -18.48 -17.59
N ARG A 79 -37.77 -18.79 -18.09
CA ARG A 79 -36.54 -18.25 -17.52
C ARG A 79 -35.94 -17.21 -18.47
N PRO A 80 -35.39 -16.12 -17.94
CA PRO A 80 -34.69 -15.16 -18.81
C PRO A 80 -33.40 -15.74 -19.35
N ASP A 81 -32.90 -15.09 -20.41
CA ASP A 81 -31.69 -15.55 -21.08
C ASP A 81 -30.49 -14.77 -20.55
N LEU A 82 -30.13 -15.09 -19.31
CA LEU A 82 -29.01 -14.44 -18.63
C LEU A 82 -27.70 -15.12 -18.98
N TYR A 83 -26.61 -14.35 -18.88
CA TYR A 83 -25.28 -14.90 -19.18
C TYR A 83 -24.89 -15.95 -18.16
N THR A 84 -25.05 -15.66 -16.87
CA THR A 84 -24.64 -16.60 -15.84
C THR A 84 -25.35 -17.94 -15.98
N PHE A 85 -26.58 -17.94 -16.49
CA PHE A 85 -27.31 -19.20 -16.64
C PHE A 85 -26.70 -20.08 -17.72
N THR A 86 -26.13 -19.48 -18.76
CA THR A 86 -25.56 -20.26 -19.85
C THR A 86 -24.29 -21.00 -19.45
N LEU A 87 -23.72 -20.70 -18.29
CA LEU A 87 -22.56 -21.42 -17.79
C LEU A 87 -22.93 -22.61 -16.93
N ILE A 88 -24.22 -22.89 -16.75
CA ILE A 88 -24.70 -23.96 -15.88
C ILE A 88 -25.05 -25.16 -16.73
N SER A 89 -24.46 -26.31 -16.41
CA SER A 89 -24.75 -27.58 -17.09
C SER A 89 -24.70 -27.41 -18.60
N ASN A 90 -23.62 -26.78 -19.09
CA ASN A 90 -23.40 -26.61 -20.53
C ASN A 90 -24.55 -25.84 -21.18
N GLY A 91 -25.24 -25.01 -20.41
CA GLY A 91 -26.33 -24.22 -20.95
C GLY A 91 -27.62 -24.97 -21.18
N GLN A 92 -27.76 -26.18 -20.65
CA GLN A 92 -28.95 -27.01 -20.86
C GLN A 92 -29.60 -27.42 -19.55
N SER A 93 -29.44 -26.60 -18.51
CA SER A 93 -30.03 -26.92 -17.22
C SER A 93 -31.55 -26.88 -17.30
N MET A 94 -32.20 -27.83 -16.63
CA MET A 94 -33.64 -27.81 -16.55
C MET A 94 -34.13 -26.55 -15.86
N SER A 95 -33.49 -26.18 -14.75
CA SER A 95 -33.98 -25.10 -13.91
C SER A 95 -33.59 -23.72 -14.43
N PHE A 96 -32.48 -23.61 -15.16
CA PHE A 96 -31.93 -22.32 -15.53
C PHE A 96 -31.97 -22.02 -17.03
N SER A 97 -32.22 -23.01 -17.87
CA SER A 97 -32.27 -22.74 -19.30
C SER A 97 -33.54 -21.97 -19.65
N PRO A 98 -33.52 -21.15 -20.69
CA PRO A 98 -34.73 -20.42 -21.11
C PRO A 98 -35.83 -21.32 -21.64
N ASP A 99 -35.52 -22.58 -21.97
CA ASP A 99 -36.53 -23.55 -22.38
C ASP A 99 -37.64 -23.65 -21.36
N SER A 100 -38.88 -23.36 -21.79
CA SER A 100 -40.05 -23.48 -20.93
C SER A 100 -41.22 -24.12 -21.64
N GLY A 101 -41.01 -24.73 -22.81
CA GLY A 101 -42.08 -25.36 -23.55
C GLY A 101 -42.37 -26.76 -23.02
N PRO A 102 -42.85 -27.65 -23.89
CA PRO A 102 -43.09 -29.03 -23.44
C PRO A 102 -41.81 -29.81 -23.20
N VAL A 103 -40.67 -29.33 -23.69
CA VAL A 103 -39.40 -30.00 -23.40
C VAL A 103 -39.08 -29.87 -21.91
N TRP A 104 -39.20 -28.66 -21.37
CA TRP A 104 -38.97 -28.47 -19.94
C TRP A 104 -39.99 -29.25 -19.11
N ALA A 105 -41.27 -29.16 -19.48
CA ALA A 105 -42.31 -29.84 -18.72
C ALA A 105 -42.06 -31.34 -18.64
N ALA A 106 -41.46 -31.92 -19.69
CA ALA A 106 -41.19 -33.35 -19.67
C ALA A 106 -40.03 -33.68 -18.74
N ARG A 107 -38.97 -32.86 -18.76
CA ARG A 107 -37.84 -33.10 -17.87
C ARG A 107 -38.24 -32.92 -16.41
N ARG A 108 -39.10 -31.94 -16.12
CA ARG A 108 -39.56 -31.72 -14.75
C ARG A 108 -40.32 -32.93 -14.24
N ARG A 109 -41.17 -33.53 -15.08
CA ARG A 109 -41.92 -34.70 -14.67
C ARG A 109 -41.00 -35.90 -14.44
N LEU A 110 -39.90 -36.00 -15.20
CA LEU A 110 -38.93 -37.05 -14.94
C LEU A 110 -38.28 -36.88 -13.58
N ALA A 111 -37.96 -35.63 -13.21
CA ALA A 111 -37.33 -35.39 -11.92
C ALA A 111 -38.29 -35.67 -10.78
N GLN A 112 -39.54 -35.20 -10.90
CA GLN A 112 -40.53 -35.45 -9.85
C GLN A 112 -40.70 -36.95 -9.61
N ASN A 113 -40.79 -37.75 -10.68
CA ASN A 113 -40.97 -39.19 -10.51
C ASN A 113 -39.70 -39.85 -9.97
N GLY A 114 -38.54 -39.39 -10.43
CA GLY A 114 -37.29 -39.94 -9.90
C GLY A 114 -37.13 -39.68 -8.41
N LEU A 115 -37.56 -38.50 -7.95
CA LEU A 115 -37.46 -38.17 -6.53
C LEU A 115 -38.40 -39.04 -5.70
N LYS A 116 -39.67 -39.12 -6.09
CA LYS A 116 -40.63 -39.90 -5.31
C LYS A 116 -40.18 -41.35 -5.15
N SER A 117 -39.48 -41.89 -6.15
CA SER A 117 -39.13 -43.30 -6.12
C SER A 117 -38.01 -43.60 -5.13
N PHE A 118 -37.08 -42.67 -4.94
CA PHE A 118 -35.89 -42.93 -4.13
C PHE A 118 -35.79 -41.99 -2.93
N SER A 119 -36.93 -41.46 -2.47
CA SER A 119 -36.94 -40.61 -1.29
C SER A 119 -38.16 -40.92 -0.42
N ILE A 120 -39.35 -40.74 -0.99
CA ILE A 120 -40.58 -40.97 -0.23
C ILE A 120 -41.05 -42.42 -0.31
N ALA A 121 -40.60 -43.17 -1.29
CA ALA A 121 -41.03 -44.55 -1.45
C ALA A 121 -40.42 -45.45 -0.37
N SER A 122 -41.05 -46.60 -0.17
CA SER A 122 -40.61 -47.53 0.87
C SER A 122 -39.29 -48.18 0.46
N ASP A 123 -38.41 -48.36 1.45
CA ASP A 123 -37.11 -49.01 1.23
C ASP A 123 -37.29 -50.52 1.27
N PRO A 124 -36.86 -51.25 0.23
CA PRO A 124 -36.96 -52.72 0.31
C PRO A 124 -36.21 -53.33 1.48
N ALA A 125 -35.14 -52.67 1.94
CA ALA A 125 -34.32 -53.21 3.02
C ALA A 125 -35.04 -53.15 4.37
N SER A 126 -35.77 -52.07 4.64
CA SER A 126 -36.39 -51.84 5.94
C SER A 126 -37.90 -51.67 5.76
N SER A 127 -38.66 -52.53 6.45
CA SER A 127 -40.12 -52.49 6.34
C SER A 127 -40.69 -51.20 6.93
N THR A 128 -40.12 -50.73 8.04
CA THR A 128 -40.72 -49.61 8.77
C THR A 128 -40.58 -48.30 8.00
N SER A 129 -39.36 -47.94 7.60
CA SER A 129 -39.06 -46.62 7.09
C SER A 129 -38.97 -46.60 5.56
N CYS A 130 -38.90 -45.37 5.04
CA CYS A 130 -38.72 -45.11 3.62
C CYS A 130 -37.25 -44.77 3.33
N TYR A 131 -36.94 -44.55 2.06
CA TYR A 131 -35.56 -44.25 1.68
C TYR A 131 -35.00 -43.07 2.46
N LEU A 132 -35.75 -41.96 2.50
CA LEU A 132 -35.22 -40.74 3.11
C LEU A 132 -35.00 -40.91 4.60
N GLU A 133 -35.95 -41.52 5.31
CA GLU A 133 -35.81 -41.71 6.74
C GLU A 133 -34.65 -42.65 7.06
N GLU A 134 -34.45 -43.69 6.24
CA GLU A 134 -33.32 -44.59 6.44
C GLU A 134 -31.99 -43.87 6.26
N HIS A 135 -31.87 -43.04 5.22
CA HIS A 135 -30.63 -42.34 4.96
C HIS A 135 -30.35 -41.29 6.03
N VAL A 136 -31.36 -40.51 6.41
CA VAL A 136 -31.15 -39.44 7.37
C VAL A 136 -30.77 -40.02 8.73
N SER A 137 -31.42 -41.11 9.13
CA SER A 137 -31.09 -41.74 10.40
C SER A 137 -29.64 -42.20 10.43
N LYS A 138 -29.16 -42.77 9.33
CA LYS A 138 -27.77 -43.19 9.25
C LYS A 138 -26.84 -42.00 9.40
N GLU A 139 -27.10 -40.93 8.64
CA GLU A 139 -26.17 -39.81 8.61
C GLU A 139 -26.23 -38.99 9.88
N ALA A 140 -27.38 -38.94 10.54
CA ALA A 140 -27.47 -38.22 11.81
C ALA A 140 -26.67 -38.91 12.91
N GLU A 141 -26.56 -40.24 12.87
CA GLU A 141 -25.73 -40.94 13.84
C GLU A 141 -24.25 -40.70 13.55
N VAL A 142 -23.85 -40.80 12.29
CA VAL A 142 -22.46 -40.51 11.93
C VAL A 142 -22.11 -39.08 12.33
N LEU A 143 -23.05 -38.16 12.15
CA LEU A 143 -22.80 -36.76 12.50
C LEU A 143 -22.58 -36.59 14.00
N ILE A 144 -23.44 -37.21 14.81
CA ILE A 144 -23.30 -37.09 16.26
C ILE A 144 -21.98 -37.68 16.73
N SER A 145 -21.54 -38.78 16.10
CA SER A 145 -20.27 -39.38 16.47
C SER A 145 -19.10 -38.47 16.09
N THR A 146 -19.16 -37.84 14.91
CA THR A 146 -18.10 -36.95 14.49
C THR A 146 -17.99 -35.75 15.41
N LEU A 147 -19.12 -35.24 15.89
CA LEU A 147 -19.08 -34.08 16.78
C LEU A 147 -18.58 -34.46 18.16
N GLN A 148 -18.86 -35.69 18.61
CA GLN A 148 -18.30 -36.15 19.88
C GLN A 148 -16.79 -36.24 19.80
N GLU A 149 -16.25 -36.67 18.67
CA GLU A 149 -14.81 -36.75 18.50
C GLU A 149 -14.18 -35.37 18.53
N LEU A 150 -14.86 -34.36 17.97
CA LEU A 150 -14.33 -33.00 17.98
C LEU A 150 -14.32 -32.41 19.38
N MET A 151 -15.28 -32.79 20.23
CA MET A 151 -15.28 -32.32 21.61
C MET A 151 -14.25 -33.06 22.45
N ALA A 152 -13.72 -34.18 21.97
CA ALA A 152 -12.66 -34.88 22.69
C ALA A 152 -11.33 -34.14 22.58
N GLY A 153 -11.07 -33.51 21.44
CA GLY A 153 -9.84 -32.78 21.23
C GLY A 153 -10.04 -31.28 21.20
N PRO A 154 -10.29 -30.72 20.02
CA PRO A 154 -10.37 -29.25 19.91
C PRO A 154 -11.33 -28.60 20.90
N GLY A 155 -12.40 -29.29 21.29
CA GLY A 155 -13.40 -28.71 22.17
C GLY A 155 -14.38 -27.79 21.48
N HIS A 156 -14.24 -27.56 20.18
CA HIS A 156 -15.18 -26.72 19.43
C HIS A 156 -15.03 -27.09 17.96
N PHE A 157 -15.92 -26.53 17.13
CA PHE A 157 -15.96 -26.90 15.73
C PHE A 157 -16.77 -25.87 14.95
N ASN A 158 -16.63 -25.93 13.62
CA ASN A 158 -17.49 -25.20 12.71
C ASN A 158 -18.55 -26.15 12.19
N PRO A 159 -19.84 -25.93 12.47
CA PRO A 159 -20.83 -26.95 12.07
C PRO A 159 -20.97 -27.13 10.58
N TYR A 160 -20.88 -26.06 9.79
CA TYR A 160 -21.13 -26.16 8.36
C TYR A 160 -20.23 -27.20 7.70
N ARG A 161 -18.99 -27.33 8.18
CA ARG A 161 -18.04 -28.26 7.58
C ARG A 161 -18.56 -29.69 7.63
N TYR A 162 -19.26 -30.05 8.71
CA TYR A 162 -19.71 -31.42 8.92
C TYR A 162 -21.18 -31.64 8.59
N VAL A 163 -22.01 -30.60 8.69
CA VAL A 163 -23.39 -30.72 8.24
C VAL A 163 -23.45 -30.93 6.74
N VAL A 164 -22.60 -30.22 5.99
CA VAL A 164 -22.62 -30.32 4.54
C VAL A 164 -22.31 -31.74 4.08
N VAL A 165 -21.53 -32.49 4.87
CA VAL A 165 -21.23 -33.87 4.50
C VAL A 165 -22.41 -34.76 4.81
N SER A 166 -23.00 -34.62 6.00
CA SER A 166 -24.14 -35.45 6.37
C SER A 166 -25.31 -35.18 5.42
N VAL A 167 -25.52 -33.93 5.05
CA VAL A 167 -26.61 -33.60 4.14
C VAL A 167 -26.28 -34.04 2.72
N THR A 168 -25.01 -34.03 2.35
CA THR A 168 -24.64 -34.46 1.00
C THR A 168 -24.77 -35.97 0.84
N ASN A 169 -24.42 -36.73 1.89
CA ASN A 169 -24.55 -38.19 1.81
C ASN A 169 -25.99 -38.62 1.61
N VAL A 170 -26.96 -37.79 2.00
CA VAL A 170 -28.36 -38.14 1.79
C VAL A 170 -28.76 -37.92 0.34
N ILE A 171 -28.61 -36.70 -0.16
CA ILE A 171 -28.95 -36.42 -1.56
C ILE A 171 -28.04 -37.20 -2.49
N CYS A 172 -26.82 -37.50 -2.04
CA CYS A 172 -25.90 -38.27 -2.88
C CYS A 172 -26.29 -39.74 -2.92
N ALA A 173 -26.77 -40.28 -1.80
CA ALA A 173 -27.29 -41.64 -1.82
C ALA A 173 -28.55 -41.75 -2.67
N ILE A 174 -29.34 -40.67 -2.73
CA ILE A 174 -30.56 -40.69 -3.51
C ILE A 174 -30.27 -40.59 -5.01
N CYS A 175 -29.18 -39.91 -5.39
CA CYS A 175 -28.88 -39.67 -6.80
C CYS A 175 -27.84 -40.64 -7.36
N PHE A 176 -26.88 -41.08 -6.55
CA PHE A 176 -25.80 -41.92 -7.03
C PHE A 176 -25.62 -43.19 -6.19
N GLY A 177 -26.45 -43.40 -5.18
CA GLY A 177 -26.40 -44.62 -4.38
C GLY A 177 -25.10 -44.88 -3.67
N ARG A 178 -24.38 -43.83 -3.26
CA ARG A 178 -23.14 -43.98 -2.52
C ARG A 178 -23.05 -42.89 -1.46
N ARG A 179 -22.15 -43.09 -0.51
CA ARG A 179 -21.87 -42.13 0.54
C ARG A 179 -20.36 -41.99 0.69
N TYR A 180 -19.94 -40.94 1.42
CA TYR A 180 -18.54 -40.61 1.58
C TYR A 180 -18.23 -40.32 3.05
N ASP A 181 -16.97 -40.51 3.42
CA ASP A 181 -16.53 -40.25 4.78
C ASP A 181 -16.47 -38.75 5.05
N HIS A 182 -16.40 -38.40 6.34
CA HIS A 182 -16.44 -37.00 6.75
C HIS A 182 -15.19 -36.22 6.33
N ASN A 183 -14.09 -36.90 6.02
CA ASN A 183 -12.84 -36.26 5.59
C ASN A 183 -12.45 -36.78 4.21
N HIS A 184 -13.16 -36.31 3.18
CA HIS A 184 -12.96 -36.75 1.81
C HIS A 184 -12.66 -35.54 0.93
N GLN A 185 -11.54 -35.59 0.21
CA GLN A 185 -11.14 -34.44 -0.60
C GLN A 185 -11.96 -34.33 -1.88
N GLU A 186 -12.41 -35.46 -2.44
CA GLU A 186 -13.29 -35.39 -3.60
C GLU A 186 -14.56 -34.63 -3.29
N LEU A 187 -15.12 -34.83 -2.10
CA LEU A 187 -16.42 -34.26 -1.78
C LEU A 187 -16.29 -32.80 -1.35
N LEU A 188 -15.44 -32.51 -0.36
CA LEU A 188 -15.33 -31.15 0.14
C LEU A 188 -14.89 -30.18 -0.94
N SER A 189 -14.07 -30.63 -1.88
CA SER A 189 -13.64 -29.75 -2.97
C SER A 189 -14.85 -29.24 -3.76
N LEU A 190 -15.82 -30.12 -4.01
CA LEU A 190 -16.98 -29.74 -4.80
C LEU A 190 -17.91 -28.82 -4.01
N VAL A 191 -18.21 -29.19 -2.77
CA VAL A 191 -19.30 -28.55 -2.04
C VAL A 191 -18.82 -27.40 -1.16
N ASN A 192 -17.70 -27.57 -0.45
CA ASN A 192 -17.23 -26.57 0.50
C ASN A 192 -16.14 -25.68 -0.08
N LEU A 193 -16.24 -24.38 0.20
CA LEU A 193 -15.32 -23.33 -0.25
C LEU A 193 -15.13 -23.33 -1.76
N ASN A 194 -16.12 -23.84 -2.48
CA ASN A 194 -16.19 -23.74 -3.94
C ASN A 194 -17.63 -23.42 -4.31
N ASN A 195 -18.40 -22.70 -3.50
CA ASN A 195 -19.77 -22.53 -3.74
C ASN A 195 -20.16 -21.12 -3.68
N ASN A 196 -19.62 -20.42 -4.63
CA ASN A 196 -20.09 -19.07 -4.91
C ASN A 196 -21.22 -19.10 -5.94
N PHE A 197 -21.83 -20.28 -6.13
CA PHE A 197 -22.95 -20.39 -7.06
C PHE A 197 -24.07 -19.45 -6.66
N GLY A 198 -24.38 -19.40 -5.36
CA GLY A 198 -25.39 -18.46 -4.90
C GLY A 198 -24.99 -17.01 -5.12
N GLU A 199 -23.71 -16.71 -4.91
CA GLU A 199 -23.27 -15.31 -5.05
C GLU A 199 -23.32 -14.86 -6.51
N VAL A 200 -23.07 -15.76 -7.44
CA VAL A 200 -23.06 -15.39 -8.86
C VAL A 200 -24.45 -15.49 -9.49
N VAL A 201 -25.29 -16.38 -8.99
CA VAL A 201 -26.60 -16.60 -9.59
C VAL A 201 -27.71 -15.78 -8.94
N GLY A 202 -27.47 -15.23 -7.74
CA GLY A 202 -28.45 -14.40 -7.08
C GLY A 202 -29.00 -13.31 -7.98
N SER A 203 -30.31 -13.10 -7.91
CA SER A 203 -30.95 -12.10 -8.75
C SER A 203 -30.27 -10.74 -8.60
N GLY A 204 -30.17 -10.02 -9.71
CA GLY A 204 -29.55 -8.71 -9.73
C GLY A 204 -28.06 -8.71 -9.92
N ASN A 205 -27.47 -9.83 -10.34
CA ASN A 205 -26.03 -9.88 -10.57
C ASN A 205 -25.69 -8.92 -11.71
N PRO A 206 -24.78 -7.96 -11.52
CA PRO A 206 -24.49 -7.00 -12.60
C PRO A 206 -23.94 -7.64 -13.86
N ALA A 207 -23.19 -8.74 -13.74
CA ALA A 207 -22.58 -9.34 -14.91
C ALA A 207 -23.60 -9.79 -15.95
N ASP A 208 -24.85 -10.04 -15.52
CA ASP A 208 -25.89 -10.46 -16.46
C ASP A 208 -26.43 -9.30 -17.28
N PHE A 209 -26.32 -8.07 -16.78
CA PHE A 209 -26.91 -6.91 -17.44
C PHE A 209 -25.88 -5.87 -17.87
N ILE A 210 -24.64 -5.97 -17.42
CA ILE A 210 -23.56 -5.09 -17.86
C ILE A 210 -22.55 -5.93 -18.63
N PRO A 211 -22.65 -6.04 -19.96
CA PRO A 211 -21.85 -7.04 -20.68
C PRO A 211 -20.35 -6.91 -20.49
N ILE A 212 -19.83 -5.75 -20.13
CA ILE A 212 -18.38 -5.60 -20.07
C ILE A 212 -17.79 -6.26 -18.83
N LEU A 213 -18.57 -6.45 -17.77
CA LEU A 213 -18.04 -7.02 -16.54
C LEU A 213 -17.67 -8.49 -16.69
N ARG A 214 -18.13 -9.14 -17.77
CA ARG A 214 -17.77 -10.53 -18.00
C ARG A 214 -16.32 -10.66 -18.46
N TYR A 215 -15.87 -9.73 -19.30
CA TYR A 215 -14.54 -9.80 -19.90
C TYR A 215 -13.46 -9.16 -19.03
N LEU A 216 -13.84 -8.33 -18.05
CA LEU A 216 -12.87 -7.72 -17.16
C LEU A 216 -12.34 -8.77 -16.19
N PRO A 217 -11.25 -8.45 -15.47
CA PRO A 217 -10.80 -9.36 -14.41
C PRO A 217 -11.89 -9.61 -13.38
N ASN A 218 -12.48 -10.80 -13.41
CA ASN A 218 -13.57 -11.17 -12.50
C ASN A 218 -13.19 -12.44 -11.76
N PRO A 219 -12.68 -12.35 -10.52
CA PRO A 219 -12.29 -13.58 -9.82
C PRO A 219 -13.46 -14.49 -9.49
N SER A 220 -14.61 -13.93 -9.12
CA SER A 220 -15.76 -14.75 -8.77
C SER A 220 -16.34 -15.44 -10.00
N LEU A 221 -16.37 -14.75 -11.14
CA LEU A 221 -16.93 -15.34 -12.35
C LEU A 221 -16.02 -16.42 -12.91
N ASN A 222 -14.71 -16.32 -12.68
CA ASN A 222 -13.80 -17.36 -13.15
C ASN A 222 -13.89 -18.60 -12.27
N ALA A 223 -14.00 -18.42 -10.96
CA ALA A 223 -14.21 -19.56 -10.07
C ALA A 223 -15.57 -20.20 -10.33
N PHE A 224 -16.54 -19.43 -10.85
CA PHE A 224 -17.84 -20.00 -11.17
C PHE A 224 -17.78 -20.90 -12.39
N LYS A 225 -17.07 -20.47 -13.44
CA LYS A 225 -16.92 -21.33 -14.61
C LYS A 225 -16.22 -22.63 -14.24
N ASP A 226 -15.24 -22.56 -13.32
CA ASP A 226 -14.53 -23.76 -12.91
C ASP A 226 -15.40 -24.68 -12.07
N LEU A 227 -16.18 -24.11 -11.14
CA LEU A 227 -17.06 -24.94 -10.32
C LEU A 227 -18.00 -25.76 -11.18
N ASN A 228 -18.54 -25.16 -12.24
CA ASN A 228 -19.49 -25.88 -13.08
C ASN A 228 -18.77 -26.93 -13.93
N GLU A 229 -17.59 -26.57 -14.45
CA GLU A 229 -16.81 -27.54 -15.21
C GLU A 229 -16.38 -28.71 -14.34
N LYS A 230 -16.07 -28.45 -13.07
CA LYS A 230 -15.74 -29.53 -12.14
C LYS A 230 -16.94 -30.42 -11.86
N PHE A 231 -18.12 -29.82 -11.66
CA PHE A 231 -19.32 -30.62 -11.41
C PHE A 231 -19.70 -31.44 -12.63
N TYR A 232 -19.68 -30.82 -13.81
CA TYR A 232 -20.07 -31.55 -15.02
C TYR A 232 -19.15 -32.74 -15.28
N SER A 233 -17.87 -32.61 -14.93
CA SER A 233 -16.96 -33.74 -15.05
C SER A 233 -17.32 -34.83 -14.06
N PHE A 234 -17.64 -34.46 -12.82
CA PHE A 234 -18.05 -35.44 -11.82
C PHE A 234 -19.30 -36.18 -12.27
N MET A 235 -20.25 -35.47 -12.90
CA MET A 235 -21.43 -36.13 -13.44
C MET A 235 -21.03 -37.18 -14.48
N GLN A 236 -20.14 -36.81 -15.40
CA GLN A 236 -19.72 -37.74 -16.45
C GLN A 236 -19.03 -38.96 -15.84
N LYS A 237 -18.24 -38.76 -14.79
CA LYS A 237 -17.64 -39.89 -14.10
C LYS A 237 -18.69 -40.75 -13.41
N MET A 238 -19.69 -40.11 -12.79
CA MET A 238 -20.70 -40.85 -12.04
C MET A 238 -21.66 -41.59 -12.96
N VAL A 239 -21.97 -41.02 -14.13
CA VAL A 239 -22.92 -41.66 -15.03
C VAL A 239 -22.24 -42.76 -15.84
N LYS A 240 -21.00 -42.54 -16.28
CA LYS A 240 -20.29 -43.59 -17.00
C LYS A 240 -20.07 -44.81 -16.13
N GLU A 241 -19.84 -44.61 -14.82
CA GLU A 241 -19.66 -45.74 -13.93
C GLU A 241 -20.97 -46.48 -13.69
N HIS A 242 -22.11 -45.77 -13.73
CA HIS A 242 -23.39 -46.43 -13.57
C HIS A 242 -23.81 -47.14 -14.85
N TYR A 243 -23.43 -46.60 -16.01
CA TYR A 243 -23.74 -47.24 -17.28
C TYR A 243 -22.94 -48.53 -17.45
N LYS A 244 -21.75 -48.59 -16.85
CA LYS A 244 -20.89 -49.76 -16.93
C LYS A 244 -21.45 -50.97 -16.18
N THR A 245 -22.39 -50.75 -15.25
CA THR A 245 -22.98 -51.83 -14.48
C THR A 245 -24.50 -51.78 -14.46
N PHE A 246 -25.13 -51.11 -15.43
CA PHE A 246 -26.57 -50.89 -15.37
C PHE A 246 -27.30 -52.19 -15.70
N GLU A 247 -28.09 -52.69 -14.74
CA GLU A 247 -28.98 -53.82 -14.96
C GLU A 247 -30.41 -53.32 -15.00
N LYS A 248 -31.10 -53.58 -16.11
CA LYS A 248 -32.49 -53.15 -16.23
C LYS A 248 -33.35 -54.02 -15.34
N GLY A 249 -33.98 -53.41 -14.33
CA GLY A 249 -34.79 -54.09 -13.35
C GLY A 249 -34.30 -53.90 -11.93
N HIS A 250 -32.99 -53.68 -11.77
CA HIS A 250 -32.40 -53.32 -10.49
C HIS A 250 -32.01 -51.85 -10.60
N ILE A 251 -32.98 -50.98 -10.36
CA ILE A 251 -32.76 -49.53 -10.40
C ILE A 251 -32.28 -49.12 -9.02
N ARG A 252 -31.04 -48.66 -8.95
CA ARG A 252 -30.40 -48.39 -7.66
C ARG A 252 -30.66 -46.99 -7.15
N ASP A 253 -30.78 -46.00 -8.04
CA ASP A 253 -30.91 -44.61 -7.63
C ASP A 253 -31.53 -43.83 -8.79
N ILE A 254 -31.60 -42.50 -8.64
CA ILE A 254 -32.24 -41.66 -9.65
C ILE A 254 -31.48 -41.72 -10.97
N THR A 255 -30.16 -41.84 -10.91
CA THR A 255 -29.37 -41.92 -12.14
C THR A 255 -29.77 -43.11 -13.00
N ASP A 256 -30.02 -44.26 -12.36
CA ASP A 256 -30.42 -45.44 -13.12
C ASP A 256 -31.76 -45.23 -13.83
N SER A 257 -32.72 -44.61 -13.15
CA SER A 257 -34.03 -44.40 -13.77
C SER A 257 -33.94 -43.42 -14.94
N LEU A 258 -32.92 -42.57 -14.98
CA LEU A 258 -32.73 -41.69 -16.12
C LEU A 258 -31.96 -42.39 -17.23
N ILE A 259 -31.00 -43.25 -16.87
CA ILE A 259 -30.38 -44.13 -17.86
C ILE A 259 -31.42 -45.06 -18.45
N GLU A 260 -32.28 -45.62 -17.60
CA GLU A 260 -33.35 -46.49 -18.10
C GLU A 260 -34.24 -45.75 -19.07
N HIS A 261 -34.43 -44.44 -18.87
CA HIS A 261 -35.33 -43.67 -19.72
C HIS A 261 -34.67 -43.18 -21.00
N CYS A 262 -33.34 -43.26 -21.11
CA CYS A 262 -32.69 -42.96 -22.38
C CYS A 262 -32.80 -44.12 -23.35
N GLN A 263 -32.85 -45.35 -22.84
CA GLN A 263 -32.99 -46.53 -23.69
C GLN A 263 -34.43 -46.81 -24.08
N GLU A 264 -35.40 -46.26 -23.36
CA GLU A 264 -36.81 -46.52 -23.62
C GLU A 264 -37.40 -45.59 -24.67
N LYS A 265 -36.59 -44.75 -25.30
CA LYS A 265 -37.07 -43.90 -26.40
C LYS A 265 -35.88 -43.42 -27.23
N LEU A 275 -36.05 -34.32 -27.21
CA LEU A 275 -35.48 -34.55 -25.88
C LEU A 275 -34.21 -35.40 -26.00
N SER A 276 -33.06 -34.74 -25.91
CA SER A 276 -31.78 -35.42 -26.06
C SER A 276 -31.43 -36.22 -24.80
N ASP A 277 -30.42 -37.08 -24.93
CA ASP A 277 -29.95 -37.86 -23.79
C ASP A 277 -29.25 -36.99 -22.76
N GLU A 278 -28.60 -35.91 -23.20
CA GLU A 278 -27.93 -35.05 -22.23
C GLU A 278 -28.93 -34.30 -21.36
N LYS A 279 -29.99 -33.77 -21.96
CA LYS A 279 -31.02 -33.08 -21.18
C LYS A 279 -31.74 -34.01 -20.22
N ILE A 280 -31.62 -35.33 -20.42
CA ILE A 280 -32.22 -36.30 -19.50
C ILE A 280 -31.26 -36.67 -18.38
N ILE A 281 -29.98 -36.84 -18.71
CA ILE A 281 -29.02 -37.35 -17.73
C ILE A 281 -28.60 -36.26 -16.76
N ASN A 282 -28.43 -35.02 -17.25
CA ASN A 282 -27.96 -33.93 -16.40
C ASN A 282 -29.06 -33.37 -15.51
N ILE A 283 -30.21 -34.05 -15.38
CA ILE A 283 -31.21 -33.59 -14.41
C ILE A 283 -30.75 -33.87 -12.99
N VAL A 284 -29.93 -34.89 -12.78
CA VAL A 284 -29.43 -35.17 -11.44
C VAL A 284 -28.53 -34.04 -10.95
N LEU A 285 -27.92 -33.29 -11.87
CA LEU A 285 -27.09 -32.16 -11.46
C LEU A 285 -27.96 -31.09 -10.81
N ASP A 286 -29.14 -30.82 -11.37
CA ASP A 286 -30.06 -29.88 -10.74
C ASP A 286 -30.57 -30.42 -9.40
N LEU A 287 -30.88 -31.71 -9.34
CA LEU A 287 -31.37 -32.29 -8.09
C LEU A 287 -30.27 -32.32 -7.04
N PHE A 288 -29.08 -32.82 -7.40
CA PHE A 288 -27.97 -32.86 -6.46
C PHE A 288 -27.60 -31.45 -6.00
N GLY A 289 -27.59 -30.49 -6.93
CA GLY A 289 -27.24 -29.13 -6.60
C GLY A 289 -28.19 -28.49 -5.61
N ALA A 290 -29.45 -28.33 -6.01
CA ALA A 290 -30.45 -27.78 -5.11
C ALA A 290 -30.54 -28.58 -3.82
N GLY A 291 -30.32 -29.89 -3.90
CA GLY A 291 -30.43 -30.75 -2.74
C GLY A 291 -29.55 -30.35 -1.57
N PHE A 292 -28.23 -30.32 -1.77
CA PHE A 292 -27.33 -30.11 -0.65
C PHE A 292 -27.16 -28.63 -0.31
N ASP A 293 -27.34 -27.73 -1.29
CA ASP A 293 -27.10 -26.32 -1.01
C ASP A 293 -28.20 -25.73 -0.13
N THR A 294 -29.46 -25.99 -0.46
CA THR A 294 -30.55 -25.38 0.29
C THR A 294 -30.73 -26.04 1.65
N VAL A 295 -30.68 -27.37 1.71
CA VAL A 295 -30.92 -28.06 2.96
C VAL A 295 -29.78 -27.81 3.94
N THR A 296 -28.55 -27.72 3.44
CA THR A 296 -27.43 -27.40 4.32
C THR A 296 -27.54 -25.98 4.85
N THR A 297 -27.91 -25.03 3.98
CA THR A 297 -28.13 -23.67 4.43
C THR A 297 -29.22 -23.60 5.47
N ALA A 298 -30.32 -24.35 5.27
CA ALA A 298 -31.42 -24.32 6.22
C ALA A 298 -31.01 -24.89 7.57
N ILE A 299 -30.33 -26.04 7.56
CA ILE A 299 -29.89 -26.63 8.82
C ILE A 299 -28.83 -25.77 9.49
N SER A 300 -27.95 -25.16 8.69
CA SER A 300 -26.93 -24.27 9.24
C SER A 300 -27.57 -23.09 9.95
N TRP A 301 -28.55 -22.44 9.32
CA TRP A 301 -29.24 -21.33 9.96
C TRP A 301 -29.95 -21.79 11.23
N SER A 302 -30.57 -22.97 11.20
CA SER A 302 -31.28 -23.47 12.38
C SER A 302 -30.35 -23.55 13.58
N LEU A 303 -29.15 -24.10 13.40
CA LEU A 303 -28.21 -24.21 14.50
C LEU A 303 -27.81 -22.83 15.02
N MET A 304 -27.70 -21.85 14.13
CA MET A 304 -27.38 -20.49 14.58
C MET A 304 -28.47 -19.95 15.51
N TYR A 305 -29.74 -20.20 15.17
CA TYR A 305 -30.83 -19.66 15.97
C TYR A 305 -30.95 -20.38 17.31
N LEU A 306 -30.72 -21.69 17.32
CA LEU A 306 -30.76 -22.44 18.57
C LEU A 306 -29.66 -21.98 19.52
N VAL A 307 -28.52 -21.56 18.98
CA VAL A 307 -27.40 -21.14 19.80
C VAL A 307 -27.58 -19.71 20.30
N MET A 308 -28.14 -18.83 19.47
CA MET A 308 -28.40 -17.46 19.88
C MET A 308 -29.67 -17.32 20.71
N ASN A 309 -30.55 -18.33 20.71
CA ASN A 309 -31.79 -18.32 21.47
C ASN A 309 -31.87 -19.62 22.27
N PRO A 310 -31.08 -19.75 23.33
CA PRO A 310 -31.15 -20.99 24.13
C PRO A 310 -32.51 -21.21 24.76
N ARG A 311 -33.31 -20.15 24.90
CA ARG A 311 -34.67 -20.32 25.40
C ARG A 311 -35.47 -21.26 24.51
N VAL A 312 -35.42 -21.04 23.18
CA VAL A 312 -36.22 -21.86 22.27
C VAL A 312 -35.61 -23.23 22.03
N GLN A 313 -34.30 -23.38 22.23
CA GLN A 313 -33.72 -24.72 22.17
C GLN A 313 -34.17 -25.56 23.35
N ARG A 314 -34.37 -24.93 24.51
CA ARG A 314 -34.87 -25.65 25.67
C ARG A 314 -36.31 -26.08 25.47
N LYS A 315 -37.11 -25.28 24.76
CA LYS A 315 -38.51 -25.62 24.54
C LYS A 315 -38.65 -26.75 23.54
N ILE A 316 -37.83 -26.75 22.48
CA ILE A 316 -37.88 -27.85 21.52
C ILE A 316 -37.55 -29.16 22.22
N GLN A 317 -36.65 -29.12 23.19
CA GLN A 317 -36.25 -30.33 23.89
C GLN A 317 -37.27 -30.75 24.94
N GLU A 318 -37.95 -29.79 25.57
CA GLU A 318 -39.02 -30.15 26.49
C GLU A 318 -40.20 -30.76 25.76
N GLU A 319 -40.42 -30.38 24.50
CA GLU A 319 -41.49 -30.99 23.72
C GLU A 319 -41.11 -32.39 23.27
N LEU A 320 -39.86 -32.58 22.82
CA LEU A 320 -39.41 -33.92 22.45
C LEU A 320 -39.50 -34.88 23.62
N ASP A 321 -39.21 -34.40 24.84
CA ASP A 321 -39.23 -35.28 25.99
C ASP A 321 -40.65 -35.68 26.37
N THR A 322 -41.63 -34.81 26.09
CA THR A 322 -43.02 -35.13 26.38
C THR A 322 -43.61 -36.06 25.33
N VAL A 323 -43.35 -35.78 24.05
CA VAL A 323 -44.01 -36.49 22.97
C VAL A 323 -43.31 -37.78 22.57
N ILE A 324 -42.01 -37.92 22.87
CA ILE A 324 -41.23 -39.07 22.40
C ILE A 324 -40.44 -39.69 23.53
N GLY A 325 -40.03 -38.87 24.50
CA GLY A 325 -39.12 -39.35 25.53
C GLY A 325 -37.71 -39.47 24.98
N ARG A 326 -36.94 -40.39 25.56
CA ARG A 326 -35.58 -40.64 25.12
C ARG A 326 -35.30 -42.11 24.86
N SER A 327 -36.34 -42.95 24.84
CA SER A 327 -36.19 -44.38 24.65
C SER A 327 -36.20 -44.81 23.18
N ARG A 328 -36.48 -43.89 22.26
CA ARG A 328 -36.57 -44.24 20.85
C ARG A 328 -36.24 -43.00 20.02
N ARG A 329 -35.65 -43.24 18.85
CA ARG A 329 -35.32 -42.15 17.96
C ARG A 329 -36.59 -41.54 17.36
N PRO A 330 -36.62 -40.22 17.15
CA PRO A 330 -37.79 -39.64 16.48
C PRO A 330 -37.95 -40.19 15.07
N ARG A 331 -39.21 -40.32 14.65
CA ARG A 331 -39.56 -40.82 13.34
C ARG A 331 -40.38 -39.78 12.59
N LEU A 332 -40.49 -39.97 11.26
CA LEU A 332 -41.28 -39.06 10.46
C LEU A 332 -42.72 -38.98 10.93
N SER A 333 -43.22 -40.07 11.54
CA SER A 333 -44.60 -40.09 12.02
C SER A 333 -44.83 -39.04 13.09
N ASP A 334 -43.78 -38.66 13.82
CA ASP A 334 -43.92 -37.72 14.92
C ASP A 334 -43.98 -36.27 14.46
N ARG A 335 -43.79 -36.00 13.17
CA ARG A 335 -43.66 -34.62 12.71
C ARG A 335 -44.91 -33.81 13.00
N SER A 336 -46.09 -34.43 12.91
CA SER A 336 -47.35 -33.73 13.10
C SER A 336 -47.74 -33.60 14.57
N HIS A 337 -47.05 -34.28 15.47
CA HIS A 337 -47.33 -34.24 16.89
C HIS A 337 -46.36 -33.32 17.64
N LEU A 338 -45.51 -32.59 16.93
CA LEU A 338 -44.50 -31.70 17.51
C LEU A 338 -44.74 -30.30 16.96
N PRO A 339 -45.75 -29.59 17.46
CA PRO A 339 -46.08 -28.28 16.88
C PRO A 339 -45.01 -27.22 17.12
N TYR A 340 -44.23 -27.32 18.20
CA TYR A 340 -43.20 -26.32 18.43
C TYR A 340 -42.02 -26.49 17.48
N MET A 341 -41.59 -27.73 17.25
CA MET A 341 -40.53 -27.97 16.27
C MET A 341 -40.92 -27.40 14.91
N GLU A 342 -42.19 -27.55 14.51
CA GLU A 342 -42.59 -27.01 13.22
C GLU A 342 -42.66 -25.50 13.25
N ALA A 343 -43.04 -24.91 14.39
CA ALA A 343 -43.05 -23.46 14.51
C ALA A 343 -41.63 -22.91 14.47
N PHE A 344 -40.66 -23.65 15.01
CA PHE A 344 -39.27 -23.22 14.93
C PHE A 344 -38.77 -23.27 13.49
N ILE A 345 -39.04 -24.36 12.78
CA ILE A 345 -38.57 -24.49 11.41
C ILE A 345 -39.25 -23.47 10.51
N LEU A 346 -40.52 -23.17 10.77
CA LEU A 346 -41.21 -22.14 10.00
C LEU A 346 -40.59 -20.77 10.26
N GLU A 347 -40.27 -20.47 11.52
CA GLU A 347 -39.68 -19.17 11.83
C GLU A 347 -38.22 -19.08 11.39
N THR A 348 -37.55 -20.22 11.23
CA THR A 348 -36.23 -20.20 10.61
C THR A 348 -36.34 -19.88 9.13
N PHE A 349 -37.35 -20.44 8.45
CA PHE A 349 -37.55 -20.12 7.03
C PHE A 349 -37.99 -18.67 6.86
N ARG A 350 -38.87 -18.17 7.73
CA ARG A 350 -39.40 -16.83 7.57
C ARG A 350 -38.35 -15.78 7.93
N HIS A 351 -37.77 -15.89 9.12
CA HIS A 351 -36.88 -14.84 9.60
C HIS A 351 -35.61 -14.75 8.77
N SER A 352 -35.05 -15.88 8.40
CA SER A 352 -33.84 -15.86 7.56
C SER A 352 -34.18 -15.60 6.10
N SER A 353 -35.24 -16.23 5.60
CA SER A 353 -35.61 -16.15 4.19
C SER A 353 -34.38 -16.40 3.32
N PHE A 354 -33.65 -17.47 3.64
CA PHE A 354 -32.35 -17.67 3.01
C PHE A 354 -32.46 -17.89 1.51
N VAL A 355 -33.66 -17.97 0.95
CA VAL A 355 -33.88 -17.88 -0.48
C VAL A 355 -34.69 -16.61 -0.72
N PRO A 356 -34.05 -15.44 -0.72
CA PRO A 356 -34.83 -14.19 -0.71
C PRO A 356 -35.57 -13.93 -2.01
N PHE A 357 -35.01 -14.36 -3.14
CA PHE A 357 -35.69 -14.30 -4.42
C PHE A 357 -35.82 -15.70 -4.98
N THR A 358 -36.90 -15.94 -5.71
CA THR A 358 -36.96 -17.13 -6.54
C THR A 358 -35.96 -16.99 -7.68
N ILE A 359 -35.72 -18.10 -8.37
CA ILE A 359 -34.94 -17.96 -9.61
C ILE A 359 -35.67 -17.02 -10.54
N PRO A 360 -35.00 -16.09 -11.23
CA PRO A 360 -35.72 -15.12 -12.05
C PRO A 360 -36.66 -15.79 -13.05
N HIS A 361 -37.86 -15.25 -13.16
CA HIS A 361 -38.85 -15.71 -14.12
C HIS A 361 -38.80 -14.83 -15.37
N SER A 362 -39.68 -15.16 -16.32
CA SER A 362 -39.75 -14.43 -17.57
C SER A 362 -41.13 -14.65 -18.17
N THR A 363 -41.69 -13.59 -18.74
CA THR A 363 -43.02 -13.69 -19.35
C THR A 363 -42.91 -14.38 -20.70
N THR A 364 -43.82 -15.33 -20.93
CA THR A 364 -43.88 -16.08 -22.19
C THR A 364 -44.80 -15.43 -23.21
N ARG A 365 -45.46 -14.33 -22.86
CA ARG A 365 -46.38 -13.66 -23.78
C ARG A 365 -46.78 -12.34 -23.14
N ASP A 366 -47.16 -11.38 -23.99
CA ASP A 366 -47.77 -10.14 -23.48
C ASP A 366 -48.90 -10.49 -22.54
N THR A 367 -48.85 -9.96 -21.32
CA THR A 367 -49.78 -10.33 -20.28
C THR A 367 -50.13 -9.11 -19.44
N SER A 368 -51.17 -9.25 -18.62
CA SER A 368 -51.66 -8.20 -17.75
C SER A 368 -51.68 -8.68 -16.31
N LEU A 369 -51.26 -7.83 -15.39
CA LEU A 369 -51.16 -8.17 -13.97
C LEU A 369 -51.55 -6.97 -13.13
N LYS A 370 -52.65 -7.10 -12.38
CA LYS A 370 -53.14 -6.01 -11.52
C LYS A 370 -53.25 -4.71 -12.31
N GLY A 371 -53.66 -4.81 -13.57
CA GLY A 371 -53.87 -3.65 -14.39
C GLY A 371 -52.63 -3.09 -15.06
N PHE A 372 -51.50 -3.79 -15.00
CA PHE A 372 -50.25 -3.35 -15.61
C PHE A 372 -49.91 -4.23 -16.80
N TYR A 373 -49.33 -3.62 -17.83
CA TYR A 373 -48.93 -4.32 -19.04
C TYR A 373 -47.48 -4.76 -18.91
N ILE A 374 -47.23 -6.03 -19.19
CA ILE A 374 -45.87 -6.59 -19.17
C ILE A 374 -45.66 -7.28 -20.50
N PRO A 375 -44.68 -6.83 -21.32
CA PRO A 375 -44.48 -7.45 -22.64
C PRO A 375 -43.80 -8.81 -22.52
N LYS A 376 -43.79 -9.51 -23.65
CA LYS A 376 -43.15 -10.82 -23.70
C LYS A 376 -41.63 -10.67 -23.59
N GLY A 377 -41.01 -11.55 -22.83
CA GLY A 377 -39.58 -11.54 -22.63
C GLY A 377 -39.10 -10.73 -21.43
N ARG A 378 -39.99 -9.95 -20.81
CA ARG A 378 -39.59 -9.12 -19.68
C ARG A 378 -39.08 -9.98 -18.52
N CYS A 379 -37.94 -9.59 -17.97
CA CYS A 379 -37.40 -10.27 -16.79
C CYS A 379 -38.25 -9.95 -15.57
N VAL A 380 -38.50 -10.96 -14.74
CA VAL A 380 -39.39 -10.83 -13.58
C VAL A 380 -38.71 -11.42 -12.36
N PHE A 381 -38.52 -10.60 -11.33
CA PHE A 381 -38.04 -11.04 -10.03
C PHE A 381 -39.23 -11.23 -9.10
N VAL A 382 -39.12 -12.23 -8.21
CA VAL A 382 -40.16 -12.51 -7.22
C VAL A 382 -39.52 -12.38 -5.85
N ASN A 383 -40.00 -11.42 -5.06
CA ASN A 383 -39.35 -11.04 -3.80
C ASN A 383 -40.02 -11.81 -2.68
N GLN A 384 -39.46 -12.97 -2.34
CA GLN A 384 -39.99 -13.76 -1.24
C GLN A 384 -39.67 -13.12 0.11
N TRP A 385 -38.50 -12.46 0.21
CA TRP A 385 -38.12 -11.80 1.45
C TRP A 385 -39.15 -10.75 1.85
N GLN A 386 -39.72 -10.03 0.88
CA GLN A 386 -40.69 -8.99 1.20
C GLN A 386 -41.92 -9.56 1.89
N ILE A 387 -42.40 -10.72 1.42
CA ILE A 387 -43.58 -11.32 2.01
C ILE A 387 -43.31 -11.73 3.45
N ASN A 388 -42.16 -12.34 3.70
CA ASN A 388 -41.84 -12.87 5.02
C ASN A 388 -41.52 -11.79 6.04
N HIS A 389 -41.35 -10.54 5.62
CA HIS A 389 -41.09 -9.44 6.53
C HIS A 389 -42.09 -8.29 6.36
N ASP A 390 -43.12 -8.47 5.55
CA ASP A 390 -44.15 -7.45 5.40
C ASP A 390 -44.70 -7.06 6.75
N GLN A 391 -44.56 -5.78 7.10
CA GLN A 391 -45.05 -5.29 8.38
C GLN A 391 -46.56 -5.47 8.50
N LYS A 392 -47.28 -5.60 7.39
CA LYS A 392 -48.73 -5.76 7.43
C LYS A 392 -49.14 -7.20 7.76
N LEU A 393 -48.31 -8.19 7.44
CA LEU A 393 -48.64 -9.58 7.68
C LEU A 393 -48.08 -10.11 9.01
N TRP A 394 -47.01 -9.50 9.52
CA TRP A 394 -46.32 -10.01 10.69
C TRP A 394 -46.21 -8.91 11.73
N VAL A 395 -46.00 -9.31 12.98
CA VAL A 395 -46.01 -8.38 14.11
C VAL A 395 -44.65 -7.73 14.25
N ASN A 396 -43.66 -8.50 14.71
CA ASN A 396 -42.30 -7.98 14.84
C ASN A 396 -41.43 -8.74 13.85
N PRO A 397 -41.51 -8.42 12.56
CA PRO A 397 -40.82 -9.25 11.55
C PRO A 397 -39.34 -9.38 11.81
N SER A 398 -38.69 -8.34 12.32
CA SER A 398 -37.26 -8.39 12.57
C SER A 398 -36.92 -9.32 13.71
N GLU A 399 -37.89 -9.65 14.56
CA GLU A 399 -37.65 -10.46 15.75
C GLU A 399 -37.87 -11.95 15.44
N PHE A 400 -36.99 -12.79 15.98
CA PHE A 400 -37.12 -14.23 15.84
C PHE A 400 -37.97 -14.76 16.97
N LEU A 401 -39.21 -15.15 16.65
CA LEU A 401 -40.20 -15.53 17.65
C LEU A 401 -41.03 -16.68 17.09
N PRO A 402 -40.63 -17.93 17.36
CA PRO A 402 -41.40 -19.07 16.84
C PRO A 402 -42.84 -19.12 17.31
N GLU A 403 -43.12 -18.63 18.53
CA GLU A 403 -44.47 -18.69 19.07
C GLU A 403 -45.48 -17.92 18.23
N ARG A 404 -45.03 -17.12 17.26
CA ARG A 404 -45.95 -16.39 16.40
C ARG A 404 -46.82 -17.33 15.57
N PHE A 405 -46.42 -18.59 15.41
CA PHE A 405 -47.17 -19.57 14.63
C PHE A 405 -48.04 -20.48 15.49
N LEU A 406 -48.09 -20.27 16.79
CA LEU A 406 -48.85 -21.13 17.69
C LEU A 406 -50.15 -20.44 18.11
N THR A 407 -51.25 -21.15 18.11
CA THR A 407 -52.48 -20.63 18.53
C THR A 407 -52.56 -20.71 20.02
N PRO A 408 -53.65 -20.25 20.62
CA PRO A 408 -53.70 -20.29 22.07
C PRO A 408 -53.67 -21.65 22.69
N ASP A 409 -54.01 -22.69 21.95
CA ASP A 409 -53.95 -24.03 22.46
C ASP A 409 -52.72 -24.77 22.09
N GLY A 410 -51.75 -24.12 21.55
CA GLY A 410 -50.47 -24.73 21.32
C GLY A 410 -50.31 -25.45 20.00
N ALA A 411 -51.24 -25.27 19.06
CA ALA A 411 -51.18 -25.93 17.77
C ALA A 411 -50.76 -24.94 16.68
N ILE A 412 -50.29 -25.49 15.57
CA ILE A 412 -49.81 -24.66 14.48
C ILE A 412 -50.99 -23.95 13.82
N ASP A 413 -50.86 -22.63 13.68
CA ASP A 413 -51.85 -21.81 12.97
C ASP A 413 -51.63 -22.02 11.46
N LYS A 414 -52.45 -22.87 10.85
CA LYS A 414 -52.25 -23.19 9.45
C LYS A 414 -52.51 -22.00 8.54
N VAL A 415 -53.46 -21.12 8.91
CA VAL A 415 -53.72 -19.94 8.09
C VAL A 415 -52.47 -19.09 7.98
N LEU A 416 -51.76 -18.93 9.09
CA LEU A 416 -50.59 -18.06 9.13
C LEU A 416 -49.36 -18.77 8.59
N SER A 417 -49.22 -20.08 8.86
CA SER A 417 -48.04 -20.82 8.45
C SER A 417 -47.91 -20.96 6.95
N GLU A 418 -49.00 -20.86 6.20
CA GLU A 418 -48.94 -20.95 4.74
C GLU A 418 -48.68 -19.59 4.09
N LYS A 419 -48.42 -18.55 4.89
CA LYS A 419 -47.94 -17.28 4.38
C LYS A 419 -46.42 -17.18 4.37
N VAL A 420 -45.72 -18.20 4.88
CA VAL A 420 -44.27 -18.27 4.84
C VAL A 420 -43.90 -18.80 3.46
N ILE A 421 -43.55 -17.91 2.54
CA ILE A 421 -43.24 -18.26 1.16
C ILE A 421 -41.72 -18.35 1.03
N ILE A 422 -41.22 -19.55 0.74
CA ILE A 422 -39.79 -19.73 0.53
C ILE A 422 -39.51 -20.82 -0.50
N PHE A 423 -40.51 -21.64 -0.80
CA PHE A 423 -40.38 -22.70 -1.79
C PHE A 423 -40.95 -22.31 -3.16
N GLY A 424 -41.30 -21.05 -3.35
CA GLY A 424 -41.86 -20.61 -4.61
C GLY A 424 -43.33 -20.96 -4.74
N MET A 425 -43.84 -20.72 -5.94
CA MET A 425 -45.25 -20.95 -6.25
C MET A 425 -45.40 -21.28 -7.72
N GLY A 426 -46.53 -21.91 -8.05
CA GLY A 426 -46.95 -22.01 -9.42
C GLY A 426 -46.30 -23.15 -10.19
N LYS A 427 -46.21 -22.96 -11.51
CA LYS A 427 -45.70 -23.99 -12.41
C LYS A 427 -44.21 -24.25 -12.20
N ARG A 428 -43.47 -23.29 -11.65
CA ARG A 428 -42.04 -23.45 -11.44
C ARG A 428 -41.70 -23.66 -9.97
N LYS A 429 -42.68 -23.98 -9.15
CA LYS A 429 -42.48 -24.22 -7.72
C LYS A 429 -41.40 -25.27 -7.48
N CYS A 430 -40.80 -25.25 -6.29
CA CYS A 430 -39.82 -26.25 -5.90
C CYS A 430 -40.41 -27.65 -5.97
N ILE A 431 -39.67 -28.57 -6.58
CA ILE A 431 -40.11 -29.97 -6.69
C ILE A 431 -39.59 -30.84 -5.56
N GLY A 432 -38.64 -30.36 -4.77
CA GLY A 432 -38.14 -31.10 -3.63
C GLY A 432 -38.58 -30.51 -2.31
N GLU A 433 -39.68 -29.73 -2.35
CA GLU A 433 -40.17 -29.09 -1.15
C GLU A 433 -40.48 -30.11 -0.06
N THR A 434 -41.29 -31.12 -0.39
CA THR A 434 -41.68 -32.11 0.60
C THR A 434 -40.48 -32.85 1.16
N ILE A 435 -39.47 -33.10 0.34
CA ILE A 435 -38.28 -33.81 0.81
C ILE A 435 -37.49 -32.93 1.78
N ALA A 436 -37.38 -31.64 1.47
CA ALA A 436 -36.62 -30.74 2.35
C ALA A 436 -37.27 -30.61 3.72
N ARG A 437 -38.59 -30.52 3.76
CA ARG A 437 -39.27 -30.38 5.04
C ARG A 437 -39.07 -31.60 5.93
N TRP A 438 -38.98 -32.79 5.35
CA TRP A 438 -38.75 -34.00 6.15
C TRP A 438 -37.29 -34.15 6.52
N GLU A 439 -36.39 -33.82 5.60
CA GLU A 439 -34.96 -33.91 5.89
C GLU A 439 -34.57 -32.95 7.00
N VAL A 440 -35.07 -31.71 6.94
CA VAL A 440 -34.75 -30.73 7.97
C VAL A 440 -35.32 -31.16 9.31
N PHE A 441 -36.55 -31.65 9.33
CA PHE A 441 -37.17 -32.05 10.58
C PHE A 441 -36.40 -33.18 11.26
N LEU A 442 -36.01 -34.20 10.48
CA LEU A 442 -35.40 -35.38 11.06
C LEU A 442 -34.03 -35.05 11.66
N PHE A 443 -33.18 -34.37 10.88
CA PHE A 443 -31.86 -34.00 11.38
C PHE A 443 -31.98 -33.26 12.71
N LEU A 444 -32.86 -32.26 12.77
CA LEU A 444 -33.02 -31.49 14.00
C LEU A 444 -33.61 -32.34 15.12
N ALA A 445 -34.63 -33.14 14.80
CA ALA A 445 -35.28 -33.95 15.83
C ALA A 445 -34.34 -34.97 16.43
N ILE A 446 -33.59 -35.69 15.58
CA ILE A 446 -32.71 -36.73 16.07
C ILE A 446 -31.58 -36.14 16.90
N LEU A 447 -31.03 -35.00 16.46
CA LEU A 447 -29.90 -34.40 17.15
C LEU A 447 -30.32 -33.79 18.48
N LEU A 448 -31.30 -32.88 18.44
CA LEU A 448 -31.68 -32.15 19.64
C LEU A 448 -32.23 -33.06 20.73
N GLN A 449 -32.63 -34.29 20.38
CA GLN A 449 -33.00 -35.26 21.40
C GLN A 449 -31.78 -35.76 22.17
N ARG A 450 -30.64 -35.87 21.49
CA ARG A 450 -29.43 -36.46 22.06
C ARG A 450 -28.45 -35.43 22.60
N VAL A 451 -28.27 -34.31 21.90
CA VAL A 451 -27.21 -33.36 22.19
C VAL A 451 -27.81 -31.97 22.35
N GLU A 452 -27.00 -31.06 22.92
CA GLU A 452 -27.37 -29.67 23.12
C GLU A 452 -26.26 -28.79 22.60
N PHE A 453 -26.59 -27.91 21.66
CA PHE A 453 -25.60 -27.02 21.05
C PHE A 453 -25.55 -25.69 21.78
N SER A 454 -24.37 -25.08 21.76
CA SER A 454 -24.14 -23.83 22.48
C SER A 454 -22.94 -23.12 21.86
N VAL A 455 -22.77 -21.87 22.28
CA VAL A 455 -21.60 -21.07 21.90
C VAL A 455 -21.18 -20.27 23.13
N PRO A 456 -19.90 -20.26 23.49
CA PRO A 456 -19.50 -19.56 24.72
C PRO A 456 -19.63 -18.06 24.60
N LEU A 457 -19.72 -17.41 25.75
CA LEU A 457 -19.77 -15.95 25.79
C LEU A 457 -18.45 -15.36 25.32
N GLY A 458 -18.53 -14.14 24.79
CA GLY A 458 -17.33 -13.41 24.40
C GLY A 458 -16.79 -13.76 23.04
N VAL A 459 -17.55 -14.47 22.20
CA VAL A 459 -17.16 -14.77 20.84
C VAL A 459 -18.19 -14.14 19.91
N LYS A 460 -17.72 -13.57 18.81
CA LYS A 460 -18.61 -12.96 17.83
C LYS A 460 -19.35 -14.04 17.04
N VAL A 461 -20.63 -13.80 16.82
CA VAL A 461 -21.48 -14.67 16.01
C VAL A 461 -22.25 -13.75 15.08
N ASP A 462 -21.77 -13.61 13.84
CA ASP A 462 -22.35 -12.69 12.88
C ASP A 462 -23.58 -13.35 12.27
N MET A 463 -24.77 -12.91 12.71
CA MET A 463 -26.03 -13.41 12.19
C MET A 463 -26.47 -12.70 10.92
N THR A 464 -25.61 -11.89 10.32
CA THR A 464 -26.02 -11.10 9.17
C THR A 464 -26.03 -11.97 7.92
N PRO A 465 -27.13 -12.02 7.16
CA PRO A 465 -27.13 -12.81 5.93
C PRO A 465 -26.23 -12.19 4.87
N ILE A 466 -25.63 -13.06 4.06
CA ILE A 466 -24.79 -12.67 2.93
C ILE A 466 -25.57 -12.97 1.67
N TYR A 467 -25.85 -11.94 0.87
CA TYR A 467 -26.77 -12.11 -0.24
C TYR A 467 -26.28 -13.17 -1.22
N GLY A 468 -27.24 -13.78 -1.90
CA GLY A 468 -27.00 -14.85 -2.83
C GLY A 468 -28.28 -15.63 -3.05
N LEU A 469 -28.28 -16.46 -4.10
CA LEU A 469 -29.44 -17.30 -4.36
C LEU A 469 -29.86 -18.02 -3.08
N THR A 470 -28.89 -18.57 -2.35
CA THR A 470 -29.08 -19.01 -0.97
C THR A 470 -28.19 -18.15 -0.09
N MET A 471 -28.79 -17.47 0.88
CA MET A 471 -28.06 -16.57 1.77
C MET A 471 -27.42 -17.36 2.89
N LYS A 472 -26.10 -17.35 2.95
CA LYS A 472 -25.34 -18.00 4.01
C LYS A 472 -24.93 -16.96 5.05
N HIS A 473 -24.17 -17.41 6.05
CA HIS A 473 -23.72 -16.54 7.12
C HIS A 473 -22.21 -16.68 7.29
N ALA A 474 -21.63 -15.72 8.02
CA ALA A 474 -20.22 -15.76 8.34
C ALA A 474 -19.87 -17.05 9.09
N CYS A 475 -18.76 -17.68 8.70
CA CYS A 475 -18.36 -18.93 9.32
C CYS A 475 -18.07 -18.74 10.80
N CYS A 476 -18.72 -19.53 11.63
CA CYS A 476 -18.51 -19.53 13.07
C CYS A 476 -17.81 -20.83 13.46
N GLU A 477 -16.68 -20.71 14.15
CA GLU A 477 -15.84 -21.86 14.48
C GLU A 477 -15.80 -22.15 15.98
N HIS A 478 -16.83 -21.73 16.72
CA HIS A 478 -16.82 -21.82 18.18
C HIS A 478 -18.03 -22.59 18.72
N PHE A 479 -18.72 -23.35 17.89
CA PHE A 479 -19.85 -24.15 18.35
C PHE A 479 -19.36 -25.24 19.30
N GLN A 480 -20.21 -25.57 20.27
CA GLN A 480 -19.95 -26.65 21.20
C GLN A 480 -21.19 -27.53 21.32
N MET A 481 -20.97 -28.74 21.83
CA MET A 481 -22.02 -29.76 21.87
C MET A 481 -21.80 -30.65 23.08
N GLN A 482 -22.89 -30.94 23.79
CA GLN A 482 -22.86 -31.82 24.94
C GLN A 482 -24.02 -32.78 24.88
N LEU A 483 -23.83 -33.98 25.44
CA LEU A 483 -24.92 -34.92 25.55
C LEU A 483 -25.88 -34.46 26.64
N ARG A 484 -27.08 -35.02 26.63
CA ARG A 484 -28.08 -34.69 27.62
C ARG A 484 -28.22 -35.82 28.64
N SER A 485 -28.75 -35.46 29.81
CA SER A 485 -28.94 -36.43 30.89
C SER A 485 -29.80 -37.60 30.44
N LEU B 10 -29.69 6.85 -49.23
CA LEU B 10 -28.48 7.15 -48.47
C LEU B 10 -28.22 6.04 -47.43
N LYS B 11 -27.10 6.15 -46.71
CA LYS B 11 -26.68 5.13 -45.78
C LYS B 11 -26.12 5.77 -44.51
N ASN B 12 -26.07 4.96 -43.44
CA ASN B 12 -25.48 5.42 -42.18
C ASN B 12 -23.97 5.22 -42.19
N PRO B 13 -23.22 6.14 -41.58
CA PRO B 13 -21.75 6.02 -41.58
C PRO B 13 -21.29 4.75 -40.89
N PRO B 14 -20.28 4.06 -41.42
CA PRO B 14 -19.82 2.82 -40.81
C PRO B 14 -19.02 3.09 -39.54
N GLY B 15 -18.73 1.99 -38.82
CA GLY B 15 -17.97 2.09 -37.60
C GLY B 15 -17.79 0.75 -36.92
N PRO B 16 -16.80 0.66 -36.04
CA PRO B 16 -16.49 -0.60 -35.38
C PRO B 16 -17.52 -0.95 -34.31
N TRP B 17 -17.36 -2.15 -33.76
CA TRP B 17 -18.23 -2.61 -32.69
C TRP B 17 -17.93 -1.85 -31.40
N GLY B 18 -19.00 -1.48 -30.70
CA GLY B 18 -18.86 -0.80 -29.44
C GLY B 18 -19.72 -1.48 -28.39
N TRP B 19 -19.31 -1.33 -27.14
CA TRP B 19 -20.08 -1.91 -26.05
C TRP B 19 -21.49 -1.31 -26.06
N PRO B 20 -22.51 -2.09 -25.68
CA PRO B 20 -23.88 -1.58 -25.75
C PRO B 20 -24.16 -0.43 -24.80
N LEU B 21 -23.41 -0.32 -23.70
CA LEU B 21 -23.64 0.73 -22.71
C LEU B 21 -22.69 1.91 -22.84
N ILE B 22 -21.38 1.66 -22.89
CA ILE B 22 -20.39 2.74 -22.92
C ILE B 22 -19.89 3.04 -24.33
N GLY B 23 -20.20 2.20 -25.31
CA GLY B 23 -19.70 2.43 -26.66
C GLY B 23 -18.19 2.27 -26.74
N HIS B 24 -17.56 3.14 -27.51
CA HIS B 24 -16.12 3.06 -27.78
C HIS B 24 -15.30 3.95 -26.85
N MET B 25 -15.84 4.31 -25.68
CA MET B 25 -15.13 5.20 -24.78
C MET B 25 -13.78 4.62 -24.35
N LEU B 26 -13.67 3.29 -24.32
CA LEU B 26 -12.40 2.66 -23.95
C LEU B 26 -11.46 2.56 -25.15
N THR B 27 -12.00 2.41 -26.36
CA THR B 27 -11.14 2.37 -27.54
C THR B 27 -10.38 3.68 -27.70
N LEU B 28 -11.07 4.81 -27.51
CA LEU B 28 -10.40 6.10 -27.53
C LEU B 28 -9.25 6.10 -26.54
N GLY B 29 -9.54 5.81 -25.27
CA GLY B 29 -8.51 5.76 -24.27
C GLY B 29 -7.97 7.14 -23.95
N LYS B 30 -6.67 7.17 -23.63
CA LYS B 30 -6.01 8.41 -23.25
C LYS B 30 -5.41 9.15 -24.45
N ASN B 31 -5.49 8.56 -25.65
CA ASN B 31 -5.03 9.21 -26.87
C ASN B 31 -6.07 8.98 -27.96
N PRO B 32 -7.22 9.68 -27.87
CA PRO B 32 -8.28 9.46 -28.86
C PRO B 32 -7.86 9.76 -30.29
N HIS B 33 -6.90 10.67 -30.49
CA HIS B 33 -6.48 11.00 -31.84
C HIS B 33 -5.77 9.82 -32.52
N LEU B 34 -5.03 9.02 -31.75
CA LEU B 34 -4.39 7.85 -32.33
C LEU B 34 -5.39 6.74 -32.61
N ALA B 35 -6.34 6.53 -31.69
CA ALA B 35 -7.34 5.47 -31.88
C ALA B 35 -8.20 5.76 -33.10
N LEU B 36 -8.66 7.01 -33.24
CA LEU B 36 -9.52 7.38 -34.36
C LEU B 36 -8.75 7.54 -35.67
N SER B 37 -7.42 7.64 -35.62
CA SER B 37 -6.63 7.65 -36.84
C SER B 37 -6.44 6.22 -37.36
N ARG B 38 -6.13 5.28 -36.46
CA ARG B 38 -6.11 3.88 -36.85
C ARG B 38 -7.49 3.40 -37.27
N MET B 39 -8.54 3.95 -36.66
CA MET B 39 -9.90 3.53 -36.98
C MET B 39 -10.29 3.96 -38.39
N SER B 40 -9.86 5.16 -38.79
CA SER B 40 -10.13 5.64 -40.15
C SER B 40 -9.41 4.82 -41.21
N GLN B 41 -8.33 4.11 -40.84
CA GLN B 41 -7.62 3.29 -41.80
C GLN B 41 -8.51 2.21 -42.40
N GLN B 42 -9.55 1.81 -41.67
CA GLN B 42 -10.45 0.75 -42.10
C GLN B 42 -11.83 1.26 -42.52
N TYR B 43 -12.37 2.24 -41.81
CA TYR B 43 -13.74 2.68 -42.02
C TYR B 43 -13.86 3.98 -42.80
N GLY B 44 -12.76 4.68 -43.06
CA GLY B 44 -12.77 5.78 -44.00
C GLY B 44 -12.85 7.13 -43.33
N ASP B 45 -13.02 8.15 -44.19
CA ASP B 45 -13.01 9.54 -43.77
C ASP B 45 -14.29 9.95 -43.04
N VAL B 46 -15.35 9.15 -43.11
CA VAL B 46 -16.60 9.41 -42.41
C VAL B 46 -16.98 8.13 -41.67
N LEU B 47 -16.84 8.13 -40.34
CA LEU B 47 -17.18 6.99 -39.52
C LEU B 47 -17.95 7.46 -38.29
N GLN B 48 -18.54 6.49 -37.58
CA GLN B 48 -19.46 6.76 -36.49
C GLN B 48 -19.07 5.91 -35.28
N ILE B 49 -19.03 6.55 -34.11
CA ILE B 49 -18.78 5.88 -32.85
C ILE B 49 -19.87 6.25 -31.87
N ARG B 50 -19.72 5.78 -30.62
CA ARG B 50 -20.65 6.10 -29.55
C ARG B 50 -19.84 6.27 -28.26
N ILE B 51 -20.08 7.38 -27.57
CA ILE B 51 -19.54 7.61 -26.23
C ILE B 51 -20.73 7.54 -25.29
N GLY B 52 -20.75 6.51 -24.44
CA GLY B 52 -21.95 6.20 -23.69
C GLY B 52 -23.04 5.73 -24.64
N SER B 53 -24.10 6.52 -24.76
CA SER B 53 -25.15 6.26 -25.74
C SER B 53 -25.22 7.34 -26.81
N THR B 54 -24.35 8.35 -26.75
CA THR B 54 -24.42 9.49 -27.66
C THR B 54 -23.67 9.16 -28.94
N PRO B 55 -24.31 9.19 -30.11
CA PRO B 55 -23.57 8.99 -31.36
C PRO B 55 -22.68 10.18 -31.68
N VAL B 56 -21.56 9.89 -32.33
CA VAL B 56 -20.60 10.90 -32.75
C VAL B 56 -20.04 10.51 -34.11
N VAL B 57 -19.97 11.47 -35.03
CA VAL B 57 -19.36 11.27 -36.34
C VAL B 57 -17.97 11.88 -36.31
N VAL B 58 -17.00 11.15 -36.86
CA VAL B 58 -15.60 11.57 -36.88
C VAL B 58 -15.17 11.72 -38.32
N LEU B 59 -14.72 12.92 -38.68
CA LEU B 59 -14.30 13.24 -40.03
C LEU B 59 -12.79 13.22 -40.16
N SER B 60 -12.30 12.61 -41.23
CA SER B 60 -10.87 12.51 -41.50
C SER B 60 -10.66 12.82 -42.98
N GLY B 61 -9.42 12.67 -43.43
CA GLY B 61 -9.12 12.89 -44.83
C GLY B 61 -9.17 14.34 -45.23
N LEU B 62 -8.19 14.77 -46.03
CA LEU B 62 -8.08 16.18 -46.38
C LEU B 62 -9.25 16.63 -47.24
N ASP B 63 -9.61 15.85 -48.26
CA ASP B 63 -10.67 16.25 -49.17
C ASP B 63 -12.04 16.21 -48.49
N THR B 64 -12.26 15.23 -47.62
CA THR B 64 -13.56 15.09 -46.99
C THR B 64 -13.85 16.20 -45.98
N ILE B 65 -12.83 16.69 -45.29
CA ILE B 65 -13.05 17.75 -44.32
C ILE B 65 -13.27 19.09 -45.04
N ARG B 66 -12.59 19.31 -46.17
CA ARG B 66 -12.88 20.50 -46.96
C ARG B 66 -14.30 20.44 -47.53
N GLN B 67 -14.77 19.24 -47.88
CA GLN B 67 -16.14 19.11 -48.40
C GLN B 67 -17.16 19.47 -47.33
N ALA B 68 -16.90 19.13 -46.07
CA ALA B 68 -17.89 19.28 -45.03
C ALA B 68 -17.87 20.67 -44.38
N LEU B 69 -16.69 21.17 -44.05
CA LEU B 69 -16.58 22.44 -43.33
C LEU B 69 -16.60 23.66 -44.25
N VAL B 70 -16.18 23.50 -45.50
CA VAL B 70 -16.11 24.62 -46.43
C VAL B 70 -17.30 24.59 -47.39
N ARG B 71 -17.33 23.60 -48.28
CA ARG B 71 -18.37 23.56 -49.31
C ARG B 71 -19.76 23.38 -48.70
N GLN B 72 -19.85 22.66 -47.58
CA GLN B 72 -21.10 22.51 -46.83
C GLN B 72 -20.99 23.16 -45.46
N GLY B 73 -20.20 24.23 -45.35
CA GLY B 73 -19.89 24.80 -44.05
C GLY B 73 -21.12 25.19 -43.25
N ASP B 74 -22.18 25.63 -43.93
CA ASP B 74 -23.39 26.04 -43.21
C ASP B 74 -24.09 24.86 -42.57
N ASP B 75 -23.80 23.63 -43.01
CA ASP B 75 -24.37 22.45 -42.38
C ASP B 75 -23.62 22.04 -41.12
N PHE B 76 -22.37 22.50 -40.95
CA PHE B 76 -21.52 22.05 -39.86
C PHE B 76 -21.02 23.17 -38.95
N LYS B 77 -21.60 24.36 -39.03
CA LYS B 77 -21.05 25.51 -38.32
C LYS B 77 -21.51 25.60 -36.87
N GLY B 78 -22.19 24.59 -36.35
CA GLY B 78 -22.71 24.63 -35.00
C GLY B 78 -21.80 23.94 -34.00
N ARG B 79 -22.06 24.22 -32.71
CA ARG B 79 -21.39 23.56 -31.61
C ARG B 79 -22.36 22.60 -30.92
N PRO B 80 -21.90 21.44 -30.47
CA PRO B 80 -22.78 20.56 -29.70
C PRO B 80 -23.10 21.17 -28.35
N ASP B 81 -24.18 20.68 -27.75
CA ASP B 81 -24.64 21.20 -26.47
C ASP B 81 -24.10 20.29 -25.36
N LEU B 82 -22.79 20.37 -25.18
CA LEU B 82 -22.11 19.57 -24.18
C LEU B 82 -22.15 20.26 -22.82
N TYR B 83 -22.06 19.45 -21.76
CA TYR B 83 -22.12 20.01 -20.42
C TYR B 83 -20.91 20.90 -20.13
N THR B 84 -19.71 20.42 -20.44
CA THR B 84 -18.51 21.19 -20.13
C THR B 84 -18.51 22.55 -20.82
N PHE B 85 -19.14 22.65 -22.00
CA PHE B 85 -19.16 23.93 -22.70
C PHE B 85 -20.01 24.96 -21.98
N THR B 86 -21.10 24.52 -21.31
CA THR B 86 -21.98 25.45 -20.63
C THR B 86 -21.33 26.06 -19.40
N LEU B 87 -20.17 25.57 -18.97
CA LEU B 87 -19.43 26.15 -17.86
C LEU B 87 -18.44 27.22 -18.32
N ILE B 88 -18.39 27.51 -19.62
CA ILE B 88 -17.42 28.44 -20.19
C ILE B 88 -18.09 29.79 -20.39
N SER B 89 -17.46 30.84 -19.85
CA SER B 89 -17.93 32.22 -19.99
C SER B 89 -19.41 32.33 -19.60
N ASN B 90 -19.75 31.76 -18.46
CA ASN B 90 -21.11 31.84 -17.91
C ASN B 90 -22.13 31.25 -18.88
N GLY B 91 -21.70 30.31 -19.71
CA GLY B 91 -22.59 29.67 -20.66
C GLY B 91 -22.94 30.50 -21.87
N GLN B 92 -22.25 31.61 -22.09
CA GLN B 92 -22.53 32.52 -23.18
C GLN B 92 -21.28 32.75 -24.03
N SER B 93 -20.40 31.76 -24.07
CA SER B 93 -19.17 31.88 -24.85
C SER B 93 -19.48 31.91 -26.34
N MET B 94 -18.77 32.77 -27.06
CA MET B 94 -18.91 32.83 -28.51
C MET B 94 -18.49 31.51 -29.15
N SER B 95 -17.35 30.96 -28.73
CA SER B 95 -16.76 29.82 -29.42
C SER B 95 -17.38 28.50 -29.00
N PHE B 96 -17.93 28.39 -27.80
CA PHE B 96 -18.36 27.11 -27.26
C PHE B 96 -19.87 26.99 -27.06
N SER B 97 -20.62 28.09 -27.11
CA SER B 97 -22.05 27.99 -26.94
C SER B 97 -22.69 27.38 -28.18
N PRO B 98 -23.84 26.70 -28.02
CA PRO B 98 -24.52 26.12 -29.19
C PRO B 98 -25.08 27.17 -30.15
N ASP B 99 -25.17 28.43 -29.73
CA ASP B 99 -25.58 29.51 -30.63
C ASP B 99 -24.67 29.56 -31.85
N SER B 100 -25.27 29.42 -33.04
CA SER B 100 -24.51 29.53 -34.28
C SER B 100 -25.27 30.34 -35.32
N GLY B 101 -26.32 31.08 -34.93
CA GLY B 101 -27.09 31.87 -35.85
C GLY B 101 -26.46 33.23 -36.14
N PRO B 102 -27.30 34.22 -36.46
CA PRO B 102 -26.75 35.56 -36.72
C PRO B 102 -26.25 36.28 -35.48
N VAL B 103 -26.63 35.85 -34.28
CA VAL B 103 -26.06 36.44 -33.08
C VAL B 103 -24.58 36.08 -32.97
N TRP B 104 -24.26 34.80 -33.17
CA TRP B 104 -22.86 34.38 -33.15
C TRP B 104 -22.07 35.04 -34.28
N ALA B 105 -22.63 35.03 -35.50
CA ALA B 105 -21.93 35.59 -36.64
C ALA B 105 -21.58 37.06 -36.40
N ALA B 106 -22.41 37.77 -35.66
CA ALA B 106 -22.14 39.18 -35.38
C ALA B 106 -21.00 39.33 -34.39
N ARG B 107 -20.96 38.47 -33.37
CA ARG B 107 -19.87 38.52 -32.40
C ARG B 107 -18.54 38.13 -33.04
N ARG B 108 -18.56 37.15 -33.95
CA ARG B 108 -17.33 36.77 -34.65
C ARG B 108 -16.79 37.94 -35.47
N ARG B 109 -17.68 38.68 -36.12
CA ARG B 109 -17.25 39.84 -36.90
C ARG B 109 -16.66 40.92 -36.00
N LEU B 110 -17.20 41.07 -34.78
CA LEU B 110 -16.61 42.00 -33.82
C LEU B 110 -15.21 41.55 -33.41
N ALA B 111 -15.03 40.25 -33.18
CA ALA B 111 -13.73 39.73 -32.78
C ALA B 111 -12.73 39.83 -33.92
N GLN B 112 -13.14 39.42 -35.13
CA GLN B 112 -12.25 39.51 -36.29
C GLN B 112 -11.76 40.93 -36.50
N ASN B 113 -12.68 41.91 -36.40
CA ASN B 113 -12.30 43.29 -36.64
C ASN B 113 -11.46 43.84 -35.50
N GLY B 114 -11.78 43.47 -34.27
CA GLY B 114 -10.98 43.92 -33.14
C GLY B 114 -9.54 43.46 -33.22
N LEU B 115 -9.32 42.24 -33.72
CA LEU B 115 -7.97 41.73 -33.86
C LEU B 115 -7.18 42.50 -34.91
N LYS B 116 -7.76 42.65 -36.10
CA LYS B 116 -7.04 43.35 -37.17
C LYS B 116 -6.67 44.77 -36.76
N SER B 117 -7.47 45.40 -35.90
CA SER B 117 -7.23 46.79 -35.56
C SER B 117 -6.01 46.96 -34.66
N PHE B 118 -5.74 45.99 -33.79
CA PHE B 118 -4.69 46.11 -32.78
C PHE B 118 -3.61 45.05 -32.94
N SER B 119 -3.44 44.52 -34.15
CA SER B 119 -2.41 43.54 -34.42
C SER B 119 -1.75 43.82 -35.78
N ILE B 120 -2.54 43.77 -36.85
CA ILE B 120 -2.01 43.99 -38.19
C ILE B 120 -1.99 45.45 -38.59
N ALA B 121 -2.80 46.29 -37.94
CA ALA B 121 -2.85 47.70 -38.28
C ALA B 121 -1.59 48.41 -37.84
N SER B 122 -1.34 49.58 -38.43
CA SER B 122 -0.14 50.34 -38.12
C SER B 122 -0.23 50.91 -36.70
N ASP B 123 0.88 50.84 -35.98
CA ASP B 123 0.95 51.41 -34.65
C ASP B 123 1.21 52.91 -34.75
N PRO B 124 0.38 53.76 -34.15
CA PRO B 124 0.66 55.20 -34.21
C PRO B 124 2.02 55.57 -33.66
N ALA B 125 2.59 54.76 -32.75
CA ALA B 125 3.88 55.10 -32.16
C ALA B 125 5.01 55.00 -33.17
N SER B 126 5.02 53.94 -33.98
CA SER B 126 6.08 53.70 -34.96
C SER B 126 5.48 53.48 -36.33
N SER B 127 5.87 54.32 -37.30
CA SER B 127 5.35 54.17 -38.66
C SER B 127 5.81 52.87 -39.30
N THR B 128 7.02 52.41 -38.96
CA THR B 128 7.60 51.26 -39.64
C THR B 128 6.81 49.99 -39.36
N SER B 129 6.58 49.69 -38.08
CA SER B 129 6.00 48.43 -37.65
C SER B 129 4.52 48.57 -37.33
N CYS B 130 3.87 47.42 -37.15
CA CYS B 130 2.47 47.35 -36.75
C CYS B 130 2.38 47.06 -35.25
N TYR B 131 1.15 47.02 -34.73
CA TYR B 131 0.96 46.77 -33.31
C TYR B 131 1.63 45.46 -32.89
N LEU B 132 1.40 44.39 -33.64
CA LEU B 132 1.91 43.09 -33.24
C LEU B 132 3.44 43.04 -33.26
N GLU B 133 4.05 43.58 -34.32
CA GLU B 133 5.51 43.55 -34.41
C GLU B 133 6.15 44.37 -33.30
N GLU B 134 5.54 45.49 -32.94
CA GLU B 134 6.06 46.29 -31.83
C GLU B 134 5.97 45.53 -30.51
N HIS B 135 4.85 44.85 -30.28
CA HIS B 135 4.68 44.12 -29.02
C HIS B 135 5.62 42.93 -28.94
N VAL B 136 5.73 42.16 -30.02
CA VAL B 136 6.55 40.96 -30.00
C VAL B 136 8.03 41.32 -29.86
N SER B 137 8.48 42.36 -30.55
CA SER B 137 9.88 42.76 -30.45
C SER B 137 10.24 43.14 -29.02
N LYS B 138 9.35 43.87 -28.34
CA LYS B 138 9.60 44.23 -26.95
C LYS B 138 9.72 42.99 -26.07
N GLU B 139 8.79 42.05 -26.22
CA GLU B 139 8.76 40.90 -25.32
C GLU B 139 9.90 39.93 -25.61
N ALA B 140 10.34 39.85 -26.86
CA ALA B 140 11.47 38.97 -27.17
C ALA B 140 12.76 39.49 -26.53
N GLU B 141 12.90 40.80 -26.39
CA GLU B 141 14.05 41.35 -25.70
C GLU B 141 13.99 41.05 -24.21
N VAL B 142 12.82 41.26 -23.59
CA VAL B 142 12.65 40.94 -22.19
C VAL B 142 12.91 39.45 -21.95
N LEU B 143 12.48 38.61 -22.89
CA LEU B 143 12.68 37.17 -22.73
C LEU B 143 14.17 36.82 -22.75
N ILE B 144 14.92 37.40 -23.70
CA ILE B 144 16.34 37.12 -23.77
C ILE B 144 17.04 37.59 -22.51
N SER B 145 16.62 38.74 -21.97
CA SER B 145 17.22 39.23 -20.73
C SER B 145 16.88 38.34 -19.55
N THR B 146 15.63 37.86 -19.48
CA THR B 146 15.25 36.97 -18.39
C THR B 146 16.02 35.66 -18.45
N LEU B 147 16.28 35.15 -19.65
CA LEU B 147 17.00 33.90 -19.76
C LEU B 147 18.49 34.10 -19.47
N GLN B 148 19.04 35.27 -19.77
CA GLN B 148 20.43 35.54 -19.42
C GLN B 148 20.63 35.52 -17.92
N GLU B 149 19.67 36.06 -17.16
CA GLU B 149 19.78 36.04 -15.70
C GLU B 149 19.67 34.62 -15.17
N LEU B 150 18.84 33.78 -15.81
CA LEU B 150 18.72 32.41 -15.37
C LEU B 150 20.00 31.63 -15.62
N MET B 151 20.74 31.97 -16.69
CA MET B 151 22.03 31.35 -16.92
C MET B 151 23.11 31.91 -15.99
N ALA B 152 22.84 33.06 -15.35
CA ALA B 152 23.78 33.61 -14.38
C ALA B 152 23.77 32.84 -13.06
N GLY B 153 22.61 32.32 -12.66
CA GLY B 153 22.51 31.58 -11.42
C GLY B 153 22.30 30.09 -11.64
N PRO B 154 21.04 29.65 -11.73
CA PRO B 154 20.79 28.21 -11.84
C PRO B 154 21.55 27.51 -12.96
N GLY B 155 21.86 28.22 -14.05
CA GLY B 155 22.51 27.60 -15.19
C GLY B 155 21.59 26.81 -16.09
N HIS B 156 20.30 26.72 -15.74
CA HIS B 156 19.32 26.02 -16.56
C HIS B 156 17.95 26.56 -16.18
N PHE B 157 16.93 26.15 -16.93
CA PHE B 157 15.61 26.71 -16.72
C PHE B 157 14.57 25.84 -17.42
N ASN B 158 13.30 26.07 -17.06
CA ASN B 158 12.18 25.50 -17.79
C ASN B 158 11.65 26.56 -18.74
N PRO B 159 11.68 26.34 -20.05
CA PRO B 159 11.28 27.42 -20.97
C PRO B 159 9.82 27.83 -20.83
N TYR B 160 8.93 26.88 -20.57
CA TYR B 160 7.50 27.18 -20.57
C TYR B 160 7.15 28.27 -19.56
N ARG B 161 7.82 28.29 -18.40
CA ARG B 161 7.45 29.26 -17.37
C ARG B 161 7.62 30.69 -17.85
N TYR B 162 8.63 30.95 -18.67
CA TYR B 162 8.97 32.31 -19.09
C TYR B 162 8.45 32.66 -20.47
N VAL B 163 8.25 31.66 -21.34
CA VAL B 163 7.61 31.92 -22.63
C VAL B 163 6.15 32.32 -22.43
N VAL B 164 5.45 31.66 -21.50
CA VAL B 164 4.04 31.93 -21.30
C VAL B 164 3.80 33.37 -20.88
N VAL B 165 4.78 33.98 -20.21
CA VAL B 165 4.64 35.37 -19.81
C VAL B 165 4.87 36.29 -20.99
N SER B 166 5.93 36.03 -21.78
CA SER B 166 6.19 36.86 -22.94
C SER B 166 5.05 36.80 -23.93
N VAL B 167 4.48 35.61 -24.13
CA VAL B 167 3.37 35.45 -25.07
C VAL B 167 2.09 36.04 -24.49
N THR B 168 1.94 36.02 -23.17
CA THR B 168 0.74 36.59 -22.56
C THR B 168 0.78 38.11 -22.62
N ASN B 169 1.96 38.71 -22.42
CA ASN B 169 2.09 40.15 -22.50
C ASN B 169 1.77 40.69 -23.89
N VAL B 170 1.89 39.85 -24.92
CA VAL B 170 1.55 40.29 -26.28
C VAL B 170 0.04 40.30 -26.46
N ILE B 171 -0.61 39.15 -26.26
CA ILE B 171 -2.05 39.07 -26.39
C ILE B 171 -2.74 39.93 -25.34
N CYS B 172 -2.09 40.15 -24.20
CA CYS B 172 -2.69 40.96 -23.15
C CYS B 172 -2.63 42.44 -23.50
N ALA B 173 -1.54 42.89 -24.13
CA ALA B 173 -1.49 44.27 -24.59
C ALA B 173 -2.50 44.52 -25.69
N ILE B 174 -2.80 43.51 -26.51
CA ILE B 174 -3.76 43.67 -27.59
C ILE B 174 -5.18 43.73 -27.04
N CYS B 175 -5.45 43.05 -25.93
CA CYS B 175 -6.79 42.96 -25.38
C CYS B 175 -7.06 43.93 -24.24
N PHE B 176 -6.05 44.25 -23.42
CA PHE B 176 -6.23 45.09 -22.25
C PHE B 176 -5.26 46.25 -22.17
N GLY B 177 -4.35 46.41 -23.14
CA GLY B 177 -3.42 47.52 -23.09
C GLY B 177 -2.53 47.53 -21.87
N ARG B 178 -2.12 46.35 -21.39
CA ARG B 178 -1.29 46.26 -20.20
C ARG B 178 -0.21 45.22 -20.39
N ARG B 179 0.78 45.27 -19.48
CA ARG B 179 1.88 44.32 -19.43
C ARG B 179 2.13 43.91 -17.99
N TYR B 180 2.84 42.80 -17.81
CA TYR B 180 3.15 42.29 -16.49
C TYR B 180 4.60 41.79 -16.45
N ASP B 181 5.21 41.86 -15.27
CA ASP B 181 6.58 41.41 -15.10
C ASP B 181 6.67 39.88 -15.07
N HIS B 182 7.88 39.36 -15.20
CA HIS B 182 8.16 37.94 -15.22
C HIS B 182 7.86 37.20 -13.98
N ASN B 183 7.87 37.90 -12.88
CA ASN B 183 7.58 37.31 -11.57
C ASN B 183 6.37 38.04 -10.98
N HIS B 184 5.20 37.80 -11.58
CA HIS B 184 3.96 38.47 -11.22
C HIS B 184 2.91 37.42 -10.86
N GLN B 185 2.34 37.56 -9.66
CA GLN B 185 1.38 36.58 -9.18
C GLN B 185 -0.01 36.74 -9.80
N GLU B 186 -0.41 37.97 -10.17
CA GLU B 186 -1.70 38.15 -10.83
C GLU B 186 -1.77 37.36 -12.14
N LEU B 187 -0.68 37.36 -12.91
CA LEU B 187 -0.72 36.76 -14.24
C LEU B 187 -0.52 35.25 -14.20
N LEU B 188 0.60 34.80 -13.61
CA LEU B 188 0.90 33.37 -13.61
C LEU B 188 -0.19 32.56 -12.91
N SER B 189 -0.84 33.16 -11.91
CA SER B 189 -1.91 32.44 -11.21
C SER B 189 -3.02 32.02 -12.17
N LEU B 190 -3.40 32.91 -13.09
CA LEU B 190 -4.49 32.60 -14.00
C LEU B 190 -4.06 31.60 -15.06
N VAL B 191 -2.89 31.81 -15.66
CA VAL B 191 -2.51 31.03 -16.83
C VAL B 191 -1.73 29.77 -16.43
N ASN B 192 -0.84 29.87 -15.45
CA ASN B 192 -0.01 28.74 -15.04
C ASN B 192 -0.63 28.02 -13.84
N LEU B 193 -0.64 26.69 -13.89
CA LEU B 193 -1.23 25.83 -12.86
C LEU B 193 -2.68 26.20 -12.59
N ASN B 194 -3.26 26.90 -13.56
CA ASN B 194 -4.66 27.18 -13.57
C ASN B 194 -5.02 26.82 -15.00
N ASN B 195 -4.62 25.64 -15.44
CA ASN B 195 -4.90 25.24 -16.81
C ASN B 195 -5.05 23.79 -17.21
N ASN B 196 -6.19 23.25 -16.86
CA ASN B 196 -6.67 22.02 -17.32
C ASN B 196 -7.77 22.35 -18.30
N PHE B 197 -7.80 23.53 -18.87
CA PHE B 197 -8.81 23.80 -19.89
C PHE B 197 -8.67 22.82 -21.03
N GLY B 198 -7.44 22.55 -21.46
CA GLY B 198 -7.22 21.55 -22.50
C GLY B 198 -7.67 20.17 -22.07
N GLU B 199 -7.47 19.83 -20.81
CA GLU B 199 -7.83 18.50 -20.34
C GLU B 199 -9.34 18.30 -20.34
N VAL B 200 -10.11 19.36 -20.06
CA VAL B 200 -11.56 19.22 -19.96
C VAL B 200 -12.27 19.44 -21.29
N VAL B 201 -11.71 20.26 -22.18
CA VAL B 201 -12.39 20.58 -23.43
C VAL B 201 -11.97 19.69 -24.60
N GLY B 202 -10.85 18.99 -24.47
CA GLY B 202 -10.44 18.07 -25.52
C GLY B 202 -11.55 17.11 -25.91
N SER B 203 -11.71 16.89 -27.23
CA SER B 203 -12.77 16.02 -27.72
C SER B 203 -12.73 14.65 -27.03
N GLY B 204 -13.92 14.10 -26.78
CA GLY B 204 -14.05 12.80 -26.16
C GLY B 204 -14.08 12.81 -24.65
N ASN B 205 -14.28 13.96 -24.02
CA ASN B 205 -14.33 13.99 -22.55
C ASN B 205 -15.51 13.16 -22.07
N PRO B 206 -15.30 12.17 -21.19
CA PRO B 206 -16.42 11.32 -20.77
C PRO B 206 -17.51 12.05 -20.02
N ALA B 207 -17.19 13.10 -19.26
CA ALA B 207 -18.20 13.76 -18.44
C ALA B 207 -19.34 14.35 -19.27
N ASP B 208 -19.12 14.66 -20.54
CA ASP B 208 -20.17 15.20 -21.39
C ASP B 208 -21.13 14.14 -21.89
N PHE B 209 -20.70 12.87 -21.92
CA PHE B 209 -21.50 11.78 -22.48
C PHE B 209 -21.89 10.72 -21.46
N ILE B 210 -21.34 10.77 -20.25
CA ILE B 210 -21.70 9.85 -19.18
C ILE B 210 -22.39 10.66 -18.10
N PRO B 211 -23.74 10.71 -18.10
CA PRO B 211 -24.43 11.69 -17.25
C PRO B 211 -24.09 11.60 -15.76
N ILE B 212 -23.62 10.45 -15.27
CA ILE B 212 -23.39 10.32 -13.84
C ILE B 212 -22.08 10.98 -13.39
N LEU B 213 -21.12 11.16 -14.29
CA LEU B 213 -19.82 11.72 -13.89
C LEU B 213 -19.90 13.19 -13.51
N ARG B 214 -20.99 13.88 -13.86
CA ARG B 214 -21.12 15.29 -13.49
C ARG B 214 -21.39 15.43 -12.00
N TYR B 215 -22.19 14.53 -11.43
CA TYR B 215 -22.61 14.62 -10.03
C TYR B 215 -21.60 14.00 -9.07
N LEU B 216 -20.72 13.12 -9.55
CA LEU B 216 -19.74 12.53 -8.67
C LEU B 216 -18.63 13.53 -8.33
N PRO B 217 -17.85 13.24 -7.29
CA PRO B 217 -16.67 14.07 -7.00
C PRO B 217 -15.68 14.08 -8.15
N ASN B 218 -15.56 15.22 -8.83
CA ASN B 218 -14.67 15.37 -9.97
C ASN B 218 -13.69 16.51 -9.69
N PRO B 219 -12.46 16.22 -9.26
CA PRO B 219 -11.54 17.33 -8.93
C PRO B 219 -11.15 18.16 -10.15
N SER B 220 -11.00 17.52 -11.32
CA SER B 220 -10.63 18.27 -12.51
C SER B 220 -11.78 19.16 -12.96
N LEU B 221 -13.01 18.67 -12.83
CA LEU B 221 -14.18 19.45 -13.24
C LEU B 221 -14.41 20.61 -12.28
N ASN B 222 -14.02 20.47 -11.02
CA ASN B 222 -14.19 21.55 -10.06
C ASN B 222 -13.17 22.66 -10.28
N ALA B 223 -11.92 22.28 -10.60
CA ALA B 223 -10.93 23.29 -10.94
C ALA B 223 -11.32 24.02 -12.23
N PHE B 224 -12.10 23.37 -13.08
CA PHE B 224 -12.56 24.01 -14.31
C PHE B 224 -13.61 25.08 -14.00
N LYS B 225 -14.56 24.77 -13.11
CA LYS B 225 -15.54 25.77 -12.72
C LYS B 225 -14.87 26.95 -12.04
N ASP B 226 -13.82 26.69 -11.26
CA ASP B 226 -13.11 27.76 -10.56
C ASP B 226 -12.31 28.61 -11.54
N LEU B 227 -11.67 27.98 -12.52
CA LEU B 227 -10.95 28.72 -13.55
C LEU B 227 -11.85 29.73 -14.25
N ASN B 228 -13.07 29.34 -14.58
CA ASN B 228 -13.90 30.23 -15.38
C ASN B 228 -14.40 31.41 -14.58
N GLU B 229 -14.83 31.20 -13.34
CA GLU B 229 -15.26 32.31 -12.52
C GLU B 229 -14.12 33.28 -12.21
N LYS B 230 -12.89 32.76 -12.05
CA LYS B 230 -11.75 33.65 -11.83
C LYS B 230 -11.51 34.52 -13.05
N PHE B 231 -11.57 33.93 -14.25
CA PHE B 231 -11.41 34.71 -15.47
C PHE B 231 -12.55 35.71 -15.64
N TYR B 232 -13.78 35.27 -15.40
CA TYR B 232 -14.92 36.17 -15.53
C TYR B 232 -14.83 37.33 -14.56
N SER B 233 -14.25 37.10 -13.38
CA SER B 233 -14.02 38.20 -12.44
C SER B 233 -12.93 39.15 -12.95
N PHE B 234 -11.82 38.60 -13.45
CA PHE B 234 -10.77 39.45 -14.00
C PHE B 234 -11.28 40.28 -15.16
N MET B 235 -12.13 39.68 -16.01
CA MET B 235 -12.73 40.42 -17.11
C MET B 235 -13.52 41.61 -16.58
N GLN B 236 -14.33 41.39 -15.54
CA GLN B 236 -15.12 42.47 -14.97
C GLN B 236 -14.23 43.57 -14.41
N LYS B 237 -13.07 43.22 -13.86
CA LYS B 237 -12.13 44.22 -13.37
C LYS B 237 -11.57 45.07 -14.51
N MET B 238 -11.22 44.44 -15.63
CA MET B 238 -10.56 45.17 -16.71
C MET B 238 -11.54 46.07 -17.46
N VAL B 239 -12.81 45.68 -17.56
CA VAL B 239 -13.77 46.50 -18.29
C VAL B 239 -14.27 47.65 -17.43
N LYS B 240 -14.49 47.40 -16.14
CA LYS B 240 -14.88 48.49 -15.25
C LYS B 240 -13.76 49.52 -15.13
N GLU B 241 -12.50 49.05 -15.15
CA GLU B 241 -11.36 49.96 -15.07
C GLU B 241 -11.17 50.73 -16.38
N HIS B 242 -11.53 50.13 -17.51
CA HIS B 242 -11.42 50.82 -18.79
C HIS B 242 -12.53 51.83 -18.99
N TYR B 243 -13.72 51.58 -18.43
CA TYR B 243 -14.85 52.48 -18.64
C TYR B 243 -14.66 53.82 -17.92
N LYS B 244 -13.97 53.84 -16.79
CA LYS B 244 -13.77 55.10 -16.08
C LYS B 244 -12.84 56.05 -16.83
N THR B 245 -12.11 55.57 -17.84
CA THR B 245 -11.23 56.41 -18.63
C THR B 245 -11.51 56.26 -20.13
N PHE B 246 -12.70 55.78 -20.48
CA PHE B 246 -13.01 55.44 -21.87
C PHE B 246 -13.25 56.69 -22.69
N GLU B 247 -12.42 56.90 -23.72
CA GLU B 247 -12.65 57.92 -24.73
C GLU B 247 -13.01 57.24 -26.03
N LYS B 248 -14.18 57.59 -26.59
CA LYS B 248 -14.66 56.96 -27.82
C LYS B 248 -13.90 57.41 -29.07
N GLY B 249 -12.72 58.00 -28.90
CA GLY B 249 -11.99 58.52 -30.04
C GLY B 249 -10.56 58.04 -29.96
N HIS B 250 -10.10 57.75 -28.75
CA HIS B 250 -8.82 57.10 -28.50
C HIS B 250 -9.16 55.68 -28.05
N ILE B 251 -9.33 54.78 -29.02
CA ILE B 251 -9.61 53.38 -28.71
C ILE B 251 -8.26 52.70 -28.47
N ARG B 252 -8.04 52.25 -27.23
CA ARG B 252 -6.72 51.79 -26.82
C ARG B 252 -6.50 50.32 -27.12
N ASP B 253 -7.53 49.49 -27.03
CA ASP B 253 -7.39 48.05 -27.17
C ASP B 253 -8.74 47.45 -27.53
N ILE B 254 -8.78 46.12 -27.60
CA ILE B 254 -10.00 45.42 -27.99
C ILE B 254 -11.10 45.65 -26.96
N THR B 255 -10.74 45.76 -25.68
CA THR B 255 -11.76 46.02 -24.66
C THR B 255 -12.46 47.34 -24.91
N ASP B 256 -11.70 48.38 -25.31
CA ASP B 256 -12.31 49.66 -25.62
C ASP B 256 -13.26 49.57 -26.81
N SER B 257 -12.85 48.83 -27.85
CA SER B 257 -13.68 48.72 -29.04
C SER B 257 -14.96 47.94 -28.77
N LEU B 258 -14.99 47.09 -27.74
CA LEU B 258 -16.21 46.39 -27.38
C LEU B 258 -17.09 47.23 -26.47
N ILE B 259 -16.50 48.05 -25.61
CA ILE B 259 -17.26 49.04 -24.87
C ILE B 259 -17.94 50.00 -25.85
N GLU B 260 -17.22 50.39 -26.90
CA GLU B 260 -17.79 51.28 -27.91
C GLU B 260 -19.05 50.68 -28.51
N HIS B 261 -19.09 49.36 -28.69
CA HIS B 261 -20.24 48.73 -29.33
C HIS B 261 -21.37 48.45 -28.36
N CYS B 262 -21.14 48.54 -27.05
CA CYS B 262 -22.24 48.41 -26.11
C CYS B 262 -23.06 49.69 -26.04
N GLN B 263 -22.40 50.85 -26.14
CA GLN B 263 -23.11 52.13 -26.13
C GLN B 263 -23.58 52.56 -27.51
N GLU B 264 -22.88 52.15 -28.57
CA GLU B 264 -23.29 52.53 -29.92
C GLU B 264 -24.62 51.90 -30.29
N LYS B 265 -24.86 50.66 -29.86
CA LYS B 265 -26.06 49.96 -30.27
C LYS B 265 -27.33 50.59 -29.70
N GLN B 266 -27.20 51.38 -28.62
CA GLN B 266 -28.34 52.14 -28.14
C GLN B 266 -28.77 53.19 -29.17
N LEU B 267 -27.80 53.83 -29.82
CA LEU B 267 -28.07 54.85 -30.83
C LEU B 267 -28.25 54.21 -32.21
N ASP B 268 -29.29 53.38 -32.31
CA ASP B 268 -29.60 52.61 -33.51
C ASP B 268 -30.85 51.77 -33.25
N GLU B 269 -31.82 51.81 -34.16
CA GLU B 269 -32.99 50.94 -34.05
C GLU B 269 -32.93 49.78 -35.04
N ASN B 270 -31.78 49.54 -35.64
CA ASN B 270 -31.49 48.24 -36.22
C ASN B 270 -30.51 47.55 -35.28
N ALA B 271 -30.96 47.36 -34.04
CA ALA B 271 -30.13 46.84 -32.95
C ALA B 271 -30.62 45.46 -32.55
N ASN B 272 -29.70 44.49 -32.49
CA ASN B 272 -30.04 43.14 -32.08
C ASN B 272 -30.47 43.13 -30.63
N VAL B 273 -31.76 42.89 -30.37
CA VAL B 273 -32.21 42.69 -29.00
C VAL B 273 -31.40 41.57 -28.35
N GLN B 274 -31.10 40.52 -29.12
CA GLN B 274 -30.46 39.33 -28.57
C GLN B 274 -28.98 39.55 -28.26
N LEU B 275 -28.34 40.53 -28.89
CA LEU B 275 -26.93 40.80 -28.60
C LEU B 275 -26.86 41.68 -27.36
N SER B 276 -26.64 41.04 -26.22
CA SER B 276 -26.56 41.74 -24.95
C SER B 276 -25.17 42.37 -24.77
N ASP B 277 -25.06 43.23 -23.76
CA ASP B 277 -23.75 43.81 -23.45
C ASP B 277 -22.80 42.75 -22.92
N GLU B 278 -23.34 41.72 -22.25
CA GLU B 278 -22.50 40.65 -21.73
C GLU B 278 -21.90 39.83 -22.86
N LYS B 279 -22.73 39.43 -23.83
CA LYS B 279 -22.25 38.66 -24.96
C LYS B 279 -21.28 39.43 -25.84
N ILE B 280 -21.21 40.74 -25.68
CA ILE B 280 -20.25 41.56 -26.43
C ILE B 280 -18.92 41.66 -25.69
N ILE B 281 -18.96 41.83 -24.36
CA ILE B 281 -17.74 42.10 -23.62
C ILE B 281 -16.94 40.82 -23.40
N ASN B 282 -17.62 39.69 -23.16
CA ASN B 282 -16.93 38.44 -22.89
C ASN B 282 -16.33 37.81 -24.14
N ILE B 283 -16.28 38.54 -25.26
CA ILE B 283 -15.59 38.06 -26.44
C ILE B 283 -14.08 38.10 -26.21
N VAL B 284 -13.61 38.99 -25.33
CA VAL B 284 -12.19 39.09 -25.04
C VAL B 284 -11.68 37.83 -24.34
N LEU B 285 -12.56 37.12 -23.63
CA LEU B 285 -12.12 35.90 -22.95
C LEU B 285 -11.73 34.82 -23.96
N ASP B 286 -12.50 34.68 -25.04
CA ASP B 286 -12.14 33.72 -26.08
C ASP B 286 -10.82 34.09 -26.74
N LEU B 287 -10.62 35.38 -27.02
CA LEU B 287 -9.40 35.83 -27.66
C LEU B 287 -8.19 35.68 -26.73
N PHE B 288 -8.31 36.18 -25.50
CA PHE B 288 -7.21 36.06 -24.55
C PHE B 288 -6.88 34.61 -24.26
N GLY B 289 -7.91 33.76 -24.10
CA GLY B 289 -7.70 32.37 -23.78
C GLY B 289 -6.95 31.64 -24.89
N ALA B 290 -7.55 31.57 -26.07
CA ALA B 290 -6.88 30.95 -27.20
C ALA B 290 -5.53 31.59 -27.49
N GLY B 291 -5.42 32.90 -27.24
CA GLY B 291 -4.21 33.64 -27.55
C GLY B 291 -2.95 33.08 -26.93
N PHE B 292 -2.90 33.02 -25.60
CA PHE B 292 -1.66 32.65 -24.94
C PHE B 292 -1.46 31.14 -24.86
N ASP B 293 -2.54 30.37 -24.85
CA ASP B 293 -2.40 28.92 -24.70
C ASP B 293 -1.84 28.27 -25.96
N THR B 294 -2.40 28.63 -27.13
CA THR B 294 -1.98 27.99 -28.37
C THR B 294 -0.60 28.46 -28.80
N VAL B 295 -0.35 29.77 -28.73
CA VAL B 295 0.93 30.29 -29.20
C VAL B 295 2.05 29.87 -28.27
N THR B 296 1.78 29.77 -26.96
CA THR B 296 2.80 29.29 -26.03
C THR B 296 3.11 27.83 -26.28
N THR B 297 2.09 27.00 -26.51
CA THR B 297 2.31 25.61 -26.84
C THR B 297 3.14 25.46 -28.10
N ALA B 298 2.85 26.29 -29.12
CA ALA B 298 3.58 26.18 -30.37
C ALA B 298 5.05 26.51 -30.20
N ILE B 299 5.35 27.59 -29.48
CA ILE B 299 6.74 27.97 -29.28
C ILE B 299 7.45 26.95 -28.40
N SER B 300 6.74 26.41 -27.41
CA SER B 300 7.33 25.39 -26.55
C SER B 300 7.74 24.16 -27.35
N TRP B 301 6.86 23.68 -28.22
CA TRP B 301 7.20 22.54 -29.06
C TRP B 301 8.38 22.84 -29.97
N SER B 302 8.42 24.05 -30.54
CA SER B 302 9.53 24.40 -31.43
C SER B 302 10.86 24.29 -30.70
N LEU B 303 10.95 24.83 -29.48
CA LEU B 303 12.19 24.78 -28.74
C LEU B 303 12.59 23.34 -28.45
N MET B 304 11.61 22.46 -28.20
CA MET B 304 11.93 21.06 -27.98
C MET B 304 12.57 20.45 -29.23
N TYR B 305 12.05 20.79 -30.41
CA TYR B 305 12.57 20.19 -31.63
C TYR B 305 13.95 20.74 -31.97
N LEU B 306 14.18 22.03 -31.73
CA LEU B 306 15.50 22.60 -31.98
C LEU B 306 16.56 21.98 -31.09
N VAL B 307 16.17 21.62 -29.86
CA VAL B 307 17.12 21.08 -28.90
C VAL B 307 17.41 19.61 -29.19
N MET B 308 16.39 18.86 -29.60
CA MET B 308 16.59 17.46 -29.96
C MET B 308 17.17 17.28 -31.35
N ASN B 309 17.13 18.33 -32.18
CA ASN B 309 17.68 18.28 -33.54
C ASN B 309 18.59 19.49 -33.73
N PRO B 310 19.78 19.47 -33.14
CA PRO B 310 20.71 20.60 -33.34
C PRO B 310 21.08 20.82 -34.79
N ARG B 311 20.91 19.81 -35.64
CA ARG B 311 21.14 19.97 -37.08
C ARG B 311 20.26 21.07 -37.65
N VAL B 312 18.94 21.01 -37.36
CA VAL B 312 18.01 21.96 -37.97
C VAL B 312 18.06 23.33 -37.29
N GLN B 313 18.51 23.40 -36.04
CA GLN B 313 18.72 24.69 -35.42
C GLN B 313 19.91 25.40 -36.06
N ARG B 314 20.93 24.64 -36.47
CA ARG B 314 22.09 25.21 -37.12
C ARG B 314 21.76 25.72 -38.52
N LYS B 315 20.83 25.06 -39.22
CA LYS B 315 20.45 25.52 -40.55
C LYS B 315 19.62 26.79 -40.47
N ILE B 316 18.71 26.86 -39.49
CA ILE B 316 17.91 28.08 -39.33
C ILE B 316 18.81 29.28 -39.06
N GLN B 317 19.90 29.06 -38.33
CA GLN B 317 20.79 30.17 -38.00
C GLN B 317 21.70 30.53 -39.16
N GLU B 318 22.10 29.56 -39.98
CA GLU B 318 22.86 29.88 -41.17
C GLU B 318 22.01 30.64 -42.17
N GLU B 319 20.70 30.38 -42.19
CA GLU B 319 19.80 31.12 -43.08
C GLU B 319 19.54 32.53 -42.55
N LEU B 320 19.30 32.67 -41.24
CA LEU B 320 19.10 34.00 -40.67
C LEU B 320 20.31 34.88 -40.90
N ASP B 321 21.51 34.31 -40.82
CA ASP B 321 22.73 35.10 -40.99
C ASP B 321 22.95 35.48 -42.46
N THR B 322 22.49 34.64 -43.38
CA THR B 322 22.64 34.93 -44.81
C THR B 322 21.63 35.97 -45.27
N VAL B 323 20.36 35.82 -44.88
CA VAL B 323 19.30 36.66 -45.40
C VAL B 323 19.13 37.96 -44.63
N ILE B 324 19.62 38.03 -43.39
CA ILE B 324 19.38 39.18 -42.52
C ILE B 324 20.70 39.68 -41.96
N GLY B 325 21.66 38.78 -41.79
CA GLY B 325 22.91 39.12 -41.14
C GLY B 325 22.75 39.27 -39.64
N ARG B 326 23.62 40.11 -39.07
CA ARG B 326 23.60 40.39 -37.63
C ARG B 326 23.58 41.88 -37.33
N SER B 327 23.38 42.72 -38.34
CA SER B 327 23.37 44.17 -38.16
C SER B 327 22.01 44.73 -37.79
N ARG B 328 20.95 43.91 -37.85
CA ARG B 328 19.60 44.38 -37.58
C ARG B 328 18.77 43.21 -37.09
N ARG B 329 17.80 43.51 -36.23
CA ARG B 329 16.90 42.48 -35.75
C ARG B 329 15.97 42.05 -36.88
N PRO B 330 15.61 40.77 -36.95
CA PRO B 330 14.68 40.35 -37.99
C PRO B 330 13.37 41.10 -37.89
N ARG B 331 12.76 41.34 -39.06
CA ARG B 331 11.48 42.03 -39.14
C ARG B 331 10.45 41.08 -39.77
N LEU B 332 9.19 41.42 -39.55
CA LEU B 332 8.12 40.61 -40.10
C LEU B 332 8.20 40.52 -41.62
N SER B 333 8.76 41.55 -42.27
CA SER B 333 8.90 41.56 -43.71
C SER B 333 9.79 40.44 -44.22
N ASP B 334 10.71 39.95 -43.39
CA ASP B 334 11.66 38.92 -43.80
C ASP B 334 11.05 37.53 -43.81
N ARG B 335 9.78 37.40 -43.40
CA ARG B 335 9.19 36.09 -43.22
C ARG B 335 9.17 35.29 -44.52
N SER B 336 8.98 35.96 -45.65
CA SER B 336 8.86 35.27 -46.93
C SER B 336 10.19 34.95 -47.58
N HIS B 337 11.31 35.46 -47.04
CA HIS B 337 12.63 35.22 -47.59
C HIS B 337 13.43 34.19 -46.81
N LEU B 338 12.80 33.52 -45.83
CA LEU B 338 13.44 32.52 -44.97
C LEU B 338 12.69 31.21 -45.12
N PRO B 339 12.88 30.48 -46.23
CA PRO B 339 12.08 29.28 -46.46
C PRO B 339 12.36 28.15 -45.47
N TYR B 340 13.57 28.06 -44.93
CA TYR B 340 13.83 26.99 -43.96
C TYR B 340 13.14 27.29 -42.64
N MET B 341 13.22 28.54 -42.18
CA MET B 341 12.45 28.94 -40.99
C MET B 341 10.98 28.64 -41.18
N GLU B 342 10.45 28.84 -42.39
CA GLU B 342 9.05 28.55 -42.65
C GLU B 342 8.79 27.05 -42.71
N ALA B 343 9.76 26.29 -43.24
CA ALA B 343 9.61 24.84 -43.28
C ALA B 343 9.70 24.22 -41.89
N PHE B 344 10.51 24.81 -41.00
CA PHE B 344 10.60 24.31 -39.64
C PHE B 344 9.29 24.52 -38.90
N ILE B 345 8.69 25.71 -39.01
CA ILE B 345 7.44 25.98 -38.34
C ILE B 345 6.33 25.09 -38.89
N LEU B 346 6.36 24.81 -40.19
CA LEU B 346 5.38 23.90 -40.78
C LEU B 346 5.53 22.50 -40.21
N GLU B 347 6.77 22.02 -40.08
CA GLU B 347 7.00 20.68 -39.55
C GLU B 347 6.77 20.61 -38.05
N THR B 348 6.87 21.74 -37.34
CA THR B 348 6.46 21.76 -35.94
C THR B 348 4.95 21.63 -35.82
N PHE B 349 4.20 22.31 -36.69
CA PHE B 349 2.75 22.18 -36.68
C PHE B 349 2.31 20.79 -37.12
N ARG B 350 2.98 20.23 -38.13
CA ARG B 350 2.57 18.93 -38.66
C ARG B 350 2.96 17.80 -37.72
N HIS B 351 4.23 17.75 -37.32
CA HIS B 351 4.72 16.61 -36.56
C HIS B 351 4.10 16.57 -35.17
N SER B 352 3.94 17.73 -34.53
CA SER B 352 3.30 17.75 -33.22
C SER B 352 1.78 17.68 -33.33
N SER B 353 1.20 18.41 -34.29
CA SER B 353 -0.24 18.53 -34.39
C SER B 353 -0.86 18.83 -33.04
N PHE B 354 -0.27 19.81 -32.35
CA PHE B 354 -0.63 20.03 -30.95
C PHE B 354 -2.09 20.46 -30.77
N VAL B 355 -2.83 20.65 -31.85
CA VAL B 355 -4.29 20.75 -31.79
C VAL B 355 -4.83 19.58 -32.59
N PRO B 356 -4.89 18.37 -32.00
CA PRO B 356 -5.22 17.18 -32.81
C PRO B 356 -6.66 17.16 -33.28
N PHE B 357 -7.58 17.72 -32.52
CA PHE B 357 -8.96 17.87 -32.94
C PHE B 357 -9.33 19.35 -32.93
N THR B 358 -10.19 19.73 -33.87
CA THR B 358 -10.84 21.03 -33.77
C THR B 358 -11.82 21.00 -32.60
N ILE B 359 -12.31 22.18 -32.23
CA ILE B 359 -13.42 22.18 -31.28
C ILE B 359 -14.58 21.42 -31.90
N PRO B 360 -15.27 20.55 -31.16
CA PRO B 360 -16.33 19.74 -31.78
C PRO B 360 -17.35 20.60 -32.52
N HIS B 361 -17.74 20.15 -33.71
CA HIS B 361 -18.77 20.78 -34.51
C HIS B 361 -20.09 20.08 -34.27
N SER B 362 -21.14 20.55 -34.95
CA SER B 362 -22.47 19.97 -34.83
C SER B 362 -23.26 20.35 -36.07
N THR B 363 -24.03 19.40 -36.59
CA THR B 363 -24.83 19.64 -37.79
C THR B 363 -26.06 20.47 -37.43
N THR B 364 -26.33 21.48 -38.25
CA THR B 364 -27.47 22.37 -38.03
C THR B 364 -28.74 21.89 -38.72
N ARG B 365 -28.67 20.82 -39.50
CA ARG B 365 -29.82 20.28 -40.21
C ARG B 365 -29.43 18.94 -40.82
N ASP B 366 -30.45 18.12 -41.07
CA ASP B 366 -30.23 16.88 -41.82
C ASP B 366 -29.44 17.18 -43.08
N THR B 367 -28.33 16.47 -43.25
CA THR B 367 -27.40 16.74 -44.33
C THR B 367 -26.82 15.44 -44.84
N SER B 368 -26.17 15.52 -46.00
CA SER B 368 -25.53 14.39 -46.65
C SER B 368 -24.07 14.71 -46.90
N LEU B 369 -23.20 13.73 -46.66
CA LEU B 369 -21.77 13.92 -46.78
C LEU B 369 -21.17 12.66 -47.40
N LYS B 370 -20.63 12.78 -48.60
CA LYS B 370 -20.02 11.66 -49.32
C LYS B 370 -20.96 10.45 -49.34
N GLY B 371 -22.25 10.72 -49.49
CA GLY B 371 -23.25 9.67 -49.61
C GLY B 371 -23.75 9.10 -48.29
N PHE B 372 -23.40 9.71 -47.17
CA PHE B 372 -23.83 9.26 -45.85
C PHE B 372 -24.81 10.27 -45.26
N TYR B 373 -25.80 9.77 -44.54
CA TYR B 373 -26.81 10.61 -43.92
C TYR B 373 -26.39 10.97 -42.51
N ILE B 374 -26.46 12.26 -42.19
CA ILE B 374 -26.13 12.77 -40.87
C ILE B 374 -27.32 13.60 -40.39
N PRO B 375 -28.01 13.19 -39.31
CA PRO B 375 -29.17 13.96 -38.86
C PRO B 375 -28.76 15.25 -38.15
N LYS B 376 -29.78 16.07 -37.89
CA LYS B 376 -29.55 17.34 -37.21
C LYS B 376 -29.17 17.10 -35.75
N GLY B 377 -28.20 17.89 -35.27
CA GLY B 377 -27.76 17.82 -33.89
C GLY B 377 -26.63 16.86 -33.62
N ARG B 378 -26.25 16.03 -34.59
CA ARG B 378 -25.20 15.03 -34.37
C ARG B 378 -23.87 15.70 -34.05
N CYS B 379 -23.20 15.20 -33.02
CA CYS B 379 -21.87 15.68 -32.67
C CYS B 379 -20.86 15.24 -33.72
N VAL B 380 -19.94 16.13 -34.08
CA VAL B 380 -18.99 15.88 -35.16
C VAL B 380 -17.58 16.26 -34.68
N PHE B 381 -16.67 15.29 -34.69
CA PHE B 381 -15.26 15.52 -34.45
C PHE B 381 -14.52 15.65 -35.77
N VAL B 382 -13.51 16.51 -35.79
CA VAL B 382 -12.67 16.72 -36.97
C VAL B 382 -11.23 16.38 -36.58
N ASN B 383 -10.68 15.35 -37.22
CA ASN B 383 -9.40 14.77 -36.83
C ASN B 383 -8.29 15.40 -37.65
N GLN B 384 -7.70 16.47 -37.12
CA GLN B 384 -6.59 17.12 -37.81
C GLN B 384 -5.31 16.30 -37.70
N TRP B 385 -5.12 15.58 -36.60
CA TRP B 385 -3.93 14.75 -36.44
C TRP B 385 -3.84 13.72 -37.55
N GLN B 386 -4.99 13.16 -37.95
CA GLN B 386 -4.99 12.11 -38.98
C GLN B 386 -4.41 12.63 -40.29
N ILE B 387 -4.77 13.86 -40.67
CA ILE B 387 -4.29 14.40 -41.94
C ILE B 387 -2.78 14.60 -41.91
N ASN B 388 -2.27 15.13 -40.80
CA ASN B 388 -0.85 15.47 -40.70
C ASN B 388 0.05 14.25 -40.56
N HIS B 389 -0.53 13.07 -40.33
CA HIS B 389 0.25 11.84 -40.22
C HIS B 389 -0.24 10.77 -41.20
N ASP B 390 -1.18 11.10 -42.08
CA ASP B 390 -1.63 10.16 -43.10
C ASP B 390 -0.46 9.64 -43.91
N GLN B 391 -0.26 8.31 -43.87
CA GLN B 391 0.82 7.71 -44.63
C GLN B 391 0.66 7.93 -46.13
N LYS B 392 -0.55 8.26 -46.58
CA LYS B 392 -0.79 8.49 -48.01
C LYS B 392 -0.29 9.85 -48.47
N LEU B 393 -0.27 10.84 -47.59
CA LEU B 393 0.15 12.18 -47.94
C LEU B 393 1.61 12.46 -47.61
N TRP B 394 2.20 11.74 -46.67
CA TRP B 394 3.54 12.02 -46.19
C TRP B 394 4.39 10.75 -46.29
N VAL B 395 5.71 10.95 -46.29
CA VAL B 395 6.65 9.86 -46.50
C VAL B 395 6.91 9.15 -45.18
N ASN B 396 7.63 9.80 -44.28
CA ASN B 396 7.88 9.25 -42.95
C ASN B 396 7.19 10.13 -41.93
N PRO B 397 5.86 10.01 -41.78
CA PRO B 397 5.14 10.97 -40.92
C PRO B 397 5.68 11.02 -39.50
N SER B 398 6.14 9.89 -38.96
CA SER B 398 6.66 9.87 -37.61
C SER B 398 7.98 10.63 -37.47
N GLU B 399 8.67 10.87 -38.59
CA GLU B 399 9.97 11.51 -38.55
C GLU B 399 9.83 13.03 -38.67
N PHE B 400 10.63 13.75 -37.89
CA PHE B 400 10.68 15.21 -37.94
C PHE B 400 11.72 15.64 -38.97
N LEU B 401 11.25 16.14 -40.11
CA LEU B 401 12.11 16.45 -41.25
C LEU B 401 11.60 17.73 -41.92
N PRO B 402 12.12 18.88 -41.52
CA PRO B 402 11.68 20.14 -42.17
C PRO B 402 11.92 20.14 -43.67
N GLU B 403 12.96 19.46 -44.13
CA GLU B 403 13.29 19.45 -45.56
C GLU B 403 12.18 18.86 -46.41
N ARG B 404 11.18 18.20 -45.82
CA ARG B 404 10.09 17.64 -46.60
C ARG B 404 9.29 18.72 -47.33
N PHE B 405 9.40 19.96 -46.89
CA PHE B 405 8.67 21.07 -47.50
C PHE B 405 9.50 21.86 -48.49
N LEU B 406 10.74 21.43 -48.76
CA LEU B 406 11.63 22.14 -49.68
C LEU B 406 11.69 21.38 -50.99
N THR B 407 11.64 22.09 -52.10
CA THR B 407 11.71 21.44 -53.34
C THR B 407 13.14 21.30 -53.76
N PRO B 408 13.41 20.76 -54.93
CA PRO B 408 14.79 20.59 -55.30
C PRO B 408 15.61 21.83 -55.40
N ASP B 409 15.05 22.99 -55.71
CA ASP B 409 15.76 24.22 -55.73
C ASP B 409 15.73 24.98 -54.45
N GLY B 410 15.24 24.43 -53.37
CA GLY B 410 15.37 25.08 -52.08
C GLY B 410 14.24 26.01 -51.69
N ALA B 411 13.13 26.00 -52.42
CA ALA B 411 11.99 26.85 -52.12
C ALA B 411 10.87 26.06 -51.48
N ILE B 412 9.96 26.78 -50.83
CA ILE B 412 8.86 26.13 -50.12
C ILE B 412 7.93 25.46 -51.12
N ASP B 413 7.63 24.19 -50.89
CA ASP B 413 6.65 23.46 -51.69
C ASP B 413 5.27 23.91 -51.23
N LYS B 414 4.67 24.83 -51.99
CA LYS B 414 3.38 25.40 -51.59
C LYS B 414 2.26 24.36 -51.67
N VAL B 415 2.33 23.46 -52.64
CA VAL B 415 1.30 22.42 -52.75
C VAL B 415 1.26 21.58 -51.49
N LEU B 416 2.43 21.24 -50.95
CA LEU B 416 2.51 20.37 -49.79
C LEU B 416 2.30 21.13 -48.49
N SER B 417 2.76 22.38 -48.42
CA SER B 417 2.65 23.15 -47.18
C SER B 417 1.21 23.48 -46.82
N GLU B 418 0.30 23.54 -47.79
CA GLU B 418 -1.10 23.81 -47.50
C GLU B 418 -1.89 22.55 -47.21
N LYS B 419 -1.22 21.40 -47.11
CA LYS B 419 -1.83 20.19 -46.58
C LYS B 419 -1.62 20.02 -45.08
N VAL B 420 -0.83 20.90 -44.46
CA VAL B 420 -0.66 20.90 -43.02
C VAL B 420 -1.84 21.68 -42.43
N ILE B 421 -2.88 20.97 -42.01
CA ILE B 421 -4.10 21.58 -41.50
C ILE B 421 -4.03 21.53 -39.97
N ILE B 422 -4.04 22.70 -39.34
CA ILE B 422 -3.97 22.77 -37.88
C ILE B 422 -4.80 23.94 -37.34
N PHE B 423 -5.19 24.87 -38.21
CA PHE B 423 -5.97 26.03 -37.81
C PHE B 423 -7.46 25.86 -38.11
N GLY B 424 -7.89 24.66 -38.48
CA GLY B 424 -9.29 24.43 -38.80
C GLY B 424 -9.62 24.89 -40.21
N MET B 425 -10.92 24.83 -40.50
CA MET B 425 -11.41 25.20 -41.83
C MET B 425 -12.84 25.70 -41.71
N GLY B 426 -13.26 26.44 -42.74
CA GLY B 426 -14.67 26.73 -42.92
C GLY B 426 -15.15 27.91 -42.08
N LYS B 427 -16.45 27.87 -41.77
CA LYS B 427 -17.08 28.98 -41.08
C LYS B 427 -16.58 29.13 -39.65
N ARG B 428 -16.02 28.07 -39.06
CA ARG B 428 -15.55 28.11 -37.68
C ARG B 428 -14.02 28.11 -37.59
N LYS B 429 -13.34 28.40 -38.70
CA LYS B 429 -11.89 28.43 -38.74
C LYS B 429 -11.32 29.37 -37.67
N CYS B 430 -10.07 29.14 -37.28
CA CYS B 430 -9.40 30.02 -36.35
C CYS B 430 -9.36 31.45 -36.88
N ILE B 431 -9.71 32.41 -36.01
CA ILE B 431 -9.70 33.82 -36.41
C ILE B 431 -8.39 34.51 -36.09
N GLY B 432 -7.51 33.88 -35.33
CA GLY B 432 -6.21 34.45 -35.02
C GLY B 432 -5.08 33.74 -35.74
N GLU B 433 -5.41 33.03 -36.82
CA GLU B 433 -4.39 32.28 -37.56
C GLU B 433 -3.27 33.20 -38.02
N THR B 434 -3.63 34.28 -38.72
CA THR B 434 -2.61 35.18 -39.25
C THR B 434 -1.76 35.77 -38.13
N ILE B 435 -2.38 36.07 -36.98
CA ILE B 435 -1.63 36.62 -35.87
C ILE B 435 -0.70 35.58 -35.26
N ALA B 436 -1.18 34.34 -35.14
CA ALA B 436 -0.35 33.29 -34.56
C ALA B 436 0.85 32.99 -35.44
N ARG B 437 0.67 32.97 -36.76
CA ARG B 437 1.78 32.69 -37.66
C ARG B 437 2.86 33.75 -37.56
N TRP B 438 2.48 35.00 -37.30
CA TRP B 438 3.46 36.07 -37.18
C TRP B 438 4.11 36.06 -35.80
N GLU B 439 3.34 35.75 -34.75
CA GLU B 439 3.91 35.68 -33.41
C GLU B 439 4.97 34.59 -33.33
N VAL B 440 4.66 33.41 -33.88
CA VAL B 440 5.60 32.29 -33.81
C VAL B 440 6.87 32.63 -34.58
N PHE B 441 6.73 33.19 -35.78
CA PHE B 441 7.90 33.47 -36.61
C PHE B 441 8.83 34.47 -35.93
N LEU B 442 8.28 35.56 -35.41
CA LEU B 442 9.14 36.63 -34.88
C LEU B 442 9.88 36.18 -33.64
N PHE B 443 9.18 35.58 -32.68
CA PHE B 443 9.85 35.10 -31.47
C PHE B 443 11.02 34.20 -31.83
N LEU B 444 10.80 33.24 -32.73
CA LEU B 444 11.88 32.34 -33.12
C LEU B 444 12.99 33.06 -33.86
N ALA B 445 12.63 33.93 -34.81
CA ALA B 445 13.65 34.62 -35.60
C ALA B 445 14.51 35.52 -34.72
N ILE B 446 13.87 36.31 -33.85
CA ILE B 446 14.63 37.23 -33.00
C ILE B 446 15.51 36.46 -32.03
N LEU B 447 15.02 35.34 -31.50
CA LEU B 447 15.78 34.56 -30.54
C LEU B 447 16.93 33.83 -31.21
N LEU B 448 16.62 33.01 -32.23
CA LEU B 448 17.64 32.17 -32.84
C LEU B 448 18.71 32.99 -33.56
N GLN B 449 18.45 34.26 -33.84
CA GLN B 449 19.51 35.13 -34.36
C GLN B 449 20.52 35.46 -33.28
N ARG B 450 20.06 35.59 -32.03
CA ARG B 450 20.89 36.03 -30.92
C ARG B 450 21.43 34.88 -30.07
N VAL B 451 20.63 33.85 -29.82
CA VAL B 451 20.96 32.83 -28.84
C VAL B 451 20.89 31.44 -29.47
N GLU B 452 21.47 30.47 -28.77
CA GLU B 452 21.48 29.07 -29.19
C GLU B 452 21.02 28.22 -28.03
N PHE B 453 19.96 27.45 -28.24
CA PHE B 453 19.40 26.59 -27.21
C PHE B 453 19.98 25.19 -27.30
N SER B 454 20.06 24.53 -26.15
CA SER B 454 20.66 23.19 -26.08
C SER B 454 20.16 22.49 -24.82
N VAL B 455 20.45 21.20 -24.75
CA VAL B 455 20.17 20.38 -23.56
C VAL B 455 21.35 19.43 -23.39
N PRO B 456 21.89 19.30 -22.18
CA PRO B 456 23.09 18.47 -22.00
C PRO B 456 22.80 16.98 -22.18
N LEU B 457 23.89 16.24 -22.41
CA LEU B 457 23.78 14.79 -22.50
C LEU B 457 23.37 14.21 -21.16
N GLY B 458 22.71 13.05 -21.20
CA GLY B 458 22.41 12.32 -19.99
C GLY B 458 21.19 12.77 -19.22
N VAL B 459 20.32 13.58 -19.82
CA VAL B 459 19.06 13.98 -19.19
C VAL B 459 17.91 13.49 -20.06
N LYS B 460 16.86 12.99 -19.42
CA LYS B 460 15.70 12.53 -20.16
C LYS B 460 14.91 13.71 -20.68
N VAL B 461 14.45 13.60 -21.93
CA VAL B 461 13.64 14.61 -22.59
C VAL B 461 12.48 13.87 -23.26
N ASP B 462 11.33 13.84 -22.59
CA ASP B 462 10.17 13.11 -23.09
C ASP B 462 9.47 13.93 -24.16
N MET B 463 9.61 13.52 -25.42
CA MET B 463 8.95 14.17 -26.54
C MET B 463 7.52 13.67 -26.74
N THR B 464 6.99 12.91 -25.79
CA THR B 464 5.67 12.31 -25.98
C THR B 464 4.57 13.33 -25.71
N PRO B 465 3.63 13.53 -26.64
CA PRO B 465 2.55 14.48 -26.38
C PRO B 465 1.60 13.98 -25.30
N ILE B 466 1.04 14.94 -24.56
CA ILE B 466 0.02 14.69 -23.55
C ILE B 466 -1.31 15.19 -24.10
N TYR B 467 -2.26 14.29 -24.27
CA TYR B 467 -3.48 14.64 -24.99
C TYR B 467 -4.24 15.77 -24.29
N GLY B 468 -4.99 16.52 -25.08
CA GLY B 468 -5.71 17.69 -24.63
C GLY B 468 -6.07 18.56 -25.81
N LEU B 469 -6.96 19.52 -25.54
CA LEU B 469 -7.33 20.48 -26.60
C LEU B 469 -6.08 21.01 -27.27
N THR B 470 -5.08 21.40 -26.47
CA THR B 470 -3.72 21.62 -26.95
C THR B 470 -2.82 20.59 -26.28
N MET B 471 -2.10 19.82 -27.09
CA MET B 471 -1.24 18.78 -26.55
C MET B 471 0.09 19.40 -26.13
N LYS B 472 0.37 19.34 -24.84
CA LYS B 472 1.61 19.81 -24.27
C LYS B 472 2.55 18.63 -24.06
N HIS B 473 3.72 18.91 -23.50
CA HIS B 473 4.72 17.89 -23.23
C HIS B 473 5.14 17.99 -21.77
N ALA B 474 5.79 16.93 -21.29
CA ALA B 474 6.30 16.95 -19.92
C ALA B 474 7.25 18.12 -19.74
N CYS B 475 7.09 18.84 -18.63
CA CYS B 475 7.95 19.99 -18.36
C CYS B 475 9.40 19.55 -18.22
N CYS B 476 10.27 20.19 -18.99
CA CYS B 476 11.71 19.94 -18.95
C CYS B 476 12.41 21.12 -18.31
N GLU B 477 13.22 20.85 -17.30
CA GLU B 477 13.87 21.89 -16.49
C GLU B 477 15.37 21.95 -16.75
N HIS B 478 15.83 21.51 -17.92
CA HIS B 478 17.25 21.37 -18.21
C HIS B 478 17.68 22.16 -19.45
N PHE B 479 16.87 23.10 -19.89
CA PHE B 479 17.24 23.92 -21.05
C PHE B 479 18.41 24.83 -20.70
N GLN B 480 19.23 25.10 -21.71
CA GLN B 480 20.34 26.04 -21.58
C GLN B 480 20.36 26.95 -22.80
N MET B 481 21.01 28.10 -22.65
CA MET B 481 21.00 29.14 -23.66
C MET B 481 22.31 29.90 -23.61
N GLN B 482 22.88 30.14 -24.79
CA GLN B 482 24.11 30.90 -24.91
C GLN B 482 23.99 31.90 -26.06
N LEU B 483 24.71 33.00 -25.95
CA LEU B 483 24.76 33.94 -27.05
C LEU B 483 25.62 33.32 -28.16
N ARG B 484 25.52 33.90 -29.35
CA ARG B 484 26.27 33.38 -30.50
C ARG B 484 27.49 34.20 -30.86
N SER B 485 27.44 35.52 -30.67
CA SER B 485 28.58 36.40 -30.96
C SER B 485 29.27 36.03 -32.28
N LEU C 10 30.94 -18.13 45.65
CA LEU C 10 29.65 -17.75 45.08
C LEU C 10 29.59 -18.08 43.59
N LYS C 11 28.51 -17.65 42.93
CA LYS C 11 28.32 -17.89 41.50
C LYS C 11 27.66 -16.66 40.88
N ASN C 12 27.80 -16.57 39.56
CA ASN C 12 27.07 -15.54 38.83
C ASN C 12 25.68 -16.07 38.47
N PRO C 13 24.63 -15.23 38.49
CA PRO C 13 23.29 -15.73 38.19
C PRO C 13 23.22 -16.28 36.78
N PRO C 14 22.56 -17.42 36.56
CA PRO C 14 22.52 -18.01 35.23
C PRO C 14 21.57 -17.25 34.31
N GLY C 15 21.65 -17.59 33.02
CA GLY C 15 20.82 -16.97 32.02
C GLY C 15 21.15 -17.44 30.62
N PRO C 16 20.24 -17.26 29.68
CA PRO C 16 20.48 -17.72 28.31
C PRO C 16 21.47 -16.81 27.60
N TRP C 17 21.86 -17.26 26.40
CA TRP C 17 22.77 -16.48 25.58
C TRP C 17 22.03 -15.29 24.95
N GLY C 18 22.69 -14.15 24.91
CA GLY C 18 22.08 -12.95 24.35
C GLY C 18 22.98 -12.30 23.33
N TRP C 19 22.36 -11.58 22.40
CA TRP C 19 23.10 -10.88 21.36
C TRP C 19 24.04 -9.86 22.00
N PRO C 20 25.21 -9.62 21.39
CA PRO C 20 26.18 -8.70 22.02
C PRO C 20 25.73 -7.25 22.06
N LEU C 21 24.84 -6.82 21.17
CA LEU C 21 24.42 -5.42 21.13
C LEU C 21 23.07 -5.18 21.80
N ILE C 22 22.03 -5.94 21.43
CA ILE C 22 20.69 -5.71 21.95
C ILE C 22 20.32 -6.62 23.12
N GLY C 23 21.11 -7.65 23.41
CA GLY C 23 20.76 -8.55 24.49
C GLY C 23 19.51 -9.34 24.17
N HIS C 24 18.67 -9.54 25.17
CA HIS C 24 17.47 -10.35 25.04
C HIS C 24 16.23 -9.51 24.77
N MET C 25 16.40 -8.29 24.24
CA MET C 25 15.26 -7.41 24.04
C MET C 25 14.22 -8.03 23.12
N LEU C 26 14.64 -8.92 22.23
CA LEU C 26 13.69 -9.57 21.33
C LEU C 26 12.97 -10.73 22.00
N THR C 27 13.64 -11.43 22.92
CA THR C 27 12.98 -12.53 23.62
C THR C 27 11.84 -12.03 24.49
N LEU C 28 12.05 -10.92 25.21
CA LEU C 28 10.98 -10.32 25.99
C LEU C 28 9.75 -10.07 25.13
N GLY C 29 9.93 -9.31 24.05
CA GLY C 29 8.82 -9.06 23.15
C GLY C 29 7.77 -8.15 23.79
N LYS C 30 6.53 -8.39 23.40
CA LYS C 30 5.39 -7.59 23.85
C LYS C 30 4.73 -8.16 25.11
N ASN C 31 5.18 -9.31 25.61
CA ASN C 31 4.67 -9.90 26.84
C ASN C 31 5.85 -10.36 27.69
N PRO C 32 6.57 -9.42 28.29
CA PRO C 32 7.76 -9.82 29.07
C PRO C 32 7.44 -10.73 30.23
N HIS C 33 6.23 -10.63 30.79
CA HIS C 33 5.87 -11.49 31.92
C HIS C 33 5.76 -12.95 31.50
N LEU C 34 5.29 -13.22 30.28
CA LEU C 34 5.22 -14.58 29.78
C LEU C 34 6.61 -15.09 29.39
N ALA C 35 7.41 -14.26 28.74
CA ALA C 35 8.74 -14.68 28.32
C ALA C 35 9.63 -14.99 29.52
N LEU C 36 9.59 -14.12 30.54
CA LEU C 36 10.41 -14.33 31.73
C LEU C 36 9.83 -15.40 32.65
N SER C 37 8.56 -15.76 32.46
CA SER C 37 8.00 -16.88 33.21
C SER C 37 8.42 -18.20 32.61
N ARG C 38 8.39 -18.31 31.27
CA ARG C 38 8.95 -19.48 30.61
C ARG C 38 10.45 -19.57 30.83
N MET C 39 11.13 -18.43 30.93
CA MET C 39 12.57 -18.43 31.12
C MET C 39 12.95 -18.91 32.52
N SER C 40 12.19 -18.48 33.54
CA SER C 40 12.48 -18.92 34.89
C SER C 40 12.22 -20.40 35.08
N GLN C 41 11.33 -20.97 34.26
CA GLN C 41 11.05 -22.40 34.34
C GLN C 41 12.28 -23.23 34.02
N GLN C 42 13.26 -22.65 33.33
CA GLN C 42 14.48 -23.33 32.92
C GLN C 42 15.70 -22.90 33.72
N TYR C 43 15.83 -21.62 34.05
CA TYR C 43 17.01 -21.08 34.70
C TYR C 43 16.80 -20.78 36.18
N GLY C 44 15.59 -20.84 36.69
CA GLY C 44 15.35 -20.78 38.12
C GLY C 44 14.86 -19.42 38.60
N ASP C 45 14.79 -19.32 39.93
CA ASP C 45 14.22 -18.15 40.60
C ASP C 45 15.11 -16.93 40.55
N VAL C 46 16.40 -17.08 40.24
CA VAL C 46 17.32 -15.96 40.10
C VAL C 46 18.05 -16.14 38.78
N LEU C 47 17.73 -15.29 37.81
CA LEU C 47 18.36 -15.35 36.50
C LEU C 47 18.75 -13.94 36.06
N GLN C 48 19.56 -13.88 35.00
CA GLN C 48 20.17 -12.64 34.56
C GLN C 48 19.98 -12.50 33.05
N ILE C 49 19.53 -11.32 32.63
CA ILE C 49 19.37 -11.00 31.22
C ILE C 49 20.10 -9.69 30.93
N ARG C 50 19.99 -9.22 29.69
CA ARG C 50 20.54 -7.93 29.29
C ARG C 50 19.57 -7.29 28.29
N ILE C 51 19.24 -6.03 28.54
CA ILE C 51 18.48 -5.21 27.60
C ILE C 51 19.45 -4.15 27.08
N GLY C 52 19.78 -4.23 25.80
CA GLY C 52 20.87 -3.44 25.25
C GLY C 52 22.19 -3.90 25.82
N SER C 53 22.82 -3.06 26.63
CA SER C 53 24.01 -3.43 27.36
C SER C 53 23.79 -3.46 28.87
N THR C 54 22.57 -3.15 29.33
CA THR C 54 22.29 -3.06 30.75
C THR C 54 21.92 -4.43 31.29
N PRO C 55 22.66 -4.97 32.26
CA PRO C 55 22.24 -6.24 32.87
C PRO C 55 21.02 -6.05 33.77
N VAL C 56 20.21 -7.10 33.85
CA VAL C 56 19.00 -7.08 34.66
C VAL C 56 18.84 -8.44 35.32
N VAL C 57 18.54 -8.44 36.62
CA VAL C 57 18.25 -9.66 37.37
C VAL C 57 16.74 -9.79 37.51
N VAL C 58 16.21 -10.98 37.27
CA VAL C 58 14.78 -11.25 37.31
C VAL C 58 14.52 -12.27 38.40
N LEU C 59 13.68 -11.90 39.37
CA LEU C 59 13.37 -12.76 40.50
C LEU C 59 12.02 -13.42 40.28
N SER C 60 11.96 -14.74 40.52
CA SER C 60 10.77 -15.55 40.36
C SER C 60 10.71 -16.53 41.51
N GLY C 61 9.50 -16.89 41.92
CA GLY C 61 9.36 -17.91 42.95
C GLY C 61 8.89 -17.27 44.23
N LEU C 62 7.95 -17.92 44.92
CA LEU C 62 7.39 -17.29 46.11
C LEU C 62 8.43 -17.15 47.21
N ASP C 63 9.18 -18.23 47.48
CA ASP C 63 10.14 -18.21 48.58
C ASP C 63 11.34 -17.32 48.26
N THR C 64 11.79 -17.31 47.01
CA THR C 64 12.97 -16.52 46.66
C THR C 64 12.70 -15.02 46.68
N ILE C 65 11.47 -14.61 46.33
CA ILE C 65 11.14 -13.20 46.35
C ILE C 65 10.90 -12.71 47.77
N ARG C 66 10.33 -13.56 48.63
CA ARG C 66 10.22 -13.21 50.04
C ARG C 66 11.59 -13.12 50.70
N GLN C 67 12.52 -13.97 50.28
CA GLN C 67 13.88 -13.91 50.83
C GLN C 67 14.57 -12.61 50.48
N ALA C 68 14.30 -12.06 49.28
CA ALA C 68 15.01 -10.89 48.78
C ALA C 68 14.35 -9.58 49.21
N LEU C 69 13.03 -9.49 49.10
CA LEU C 69 12.36 -8.21 49.39
C LEU C 69 12.06 -8.04 50.86
N VAL C 70 11.91 -9.12 51.62
CA VAL C 70 11.55 -9.03 53.03
C VAL C 70 12.79 -9.20 53.90
N ARG C 71 13.34 -10.41 53.91
CA ARG C 71 14.45 -10.71 54.82
C ARG C 71 15.69 -9.91 54.47
N GLN C 72 15.91 -9.61 53.20
CA GLN C 72 17.00 -8.74 52.76
C GLN C 72 16.47 -7.45 52.16
N GLY C 73 15.33 -6.98 52.66
CA GLY C 73 14.65 -5.86 52.02
C GLY C 73 15.48 -4.60 51.92
N ASP C 74 16.35 -4.34 52.90
CA ASP C 74 17.15 -3.12 52.86
C ASP C 74 18.18 -3.16 51.74
N ASP C 75 18.51 -4.34 51.22
CA ASP C 75 19.43 -4.44 50.09
C ASP C 75 18.76 -4.19 48.76
N PHE C 76 17.43 -4.28 48.68
CA PHE C 76 16.71 -4.17 47.43
C PHE C 76 15.69 -3.04 47.41
N LYS C 77 15.77 -2.10 48.35
CA LYS C 77 14.75 -1.07 48.50
C LYS C 77 14.97 0.13 47.59
N GLY C 78 15.90 0.05 46.64
CA GLY C 78 16.20 1.18 45.78
C GLY C 78 15.50 1.09 44.43
N ARG C 79 15.46 2.23 43.74
CA ARG C 79 14.95 2.33 42.38
C ARG C 79 16.09 2.52 41.39
N PRO C 80 16.06 1.89 40.23
CA PRO C 80 17.06 2.18 39.20
C PRO C 80 16.83 3.57 38.60
N ASP C 81 17.89 4.08 37.96
CA ASP C 81 17.85 5.41 37.37
C ASP C 81 17.52 5.32 35.88
N LEU C 82 16.26 5.00 35.61
CA LEU C 82 15.76 4.85 34.25
C LEU C 82 15.35 6.21 33.69
N TYR C 83 15.40 6.32 32.37
CA TYR C 83 15.06 7.58 31.72
C TYR C 83 13.58 7.91 31.91
N THR C 84 12.70 6.95 31.66
CA THR C 84 11.27 7.21 31.77
C THR C 84 10.88 7.69 33.17
N PHE C 85 11.61 7.25 34.19
CA PHE C 85 11.28 7.66 35.56
C PHE C 85 11.57 9.15 35.77
N THR C 86 12.59 9.69 35.10
CA THR C 86 12.95 11.10 35.27
C THR C 86 11.91 12.05 34.68
N LEU C 87 10.94 11.54 33.92
CA LEU C 87 9.86 12.34 33.38
C LEU C 87 8.65 12.40 34.31
N ILE C 88 8.70 11.74 35.46
CA ILE C 88 7.56 11.64 36.36
C ILE C 88 7.74 12.64 37.48
N SER C 89 6.71 13.48 37.67
CA SER C 89 6.70 14.47 38.75
C SER C 89 8.01 15.26 38.78
N ASN C 90 8.40 15.75 37.60
CA ASN C 90 9.60 16.57 37.46
C ASN C 90 10.85 15.84 37.92
N GLY C 91 10.84 14.51 37.86
CA GLY C 91 11.99 13.72 38.26
C GLY C 91 12.18 13.58 39.75
N GLN C 92 11.18 13.94 40.54
CA GLN C 92 11.29 13.91 42.00
C GLN C 92 10.16 13.08 42.62
N SER C 93 9.67 12.08 41.89
CA SER C 93 8.61 11.24 42.39
C SER C 93 9.09 10.41 43.57
N MET C 94 8.22 10.26 44.58
CA MET C 94 8.55 9.41 45.72
C MET C 94 8.76 7.97 45.28
N SER C 95 7.87 7.47 44.42
CA SER C 95 7.87 6.05 44.08
C SER C 95 8.90 5.71 43.00
N PHE C 96 9.24 6.66 42.13
CA PHE C 96 10.05 6.37 40.95
C PHE C 96 11.43 7.00 40.95
N SER C 97 11.72 7.95 41.83
CA SER C 97 13.03 8.55 41.84
C SER C 97 14.05 7.57 42.43
N PRO C 98 15.33 7.68 42.02
CA PRO C 98 16.36 6.79 42.60
C PRO C 98 16.61 7.03 44.07
N ASP C 99 16.12 8.15 44.61
CA ASP C 99 16.20 8.40 46.05
C ASP C 99 15.59 7.23 46.82
N SER C 100 16.42 6.58 47.63
CA SER C 100 15.94 5.47 48.45
C SER C 100 16.51 5.50 49.86
N GLY C 101 17.13 6.61 50.28
CA GLY C 101 17.69 6.73 51.60
C GLY C 101 16.62 7.13 52.61
N PRO C 102 17.03 7.86 53.65
CA PRO C 102 16.03 8.34 54.62
C PRO C 102 15.13 9.43 54.07
N VAL C 103 15.48 10.05 52.95
CA VAL C 103 14.59 11.01 52.32
C VAL C 103 13.33 10.32 51.81
N TRP C 104 13.50 9.19 51.13
CA TRP C 104 12.36 8.42 50.67
C TRP C 104 11.54 7.90 51.86
N ALA C 105 12.23 7.33 52.85
CA ALA C 105 11.54 6.80 54.03
C ALA C 105 10.73 7.88 54.74
N ALA C 106 11.19 9.13 54.70
CA ALA C 106 10.46 10.21 55.35
C ALA C 106 9.22 10.59 54.54
N ARG C 107 9.35 10.64 53.21
CA ARG C 107 8.19 10.93 52.37
C ARG C 107 7.18 9.79 52.42
N ARG C 108 7.66 8.55 52.49
CA ARG C 108 6.75 7.41 52.61
C ARG C 108 5.94 7.48 53.89
N ARG C 109 6.57 7.89 54.99
CA ARG C 109 5.83 8.01 56.25
C ARG C 109 4.78 9.10 56.17
N LEU C 110 5.04 10.17 55.42
CA LEU C 110 4.02 11.21 55.22
C LEU C 110 2.82 10.65 54.49
N ALA C 111 3.05 9.84 53.46
CA ALA C 111 1.94 9.29 52.68
C ALA C 111 1.15 8.28 53.51
N GLN C 112 1.84 7.37 54.19
CA GLN C 112 1.16 6.37 55.01
C GLN C 112 0.25 7.03 56.04
N ASN C 113 0.73 8.08 56.69
CA ASN C 113 -0.08 8.77 57.68
C ASN C 113 -1.20 9.56 57.02
N GLY C 114 -0.92 10.17 55.87
CA GLY C 114 -1.97 10.89 55.15
C GLY C 114 -3.11 9.99 54.73
N LEU C 115 -2.79 8.77 54.28
CA LEU C 115 -3.84 7.84 53.89
C LEU C 115 -4.64 7.39 55.10
N LYS C 116 -3.95 6.91 56.12
CA LYS C 116 -4.62 6.43 57.32
C LYS C 116 -5.47 7.52 57.97
N SER C 117 -5.08 8.79 57.83
CA SER C 117 -5.79 9.85 58.52
C SER C 117 -7.13 10.16 57.84
N PHE C 118 -7.19 10.07 56.52
CA PHE C 118 -8.37 10.47 55.75
C PHE C 118 -8.96 9.32 54.95
N SER C 119 -8.70 8.08 55.36
CA SER C 119 -9.24 6.92 54.67
C SER C 119 -9.74 5.88 55.66
N ILE C 120 -8.85 5.41 56.53
CA ILE C 120 -9.20 4.39 57.50
C ILE C 120 -9.77 4.97 58.79
N ALA C 121 -9.51 6.24 59.08
CA ALA C 121 -10.00 6.85 60.31
C ALA C 121 -11.51 7.07 60.24
N SER C 122 -12.10 7.23 61.43
CA SER C 122 -13.53 7.44 61.52
C SER C 122 -13.90 8.82 61.01
N ASP C 123 -15.02 8.89 60.30
CA ASP C 123 -15.50 10.17 59.76
C ASP C 123 -16.22 10.95 60.85
N PRO C 124 -15.83 12.21 61.09
CA PRO C 124 -16.57 13.00 62.10
C PRO C 124 -18.05 13.12 61.80
N ALA C 125 -18.46 13.04 60.53
CA ALA C 125 -19.88 13.15 60.22
C ALA C 125 -20.65 11.95 60.73
N SER C 126 -20.10 10.75 60.51
CA SER C 126 -20.69 9.50 61.00
C SER C 126 -19.59 8.75 61.73
N SER C 127 -19.76 8.56 63.04
CA SER C 127 -18.73 7.89 63.84
C SER C 127 -18.61 6.40 63.49
N THR C 128 -19.72 5.76 63.11
CA THR C 128 -19.73 4.32 62.96
C THR C 128 -18.79 3.88 61.83
N SER C 129 -18.90 4.51 60.66
CA SER C 129 -18.14 4.10 59.49
C SER C 129 -16.92 5.02 59.34
N CYS C 130 -16.02 4.64 58.44
CA CYS C 130 -14.82 5.42 58.19
C CYS C 130 -14.98 6.27 56.94
N TYR C 131 -13.95 7.09 56.67
CA TYR C 131 -13.97 7.97 55.51
C TYR C 131 -14.18 7.17 54.23
N LEU C 132 -13.43 6.07 54.08
CA LEU C 132 -13.47 5.32 52.82
C LEU C 132 -14.83 4.71 52.58
N GLU C 133 -15.43 4.10 53.61
CA GLU C 133 -16.76 3.50 53.43
C GLU C 133 -17.81 4.56 53.12
N GLU C 134 -17.69 5.73 53.73
CA GLU C 134 -18.62 6.81 53.43
C GLU C 134 -18.51 7.25 51.97
N HIS C 135 -17.27 7.40 51.48
CA HIS C 135 -17.07 7.84 50.11
C HIS C 135 -17.50 6.78 49.10
N VAL C 136 -17.13 5.51 49.34
CA VAL C 136 -17.46 4.46 48.39
C VAL C 136 -18.96 4.26 48.31
N SER C 137 -19.64 4.31 49.46
CA SER C 137 -21.10 4.17 49.46
C SER C 137 -21.75 5.26 48.62
N LYS C 138 -21.24 6.50 48.73
CA LYS C 138 -21.77 7.59 47.94
C LYS C 138 -21.60 7.32 46.45
N GLU C 139 -20.40 6.93 46.04
CA GLU C 139 -20.11 6.79 44.61
C GLU C 139 -20.75 5.54 44.02
N ALA C 140 -20.92 4.49 44.83
CA ALA C 140 -21.58 3.29 44.32
C ALA C 140 -23.05 3.56 44.02
N GLU C 141 -23.68 4.47 44.76
CA GLU C 141 -25.06 4.85 44.45
C GLU C 141 -25.13 5.67 43.17
N VAL C 142 -24.25 6.66 43.05
CA VAL C 142 -24.22 7.46 41.82
C VAL C 142 -23.95 6.56 40.62
N LEU C 143 -23.10 5.56 40.80
CA LEU C 143 -22.77 4.66 39.69
C LEU C 143 -24.01 3.87 39.25
N ILE C 144 -24.76 3.33 40.21
CA ILE C 144 -25.96 2.57 39.88
C ILE C 144 -26.98 3.48 39.19
N SER C 145 -27.09 4.72 39.65
CA SER C 145 -28.01 5.66 39.03
C SER C 145 -27.55 6.02 37.62
N THR C 146 -26.25 6.21 37.44
CA THR C 146 -25.72 6.53 36.12
C THR C 146 -25.95 5.39 35.13
N LEU C 147 -25.82 4.15 35.61
CA LEU C 147 -26.01 3.00 34.73
C LEU C 147 -27.48 2.76 34.42
N GLN C 148 -28.38 3.09 35.35
CA GLN C 148 -29.81 2.97 35.08
C GLN C 148 -30.23 3.88 33.93
N GLU C 149 -29.66 5.09 33.89
CA GLU C 149 -29.97 6.01 32.81
C GLU C 149 -29.46 5.51 31.47
N LEU C 150 -28.31 4.82 31.47
CA LEU C 150 -27.77 4.31 30.21
C LEU C 150 -28.62 3.19 29.64
N MET C 151 -29.26 2.40 30.50
CA MET C 151 -30.17 1.36 30.02
C MET C 151 -31.51 1.92 29.55
N ALA C 152 -31.83 3.16 29.89
CA ALA C 152 -33.07 3.76 29.42
C ALA C 152 -32.98 4.16 27.95
N GLY C 153 -31.80 4.57 27.50
CA GLY C 153 -31.60 4.98 26.13
C GLY C 153 -30.78 3.98 25.34
N PRO C 154 -29.45 4.16 25.35
CA PRO C 154 -28.59 3.29 24.53
C PRO C 154 -28.83 1.80 24.74
N GLY C 155 -29.25 1.38 25.92
CA GLY C 155 -29.43 -0.03 26.22
C GLY C 155 -28.16 -0.79 26.52
N HIS C 156 -27.00 -0.14 26.45
CA HIS C 156 -25.73 -0.77 26.77
C HIS C 156 -24.72 0.33 27.08
N PHE C 157 -23.54 -0.08 27.55
CA PHE C 157 -22.55 0.90 27.99
C PHE C 157 -21.18 0.23 28.08
N ASN C 158 -20.15 1.07 28.18
CA ASN C 158 -18.80 0.62 28.46
C ASN C 158 -18.52 0.84 29.94
N PRO C 159 -18.25 -0.21 30.73
CA PRO C 159 -18.12 0.01 32.18
C PRO C 159 -16.93 0.87 32.55
N TYR C 160 -15.80 0.73 31.86
CA TYR C 160 -14.59 1.46 32.26
C TYR C 160 -14.82 2.96 32.26
N ARG C 161 -15.61 3.46 31.31
CA ARG C 161 -15.82 4.89 31.20
C ARG C 161 -16.43 5.47 32.47
N TYR C 162 -17.30 4.71 33.13
CA TYR C 162 -18.02 5.18 34.31
C TYR C 162 -17.44 4.67 35.62
N VAL C 163 -16.78 3.51 35.60
CA VAL C 163 -16.09 3.05 36.79
C VAL C 163 -14.92 3.97 37.11
N VAL C 164 -14.20 4.42 36.08
CA VAL C 164 -13.01 5.25 36.31
C VAL C 164 -13.38 6.55 37.01
N VAL C 165 -14.59 7.06 36.78
CA VAL C 165 -15.01 8.29 37.44
C VAL C 165 -15.39 8.01 38.89
N SER C 166 -16.15 6.95 39.13
CA SER C 166 -16.53 6.60 40.49
C SER C 166 -15.31 6.29 41.35
N VAL C 167 -14.32 5.60 40.78
CA VAL C 167 -13.13 5.27 41.54
C VAL C 167 -12.24 6.50 41.74
N THR C 168 -12.25 7.42 40.78
CA THR C 168 -11.44 8.62 40.92
C THR C 168 -12.02 9.56 41.98
N ASN C 169 -13.35 9.67 42.04
CA ASN C 169 -13.97 10.54 43.03
C ASN C 169 -13.67 10.10 44.46
N VAL C 170 -13.34 8.83 44.67
CA VAL C 170 -12.99 8.36 46.01
C VAL C 170 -11.57 8.80 46.37
N ILE C 171 -10.60 8.42 45.56
CA ILE C 171 -9.22 8.83 45.81
C ILE C 171 -9.08 10.35 45.69
N CYS C 172 -9.95 10.98 44.89
CA CYS C 172 -9.88 12.42 44.73
C CYS C 172 -10.43 13.15 45.95
N ALA C 173 -11.50 12.62 46.56
CA ALA C 173 -12.00 13.19 47.81
C ALA C 173 -11.01 13.00 48.94
N ILE C 174 -10.24 11.91 48.93
CA ILE C 174 -9.28 11.66 49.98
C ILE C 174 -8.08 12.59 49.86
N CYS C 175 -7.72 12.98 48.64
CA CYS C 175 -6.53 13.79 48.39
C CYS C 175 -6.84 15.27 48.23
N PHE C 176 -7.99 15.62 47.68
CA PHE C 176 -8.31 17.02 47.40
C PHE C 176 -9.65 17.45 47.97
N GLY C 177 -10.36 16.57 48.67
CA GLY C 177 -11.63 16.96 49.26
C GLY C 177 -12.64 17.45 48.24
N ARG C 178 -12.61 16.89 47.04
CA ARG C 178 -13.51 17.29 45.97
C ARG C 178 -13.99 16.05 45.23
N ARG C 179 -15.08 16.22 44.49
CA ARG C 179 -15.61 15.18 43.62
C ARG C 179 -15.99 15.83 42.30
N TYR C 180 -16.17 14.99 41.28
CA TYR C 180 -16.45 15.47 39.94
C TYR C 180 -17.60 14.69 39.32
N ASP C 181 -18.28 15.35 38.38
CA ASP C 181 -19.41 14.74 37.71
C ASP C 181 -18.92 13.66 36.74
N HIS C 182 -19.86 12.78 36.35
CA HIS C 182 -19.51 11.69 35.45
C HIS C 182 -19.16 12.19 34.06
N ASN C 183 -19.57 13.42 33.72
CA ASN C 183 -19.28 14.04 32.44
C ASN C 183 -18.48 15.31 32.69
N HIS C 184 -17.22 15.14 33.08
CA HIS C 184 -16.33 16.24 33.41
C HIS C 184 -15.10 16.14 32.52
N GLN C 185 -14.84 17.21 31.76
CA GLN C 185 -13.72 17.16 30.82
C GLN C 185 -12.38 17.36 31.50
N GLU C 186 -12.32 18.13 32.59
CA GLU C 186 -11.09 18.22 33.37
C GLU C 186 -10.66 16.86 33.87
N LEU C 187 -11.64 16.05 34.30
CA LEU C 187 -11.35 14.75 34.92
C LEU C 187 -11.05 13.71 33.86
N LEU C 188 -11.98 13.54 32.92
CA LEU C 188 -11.81 12.52 31.89
C LEU C 188 -10.56 12.81 31.05
N SER C 189 -10.22 14.09 30.89
CA SER C 189 -9.00 14.44 30.17
C SER C 189 -7.78 13.81 30.82
N LEU C 190 -7.73 13.80 32.15
CA LEU C 190 -6.57 13.24 32.83
C LEU C 190 -6.56 11.73 32.82
N VAL C 191 -7.65 11.10 33.24
CA VAL C 191 -7.66 9.69 33.60
C VAL C 191 -8.15 8.80 32.46
N ASN C 192 -9.24 9.17 31.80
CA ASN C 192 -9.81 8.33 30.76
C ASN C 192 -9.37 8.73 29.36
N LEU C 193 -8.91 9.97 29.19
CA LEU C 193 -8.54 10.44 27.86
C LEU C 193 -7.40 9.61 27.30
N ASN C 194 -6.26 9.59 27.99
CA ASN C 194 -5.20 8.69 27.56
C ASN C 194 -4.20 8.43 28.69
N ASN C 195 -4.32 7.22 29.25
CA ASN C 195 -3.41 6.75 30.18
C ASN C 195 -2.58 5.71 29.57
N ASN C 196 -1.55 6.15 28.93
CA ASN C 196 -0.50 5.27 28.48
C ASN C 196 0.66 5.26 29.46
N PHE C 197 0.40 5.71 30.69
CA PHE C 197 1.42 5.69 31.72
C PHE C 197 1.92 4.27 31.98
N GLY C 198 0.99 3.32 32.06
CA GLY C 198 1.39 1.93 32.25
C GLY C 198 2.20 1.38 31.10
N GLU C 199 1.88 1.77 29.88
CA GLU C 199 2.55 1.19 28.73
C GLU C 199 4.02 1.60 28.64
N VAL C 200 4.36 2.81 29.06
CA VAL C 200 5.75 3.25 28.97
C VAL C 200 6.53 2.88 30.23
N VAL C 201 5.87 2.75 31.37
CA VAL C 201 6.55 2.51 32.64
C VAL C 201 6.70 1.03 32.93
N GLY C 202 5.96 0.16 32.25
CA GLY C 202 6.09 -1.27 32.43
C GLY C 202 7.53 -1.73 32.33
N SER C 203 7.93 -2.64 33.21
CA SER C 203 9.29 -3.15 33.20
C SER C 203 9.65 -3.67 31.83
N GLY C 204 10.89 -3.45 31.42
CA GLY C 204 11.37 -3.90 30.13
C GLY C 204 11.13 -2.96 28.98
N ASN C 205 10.78 -1.70 29.25
CA ASN C 205 10.57 -0.74 28.18
C ASN C 205 11.87 -0.54 27.41
N PRO C 206 11.87 -0.72 26.09
CA PRO C 206 13.14 -0.58 25.35
C PRO C 206 13.73 0.82 25.43
N ALA C 207 12.89 1.85 25.52
CA ALA C 207 13.38 3.23 25.54
C ALA C 207 14.29 3.49 26.73
N ASP C 208 14.16 2.73 27.82
CA ASP C 208 15.00 2.93 28.99
C ASP C 208 16.41 2.37 28.81
N PHE C 209 16.58 1.39 27.92
CA PHE C 209 17.86 0.71 27.74
C PHE C 209 18.45 0.89 26.36
N ILE C 210 17.71 1.44 25.40
CA ILE C 210 18.23 1.74 24.07
C ILE C 210 18.24 3.25 23.89
N PRO C 211 19.34 3.94 24.19
CA PRO C 211 19.31 5.41 24.23
C PRO C 211 18.86 6.06 22.93
N ILE C 212 18.96 5.36 21.80
CA ILE C 212 18.64 5.99 20.52
C ILE C 212 17.14 6.14 20.32
N LEU C 213 16.33 5.30 20.97
CA LEU C 213 14.88 5.36 20.79
C LEU C 213 14.24 6.57 21.45
N ARG C 214 14.95 7.27 22.34
CA ARG C 214 14.37 8.45 22.97
C ARG C 214 14.29 9.61 21.98
N TYR C 215 15.32 9.77 21.14
CA TYR C 215 15.40 10.90 20.23
C TYR C 215 14.70 10.64 18.90
N LEU C 216 14.43 9.39 18.56
CA LEU C 216 13.70 9.07 17.34
C LEU C 216 12.23 9.43 17.51
N PRO C 217 11.46 9.47 16.41
CA PRO C 217 10.01 9.70 16.53
C PRO C 217 9.34 8.63 17.39
N ASN C 218 8.93 9.02 18.60
CA ASN C 218 8.24 8.10 19.53
C ASN C 218 6.92 8.73 19.94
N PRO C 219 5.80 8.34 19.31
CA PRO C 219 4.52 8.97 19.69
C PRO C 219 4.11 8.62 21.11
N SER C 220 4.40 7.40 21.57
CA SER C 220 4.00 7.00 22.91
C SER C 220 4.80 7.75 23.97
N LEU C 221 6.09 7.98 23.71
CA LEU C 221 6.91 8.70 24.68
C LEU C 221 6.58 10.18 24.74
N ASN C 222 6.09 10.75 23.63
CA ASN C 222 5.75 12.17 23.63
C ASN C 222 4.44 12.44 24.36
N ALA C 223 3.44 11.57 24.19
CA ALA C 223 2.21 11.72 24.96
C ALA C 223 2.48 11.51 26.45
N PHE C 224 3.53 10.77 26.80
CA PHE C 224 3.88 10.57 28.19
C PHE C 224 4.46 11.84 28.80
N LYS C 225 5.33 12.54 28.07
CA LYS C 225 5.84 13.82 28.54
C LYS C 225 4.70 14.81 28.72
N ASP C 226 3.72 14.77 27.83
CA ASP C 226 2.57 15.68 27.92
C ASP C 226 1.66 15.30 29.08
N LEU C 227 1.43 14.00 29.27
CA LEU C 227 0.59 13.56 30.38
C LEU C 227 1.11 14.08 31.72
N ASN C 228 2.43 14.05 31.90
CA ASN C 228 3.01 14.42 33.19
C ASN C 228 2.93 15.93 33.43
N GLU C 229 3.27 16.73 32.42
CA GLU C 229 3.15 18.18 32.59
C GLU C 229 1.68 18.57 32.81
N LYS C 230 0.76 17.83 32.20
CA LYS C 230 -0.66 18.08 32.43
C LYS C 230 -1.03 17.78 33.88
N PHE C 231 -0.53 16.67 34.42
CA PHE C 231 -0.81 16.34 35.82
C PHE C 231 -0.15 17.33 36.77
N TYR C 232 1.13 17.67 36.52
CA TYR C 232 1.83 18.59 37.40
C TYR C 232 1.16 19.96 37.41
N SER C 233 0.56 20.37 36.30
CA SER C 233 -0.21 21.62 36.30
C SER C 233 -1.48 21.46 37.11
N PHE C 234 -2.18 20.33 36.96
CA PHE C 234 -3.38 20.10 37.75
C PHE C 234 -3.07 20.08 39.24
N MET C 235 -1.94 19.47 39.62
CA MET C 235 -1.51 19.51 41.01
C MET C 235 -1.31 20.94 41.48
N GLN C 236 -0.61 21.74 40.69
CA GLN C 236 -0.35 23.13 41.07
C GLN C 236 -1.66 23.90 41.22
N LYS C 237 -2.64 23.62 40.36
CA LYS C 237 -3.95 24.24 40.50
C LYS C 237 -4.64 23.78 41.78
N MET C 238 -4.51 22.49 42.10
CA MET C 238 -5.19 21.93 43.27
C MET C 238 -4.55 22.40 44.58
N VAL C 239 -3.23 22.56 44.58
CA VAL C 239 -2.54 22.97 45.81
C VAL C 239 -2.64 24.47 46.01
N LYS C 240 -2.55 25.26 44.94
CA LYS C 240 -2.73 26.70 45.06
C LYS C 240 -4.13 27.03 45.55
N GLU C 241 -5.12 26.26 45.12
CA GLU C 241 -6.51 26.52 45.54
C GLU C 241 -6.74 26.13 46.99
N HIS C 242 -6.04 25.13 47.50
CA HIS C 242 -6.20 24.75 48.90
C HIS C 242 -5.48 25.72 49.83
N TYR C 243 -4.34 26.28 49.40
CA TYR C 243 -3.63 27.24 50.23
C TYR C 243 -4.42 28.53 50.37
N LYS C 244 -5.21 28.88 49.35
CA LYS C 244 -6.01 30.10 49.36
C LYS C 244 -7.15 30.03 50.37
N THR C 245 -7.49 28.83 50.85
CA THR C 245 -8.57 28.66 51.82
C THR C 245 -8.10 27.86 53.04
N PHE C 246 -6.80 27.82 53.30
CA PHE C 246 -6.22 26.96 54.32
C PHE C 246 -6.50 27.54 55.71
N GLU C 247 -7.17 26.75 56.54
CA GLU C 247 -7.36 27.04 57.96
C GLU C 247 -6.43 26.14 58.76
N LYS C 248 -5.71 26.73 59.71
CA LYS C 248 -4.66 26.00 60.41
C LYS C 248 -5.20 24.81 61.20
N GLY C 249 -6.38 24.95 61.78
CA GLY C 249 -6.95 23.91 62.61
C GLY C 249 -7.82 22.92 61.86
N HIS C 250 -8.37 23.35 60.73
CA HIS C 250 -9.30 22.54 59.93
C HIS C 250 -8.55 21.95 58.72
N ILE C 251 -7.97 20.77 58.93
CA ILE C 251 -7.29 20.02 57.87
C ILE C 251 -8.33 19.17 57.16
N ARG C 252 -8.58 19.47 55.89
CA ARG C 252 -9.69 18.88 55.15
C ARG C 252 -9.33 17.57 54.44
N ASP C 253 -8.09 17.43 53.96
CA ASP C 253 -7.72 16.28 53.13
C ASP C 253 -6.20 16.09 53.20
N ILE C 254 -5.68 15.17 52.39
CA ILE C 254 -4.25 14.87 52.42
C ILE C 254 -3.46 16.08 51.96
N THR C 255 -3.99 16.84 51.01
CA THR C 255 -3.28 18.04 50.55
C THR C 255 -3.09 19.04 51.69
N ASP C 256 -4.13 19.23 52.50
CA ASP C 256 -4.01 20.15 53.63
C ASP C 256 -2.96 19.67 54.62
N SER C 257 -2.92 18.36 54.89
CA SER C 257 -1.94 17.82 55.83
C SER C 257 -0.52 17.92 55.30
N LEU C 258 -0.35 18.01 53.98
CA LEU C 258 0.97 18.23 53.40
C LEU C 258 1.35 19.70 53.36
N ILE C 259 0.37 20.58 53.14
CA ILE C 259 0.60 22.01 53.33
C ILE C 259 1.00 22.30 54.77
N GLU C 260 0.32 21.67 55.72
CA GLU C 260 0.65 21.85 57.13
C GLU C 260 2.09 21.46 57.44
N HIS C 261 2.61 20.45 56.73
CA HIS C 261 3.96 19.95 57.01
C HIS C 261 5.04 20.77 56.34
N CYS C 262 4.69 21.66 55.40
CA CYS C 262 5.67 22.57 54.84
C CYS C 262 5.97 23.72 55.78
N GLN C 263 4.95 24.15 56.55
CA GLN C 263 5.12 25.23 57.53
C GLN C 263 5.63 24.66 58.86
N GLU C 264 6.79 24.00 58.79
CA GLU C 264 7.30 23.27 59.94
C GLU C 264 8.77 23.62 60.20
N LYS C 265 9.08 23.91 61.45
CA LYS C 265 10.43 24.25 61.89
C LYS C 265 10.97 23.19 62.83
N GLN C 274 15.14 19.29 55.75
CA GLN C 274 15.80 18.36 54.86
C GLN C 274 14.93 18.02 53.67
N LEU C 275 13.65 18.30 53.76
CA LEU C 275 12.74 18.05 52.66
C LEU C 275 12.29 19.30 52.01
N SER C 276 12.39 19.41 50.70
CA SER C 276 11.92 20.59 49.99
C SER C 276 10.40 20.57 49.92
N ASP C 277 9.81 21.72 49.60
CA ASP C 277 8.36 21.80 49.50
C ASP C 277 7.83 20.99 48.34
N GLU C 278 8.61 20.87 47.26
CA GLU C 278 8.16 20.10 46.10
C GLU C 278 8.11 18.62 46.41
N LYS C 279 9.15 18.09 47.06
CA LYS C 279 9.18 16.68 47.42
C LYS C 279 8.12 16.30 48.44
N ILE C 280 7.53 17.28 49.12
CA ILE C 280 6.44 17.00 50.07
C ILE C 280 5.08 17.04 49.37
N ILE C 281 4.87 18.04 48.52
CA ILE C 281 3.56 18.26 47.95
C ILE C 281 3.27 17.29 46.81
N ASN C 282 4.29 16.91 46.04
CA ASN C 282 4.06 16.01 44.91
C ASN C 282 3.82 14.57 45.34
N ILE C 283 3.59 14.32 46.63
CA ILE C 283 3.19 13.00 47.07
C ILE C 283 1.75 12.71 46.69
N VAL C 284 0.92 13.74 46.56
CA VAL C 284 -0.48 13.50 46.18
C VAL C 284 -0.56 12.93 44.78
N LEU C 285 0.43 13.21 43.93
CA LEU C 285 0.43 12.65 42.58
C LEU C 285 0.64 11.14 42.64
N ASP C 286 1.56 10.67 43.48
CA ASP C 286 1.76 9.24 43.63
C ASP C 286 0.54 8.58 44.23
N LEU C 287 -0.08 9.21 45.23
CA LEU C 287 -1.29 8.66 45.82
C LEU C 287 -2.44 8.72 44.84
N PHE C 288 -2.67 9.88 44.23
CA PHE C 288 -3.75 10.02 43.26
C PHE C 288 -3.53 9.11 42.06
N GLY C 289 -2.30 9.00 41.58
CA GLY C 289 -1.99 8.19 40.44
C GLY C 289 -2.26 6.72 40.65
N ALA C 290 -1.52 6.10 41.58
CA ALA C 290 -1.74 4.70 41.89
C ALA C 290 -3.19 4.45 42.31
N GLY C 291 -3.80 5.41 42.98
CA GLY C 291 -5.15 5.26 43.49
C GLY C 291 -6.18 4.88 42.43
N PHE C 292 -6.34 5.73 41.42
CA PHE C 292 -7.42 5.51 40.46
C PHE C 292 -7.04 4.50 39.37
N ASP C 293 -5.77 4.30 39.12
CA ASP C 293 -5.41 3.42 38.06
C ASP C 293 -5.43 2.01 38.43
N THR C 294 -4.97 1.69 39.58
CA THR C 294 -4.97 0.29 40.00
C THR C 294 -6.37 -0.17 40.39
N VAL C 295 -7.12 0.65 41.13
CA VAL C 295 -8.42 0.24 41.62
C VAL C 295 -9.42 0.12 40.47
N THR C 296 -9.32 1.01 39.48
CA THR C 296 -10.21 0.92 38.33
C THR C 296 -9.92 -0.34 37.52
N THR C 297 -8.64 -0.65 37.31
CA THR C 297 -8.29 -1.88 36.60
C THR C 297 -8.83 -3.10 37.32
N ALA C 298 -8.73 -3.13 38.65
CA ALA C 298 -9.20 -4.30 39.39
C ALA C 298 -10.71 -4.47 39.26
N ILE C 299 -11.46 -3.38 39.38
CA ILE C 299 -12.91 -3.46 39.22
C ILE C 299 -13.27 -3.79 37.78
N SER C 300 -12.53 -3.24 36.82
CA SER C 300 -12.79 -3.53 35.41
C SER C 300 -12.62 -5.02 35.13
N TRP C 301 -11.51 -5.60 35.59
CA TRP C 301 -11.30 -7.03 35.40
C TRP C 301 -12.37 -7.84 36.12
N SER C 302 -12.75 -7.42 37.33
CA SER C 302 -13.77 -8.14 38.07
C SER C 302 -15.08 -8.21 37.28
N LEU C 303 -15.53 -7.08 36.74
CA LEU C 303 -16.76 -7.07 35.98
C LEU C 303 -16.65 -7.95 34.73
N MET C 304 -15.47 -7.98 34.11
CA MET C 304 -15.27 -8.85 32.95
C MET C 304 -15.45 -10.31 33.33
N TYR C 305 -14.95 -10.70 34.50
CA TYR C 305 -15.06 -12.10 34.93
C TYR C 305 -16.48 -12.45 35.33
N LEU C 306 -17.18 -11.52 35.96
CA LEU C 306 -18.57 -11.77 36.34
C LEU C 306 -19.44 -12.01 35.13
N VAL C 307 -19.14 -11.30 34.04
CA VAL C 307 -19.95 -11.41 32.82
C VAL C 307 -19.59 -12.65 32.03
N MET C 308 -18.31 -13.03 32.01
CA MET C 308 -17.88 -14.24 31.33
C MET C 308 -18.16 -15.49 32.16
N ASN C 309 -18.43 -15.32 33.45
CA ASN C 309 -18.74 -16.43 34.36
C ASN C 309 -20.01 -16.09 35.13
N PRO C 310 -21.17 -16.14 34.48
CA PRO C 310 -22.42 -15.86 35.19
C PRO C 310 -22.66 -16.81 36.35
N ARG C 311 -22.00 -17.98 36.34
CA ARG C 311 -22.10 -18.90 37.47
C ARG C 311 -21.64 -18.24 38.76
N VAL C 312 -20.47 -17.60 38.74
CA VAL C 312 -19.93 -17.03 39.97
C VAL C 312 -20.61 -15.72 40.34
N GLN C 313 -21.20 -15.00 39.38
CA GLN C 313 -22.01 -13.85 39.74
C GLN C 313 -23.28 -14.28 40.45
N ARG C 314 -23.83 -15.44 40.07
CA ARG C 314 -25.01 -15.95 40.77
C ARG C 314 -24.66 -16.40 42.19
N LYS C 315 -23.45 -16.94 42.39
CA LYS C 315 -23.06 -17.37 43.72
C LYS C 315 -22.74 -16.18 44.62
N ILE C 316 -22.08 -15.15 44.08
CA ILE C 316 -21.82 -13.95 44.87
C ILE C 316 -23.12 -13.32 45.33
N GLN C 317 -24.16 -13.39 44.50
CA GLN C 317 -25.43 -12.77 44.85
C GLN C 317 -26.24 -13.64 45.81
N GLU C 318 -26.12 -14.97 45.71
CA GLU C 318 -26.79 -15.84 46.66
C GLU C 318 -26.17 -15.74 48.04
N GLU C 319 -24.87 -15.42 48.12
CA GLU C 319 -24.24 -15.24 49.42
C GLU C 319 -24.63 -13.90 50.02
N LEU C 320 -24.67 -12.84 49.22
CA LEU C 320 -25.09 -11.54 49.74
C LEU C 320 -26.50 -11.61 50.31
N ASP C 321 -27.39 -12.37 49.67
CA ASP C 321 -28.77 -12.47 50.13
C ASP C 321 -28.89 -13.35 51.37
N THR C 322 -28.00 -14.32 51.54
CA THR C 322 -28.04 -15.19 52.71
C THR C 322 -27.48 -14.48 53.94
N VAL C 323 -26.34 -13.80 53.79
CA VAL C 323 -25.65 -13.22 54.93
C VAL C 323 -26.16 -11.82 55.28
N ILE C 324 -26.83 -11.13 54.35
CA ILE C 324 -27.21 -9.75 54.56
C ILE C 324 -28.69 -9.56 54.25
N GLY C 325 -29.22 -10.36 53.33
CA GLY C 325 -30.57 -10.14 52.86
C GLY C 325 -30.63 -8.96 51.91
N ARG C 326 -31.80 -8.30 51.88
CA ARG C 326 -32.00 -7.12 51.04
C ARG C 326 -32.54 -5.94 51.83
N SER C 327 -32.53 -6.02 53.17
CA SER C 327 -33.07 -4.96 54.01
C SER C 327 -32.06 -3.87 54.32
N ARG C 328 -30.80 -4.06 53.96
CA ARG C 328 -29.74 -3.11 54.29
C ARG C 328 -28.62 -3.23 53.27
N ARG C 329 -27.96 -2.10 53.01
CA ARG C 329 -26.80 -2.13 52.13
C ARG C 329 -25.64 -2.83 52.83
N PRO C 330 -24.84 -3.61 52.11
CA PRO C 330 -23.66 -4.21 52.76
C PRO C 330 -22.73 -3.16 53.29
N ARG C 331 -22.07 -3.48 54.41
CA ARG C 331 -21.12 -2.59 55.05
C ARG C 331 -19.76 -3.28 55.13
N LEU C 332 -18.73 -2.46 55.38
CA LEU C 332 -17.38 -2.99 55.50
C LEU C 332 -17.30 -4.07 56.58
N SER C 333 -18.18 -4.01 57.57
CA SER C 333 -18.16 -5.00 58.66
C SER C 333 -18.41 -6.41 58.15
N ASP C 334 -19.11 -6.54 57.02
CA ASP C 334 -19.52 -7.84 56.50
C ASP C 334 -18.42 -8.57 55.74
N ARG C 335 -17.25 -7.97 55.55
CA ARG C 335 -16.26 -8.57 54.66
C ARG C 335 -15.86 -9.97 55.11
N SER C 336 -15.83 -10.22 56.42
CA SER C 336 -15.39 -11.51 56.92
C SER C 336 -16.49 -12.56 56.92
N HIS C 337 -17.74 -12.19 56.65
CA HIS C 337 -18.84 -13.14 56.57
C HIS C 337 -19.18 -13.49 55.13
N LEU C 338 -18.38 -13.04 54.16
CA LEU C 338 -18.60 -13.29 52.74
C LEU C 338 -17.35 -13.94 52.15
N PRO C 339 -17.12 -15.22 52.44
CA PRO C 339 -15.89 -15.86 51.95
C PRO C 339 -15.87 -16.06 50.44
N TYR C 340 -17.03 -16.21 49.80
CA TYR C 340 -17.04 -16.37 48.35
C TYR C 340 -16.71 -15.05 47.65
N MET C 341 -17.30 -13.95 48.12
CA MET C 341 -16.93 -12.64 47.60
C MET C 341 -15.43 -12.43 47.69
N GLU C 342 -14.81 -12.89 48.79
CA GLU C 342 -13.37 -12.74 48.95
C GLU C 342 -12.60 -13.71 48.06
N ALA C 343 -13.13 -14.91 47.84
CA ALA C 343 -12.46 -15.86 46.94
C ALA C 343 -12.51 -15.39 45.50
N PHE C 344 -13.59 -14.71 45.10
CA PHE C 344 -13.68 -14.17 43.75
C PHE C 344 -12.65 -13.07 43.53
N ILE C 345 -12.54 -12.15 44.49
CA ILE C 345 -11.57 -11.06 44.35
C ILE C 345 -10.15 -11.60 44.38
N LEU C 346 -9.91 -12.64 45.17
CA LEU C 346 -8.57 -13.24 45.18
C LEU C 346 -8.24 -13.86 43.83
N GLU C 347 -9.21 -14.54 43.22
CA GLU C 347 -8.98 -15.15 41.91
C GLU C 347 -8.95 -14.11 40.79
N THR C 348 -9.57 -12.94 41.00
CA THR C 348 -9.40 -11.86 40.04
C THR C 348 -7.97 -11.33 40.07
N PHE C 349 -7.41 -11.18 41.26
CA PHE C 349 -6.02 -10.73 41.37
C PHE C 349 -5.06 -11.78 40.84
N ARG C 350 -5.32 -13.06 41.11
CA ARG C 350 -4.40 -14.11 40.69
C ARG C 350 -4.49 -14.35 39.19
N HIS C 351 -5.70 -14.56 38.67
CA HIS C 351 -5.84 -14.99 37.28
C HIS C 351 -5.44 -13.88 36.32
N SER C 352 -5.82 -12.64 36.62
CA SER C 352 -5.42 -11.54 35.75
C SER C 352 -3.98 -11.10 36.04
N SER C 353 -3.61 -11.06 37.31
CA SER C 353 -2.29 -10.56 37.71
C SER C 353 -2.00 -9.24 37.02
N PHE C 354 -2.98 -8.34 37.05
CA PHE C 354 -2.90 -7.14 36.24
C PHE C 354 -1.74 -6.23 36.64
N VAL C 355 -1.00 -6.56 37.69
CA VAL C 355 0.29 -5.95 37.97
C VAL C 355 1.33 -7.06 37.88
N PRO C 356 1.78 -7.42 36.68
CA PRO C 356 2.63 -8.62 36.56
C PRO C 356 4.01 -8.44 37.15
N PHE C 357 4.57 -7.23 37.11
CA PHE C 357 5.83 -6.92 37.75
C PHE C 357 5.64 -5.81 38.77
N THR C 358 6.42 -5.86 39.84
CA THR C 358 6.54 -4.72 40.72
C THR C 358 7.25 -3.59 40.00
N ILE C 359 7.21 -2.40 40.61
CA ILE C 359 8.07 -1.35 40.08
C ILE C 359 9.52 -1.84 40.14
N PRO C 360 10.34 -1.64 39.11
CA PRO C 360 11.69 -2.22 39.15
C PRO C 360 12.45 -1.81 40.41
N HIS C 361 13.14 -2.78 41.00
CA HIS C 361 13.98 -2.54 42.16
C HIS C 361 15.43 -2.36 41.74
N SER C 362 16.29 -2.09 42.71
CA SER C 362 17.71 -1.91 42.48
C SER C 362 18.43 -2.17 43.79
N THR C 363 19.57 -2.84 43.72
CA THR C 363 20.32 -3.18 44.92
C THR C 363 21.04 -1.94 45.47
N THR C 364 20.95 -1.75 46.77
CA THR C 364 21.60 -0.63 47.44
C THR C 364 23.01 -0.95 47.89
N ARG C 365 23.45 -2.19 47.72
CA ARG C 365 24.78 -2.62 48.12
C ARG C 365 25.02 -4.03 47.59
N ASP C 366 26.29 -4.36 47.38
CA ASP C 366 26.65 -5.73 47.03
C ASP C 366 26.03 -6.71 48.00
N THR C 367 25.29 -7.68 47.46
CA THR C 367 24.54 -8.63 48.28
C THR C 367 24.56 -10.00 47.59
N SER C 368 24.18 -11.01 48.35
CA SER C 368 24.12 -12.38 47.87
C SER C 368 22.71 -12.93 48.09
N LEU C 369 22.21 -13.68 47.12
CA LEU C 369 20.84 -14.19 47.15
C LEU C 369 20.84 -15.61 46.60
N LYS C 370 20.44 -16.57 47.43
CA LYS C 370 20.41 -17.99 47.05
C LYS C 370 21.77 -18.41 46.49
N GLY C 371 22.84 -17.87 47.05
CA GLY C 371 24.18 -18.25 46.65
C GLY C 371 24.70 -17.55 45.43
N PHE C 372 23.99 -16.55 44.92
CA PHE C 372 24.41 -15.81 43.73
C PHE C 372 24.83 -14.41 44.12
N TYR C 373 25.84 -13.89 43.42
CA TYR C 373 26.37 -12.56 43.70
C TYR C 373 25.66 -11.53 42.83
N ILE C 374 25.20 -10.45 43.46
CA ILE C 374 24.52 -9.36 42.77
C ILE C 374 25.23 -8.06 43.14
N PRO C 375 25.83 -7.34 42.20
CA PRO C 375 26.54 -6.11 42.56
C PRO C 375 25.58 -4.97 42.88
N LYS C 376 26.15 -3.90 43.42
CA LYS C 376 25.38 -2.71 43.77
C LYS C 376 24.93 -1.98 42.51
N GLY C 377 23.69 -1.50 42.54
CA GLY C 377 23.13 -0.75 41.43
C GLY C 377 22.44 -1.60 40.39
N ARG C 378 22.59 -2.92 40.44
CA ARG C 378 22.00 -3.79 39.43
C ARG C 378 20.49 -3.67 39.43
N CYS C 379 19.91 -3.54 38.24
CA CYS C 379 18.47 -3.48 38.10
C CYS C 379 17.85 -4.86 38.38
N VAL C 380 16.72 -4.85 39.08
CA VAL C 380 16.06 -6.08 39.53
C VAL C 380 14.58 -6.01 39.19
N PHE C 381 14.11 -6.97 38.40
CA PHE C 381 12.69 -7.16 38.14
C PHE C 381 12.14 -8.23 39.08
N VAL C 382 10.90 -8.05 39.52
CA VAL C 382 10.21 -9.01 40.37
C VAL C 382 8.97 -9.47 39.64
N ASN C 383 8.92 -10.77 39.32
CA ASN C 383 7.89 -11.32 38.43
C ASN C 383 6.75 -11.86 39.28
N GLN C 384 5.74 -11.02 39.53
CA GLN C 384 4.58 -11.46 40.30
C GLN C 384 3.69 -12.39 39.48
N TRP C 385 3.61 -12.17 38.16
CA TRP C 385 2.80 -13.04 37.32
C TRP C 385 3.26 -14.49 37.42
N GLN C 386 4.58 -14.70 37.50
CA GLN C 386 5.10 -16.06 37.55
C GLN C 386 4.61 -16.79 38.80
N ILE C 387 4.58 -16.10 39.94
CA ILE C 387 4.14 -16.72 41.18
C ILE C 387 2.67 -17.11 41.08
N ASN C 388 1.84 -16.22 40.55
CA ASN C 388 0.40 -16.44 40.50
C ASN C 388 -0.02 -17.47 39.46
N HIS C 389 0.89 -17.90 38.58
CA HIS C 389 0.57 -18.91 37.58
C HIS C 389 1.53 -20.11 37.64
N ASP C 390 2.42 -20.15 38.63
CA ASP C 390 3.30 -21.29 38.81
C ASP C 390 2.50 -22.58 38.91
N GLN C 391 2.78 -23.50 37.98
CA GLN C 391 2.08 -24.78 37.97
C GLN C 391 2.30 -25.56 39.25
N LYS C 392 3.38 -25.25 40.00
CA LYS C 392 3.68 -25.98 41.22
C LYS C 392 2.82 -25.53 42.40
N LEU C 393 2.37 -24.28 42.40
CA LEU C 393 1.58 -23.76 43.50
C LEU C 393 0.08 -23.90 43.27
N TRP C 394 -0.35 -23.97 42.02
CA TRP C 394 -1.76 -23.94 41.66
C TRP C 394 -2.09 -25.15 40.80
N VAL C 395 -3.37 -25.46 40.73
CA VAL C 395 -3.85 -26.66 40.05
C VAL C 395 -3.95 -26.38 38.55
N ASN C 396 -4.94 -25.58 38.15
CA ASN C 396 -5.15 -25.19 36.76
C ASN C 396 -4.97 -23.68 36.69
N PRO C 397 -3.74 -23.19 36.71
CA PRO C 397 -3.53 -21.74 36.81
C PRO C 397 -4.22 -20.96 35.71
N SER C 398 -4.33 -21.55 34.51
CA SER C 398 -4.98 -20.85 33.41
C SER C 398 -6.48 -20.69 33.62
N GLU C 399 -7.08 -21.50 34.51
CA GLU C 399 -8.51 -21.48 34.72
C GLU C 399 -8.89 -20.47 35.80
N PHE C 400 -9.98 -19.74 35.55
CA PHE C 400 -10.52 -18.82 36.53
C PHE C 400 -11.50 -19.62 37.40
N LEU C 401 -11.09 -19.90 38.63
CA LEU C 401 -11.82 -20.81 39.51
C LEU C 401 -11.74 -20.29 40.93
N PRO C 402 -12.71 -19.47 41.36
CA PRO C 402 -12.67 -18.92 42.73
C PRO C 402 -12.69 -19.98 43.80
N GLU C 403 -13.37 -21.12 43.56
CA GLU C 403 -13.48 -22.17 44.57
C GLU C 403 -12.13 -22.75 44.97
N ARG C 404 -11.06 -22.44 44.24
CA ARG C 404 -9.75 -22.95 44.62
C ARG C 404 -9.29 -22.42 45.97
N PHE C 405 -9.88 -21.33 46.45
CA PHE C 405 -9.51 -20.73 47.72
C PHE C 405 -10.43 -21.12 48.86
N LEU C 406 -11.39 -22.00 48.62
CA LEU C 406 -12.36 -22.40 49.63
C LEU C 406 -12.02 -23.77 50.17
N THR C 407 -12.05 -23.92 51.48
CA THR C 407 -11.85 -25.21 52.13
C THR C 407 -13.11 -26.04 51.99
N PRO C 408 -13.06 -27.33 52.32
CA PRO C 408 -14.26 -28.17 52.19
C PRO C 408 -15.45 -27.66 52.98
N ASP C 409 -15.22 -26.87 54.03
CA ASP C 409 -16.30 -26.34 54.85
C ASP C 409 -16.74 -24.94 54.40
N GLY C 410 -16.20 -24.43 53.30
CA GLY C 410 -16.66 -23.19 52.72
C GLY C 410 -15.98 -21.93 53.22
N ALA C 411 -14.86 -22.06 53.93
CA ALA C 411 -14.12 -20.91 54.45
C ALA C 411 -12.86 -20.68 53.62
N ILE C 412 -12.33 -19.46 53.73
CA ILE C 412 -11.14 -19.09 52.97
C ILE C 412 -9.92 -19.85 53.50
N ASP C 413 -9.19 -20.48 52.60
CA ASP C 413 -7.92 -21.12 52.94
C ASP C 413 -6.87 -20.03 53.06
N LYS C 414 -6.55 -19.63 54.28
CA LYS C 414 -5.62 -18.52 54.47
C LYS C 414 -4.22 -18.88 54.01
N VAL C 415 -3.83 -20.15 54.14
CA VAL C 415 -2.51 -20.57 53.68
C VAL C 415 -2.37 -20.31 52.19
N LEU C 416 -3.42 -20.60 51.42
CA LEU C 416 -3.36 -20.49 49.97
C LEU C 416 -3.59 -19.05 49.51
N SER C 417 -4.43 -18.29 50.20
CA SER C 417 -4.73 -16.93 49.79
C SER C 417 -3.52 -16.00 49.94
N GLU C 418 -2.56 -16.36 50.79
CA GLU C 418 -1.36 -15.54 50.98
C GLU C 418 -0.26 -15.87 49.98
N LYS C 419 -0.52 -16.74 49.02
CA LYS C 419 0.39 -16.98 47.90
C LYS C 419 0.04 -16.16 46.68
N VAL C 420 -1.05 -15.40 46.72
CA VAL C 420 -1.42 -14.49 45.62
C VAL C 420 -0.62 -13.21 45.82
N ILE C 421 0.48 -13.09 45.07
CA ILE C 421 1.40 -11.97 45.19
C ILE C 421 1.03 -10.95 44.11
N ILE C 422 0.57 -9.78 44.52
CA ILE C 422 0.20 -8.72 43.57
C ILE C 422 0.48 -7.34 44.16
N PHE C 423 0.63 -7.25 45.48
CA PHE C 423 0.89 -5.98 46.15
C PHE C 423 2.35 -5.78 46.52
N GLY C 424 3.25 -6.64 46.06
CA GLY C 424 4.65 -6.51 46.40
C GLY C 424 4.96 -7.02 47.80
N MET C 425 6.19 -6.78 48.22
CA MET C 425 6.68 -7.25 49.51
C MET C 425 7.75 -6.32 50.03
N GLY C 426 7.97 -6.37 51.34
CA GLY C 426 9.16 -5.77 51.93
C GLY C 426 9.03 -4.28 52.18
N LYS C 427 10.19 -3.61 52.17
CA LYS C 427 10.24 -2.18 52.48
C LYS C 427 9.55 -1.34 51.42
N ARG C 428 9.40 -1.86 50.20
CA ARG C 428 8.78 -1.13 49.10
C ARG C 428 7.38 -1.66 48.78
N LYS C 429 6.80 -2.45 49.68
CA LYS C 429 5.46 -2.97 49.50
C LYS C 429 4.47 -1.84 49.21
N CYS C 430 3.35 -2.17 48.59
CA CYS C 430 2.28 -1.20 48.37
C CYS C 430 1.81 -0.61 49.70
N ILE C 431 1.66 0.72 49.74
CA ILE C 431 1.19 1.39 50.95
C ILE C 431 -0.33 1.57 50.98
N GLY C 432 -1.02 1.34 49.87
CA GLY C 432 -2.47 1.44 49.83
C GLY C 432 -3.16 0.11 49.69
N GLU C 433 -2.47 -0.98 50.02
CA GLU C 433 -3.05 -2.31 49.86
C GLU C 433 -4.36 -2.44 50.63
N THR C 434 -4.34 -2.12 51.93
CA THR C 434 -5.54 -2.30 52.74
C THR C 434 -6.70 -1.47 52.21
N ILE C 435 -6.42 -0.28 51.68
CA ILE C 435 -7.49 0.56 51.14
C ILE C 435 -8.06 -0.06 49.86
N ALA C 436 -7.18 -0.58 49.01
CA ALA C 436 -7.65 -1.19 47.76
C ALA C 436 -8.48 -2.44 48.04
N ARG C 437 -8.05 -3.26 48.99
CA ARG C 437 -8.77 -4.49 49.29
C ARG C 437 -10.19 -4.19 49.79
N TRP C 438 -10.36 -3.07 50.51
CA TRP C 438 -11.69 -2.71 51.00
C TRP C 438 -12.52 -2.02 49.93
N GLU C 439 -11.87 -1.16 49.13
CA GLU C 439 -12.59 -0.44 48.08
C GLU C 439 -13.16 -1.40 47.04
N VAL C 440 -12.36 -2.39 46.61
CA VAL C 440 -12.85 -3.36 45.64
C VAL C 440 -14.01 -4.14 46.23
N PHE C 441 -13.89 -4.55 47.50
CA PHE C 441 -14.95 -5.34 48.12
C PHE C 441 -16.25 -4.55 48.19
N LEU C 442 -16.17 -3.29 48.60
CA LEU C 442 -17.40 -2.51 48.81
C LEU C 442 -18.12 -2.24 47.51
N PHE C 443 -17.40 -1.75 46.49
CA PHE C 443 -18.02 -1.49 45.20
C PHE C 443 -18.76 -2.72 44.69
N LEU C 444 -18.09 -3.87 44.69
CA LEU C 444 -18.70 -5.09 44.19
C LEU C 444 -19.88 -5.53 45.05
N ALA C 445 -19.71 -5.48 46.37
CA ALA C 445 -20.78 -5.92 47.27
C ALA C 445 -22.01 -5.04 47.12
N ILE C 446 -21.82 -3.72 47.11
CA ILE C 446 -22.96 -2.81 47.01
C ILE C 446 -23.64 -2.95 45.65
N LEU C 447 -22.87 -3.10 44.58
CA LEU C 447 -23.45 -3.21 43.25
C LEU C 447 -24.13 -4.55 43.05
N LEU C 448 -23.39 -5.65 43.26
CA LEU C 448 -23.92 -6.97 42.96
C LEU C 448 -25.12 -7.34 43.84
N GLN C 449 -25.30 -6.64 44.96
CA GLN C 449 -26.52 -6.83 45.74
C GLN C 449 -27.73 -6.25 45.01
N ARG C 450 -27.55 -5.14 44.29
CA ARG C 450 -28.63 -4.40 43.65
C ARG C 450 -28.82 -4.76 42.19
N VAL C 451 -27.73 -4.94 41.44
CA VAL C 451 -27.78 -5.11 40.01
C VAL C 451 -27.04 -6.37 39.61
N GLU C 452 -27.29 -6.82 38.38
CA GLU C 452 -26.60 -7.97 37.81
C GLU C 452 -26.14 -7.58 36.41
N PHE C 453 -24.84 -7.70 36.16
CA PHE C 453 -24.27 -7.33 34.88
C PHE C 453 -24.26 -8.54 33.97
N SER C 454 -24.33 -8.27 32.67
CA SER C 454 -24.40 -9.35 31.68
C SER C 454 -23.93 -8.81 30.33
N VAL C 455 -23.71 -9.74 29.40
CA VAL C 455 -23.36 -9.41 28.03
C VAL C 455 -24.03 -10.41 27.10
N PRO C 456 -24.69 -9.96 26.03
CA PRO C 456 -25.42 -10.91 25.18
C PRO C 456 -24.49 -11.82 24.41
N LEU C 457 -25.05 -12.94 23.96
CA LEU C 457 -24.30 -13.86 23.12
C LEU C 457 -23.99 -13.22 21.78
N GLY C 458 -22.91 -13.69 21.16
CA GLY C 458 -22.57 -13.25 19.82
C GLY C 458 -21.82 -11.94 19.73
N VAL C 459 -21.28 -11.44 20.83
CA VAL C 459 -20.43 -10.26 20.84
C VAL C 459 -19.06 -10.66 21.35
N LYS C 460 -18.01 -10.15 20.71
CA LYS C 460 -16.66 -10.47 21.13
C LYS C 460 -16.32 -9.73 22.43
N VAL C 461 -15.67 -10.44 23.34
CA VAL C 461 -15.19 -9.89 24.59
C VAL C 461 -13.76 -10.41 24.75
N ASP C 462 -12.78 -9.60 24.37
CA ASP C 462 -11.39 -10.01 24.37
C ASP C 462 -10.85 -9.93 25.79
N MET C 463 -10.69 -11.08 26.44
CA MET C 463 -10.14 -11.16 27.78
C MET C 463 -8.62 -11.17 27.81
N THR C 464 -7.97 -10.88 26.68
CA THR C 464 -6.51 -10.95 26.63
C THR C 464 -5.91 -9.70 27.27
N PRO C 465 -5.00 -9.85 28.25
CA PRO C 465 -4.39 -8.66 28.85
C PRO C 465 -3.47 -7.94 27.89
N ILE C 466 -3.42 -6.61 28.04
CA ILE C 466 -2.54 -5.74 27.28
C ILE C 466 -1.43 -5.30 28.22
N TYR C 467 -0.19 -5.65 27.88
CA TYR C 467 0.91 -5.50 28.82
C TYR C 467 1.10 -4.04 29.23
N GLY C 468 1.64 -3.87 30.43
CA GLY C 468 1.84 -2.56 31.01
C GLY C 468 1.99 -2.69 32.51
N LEU C 469 2.44 -1.61 33.14
CA LEU C 469 2.55 -1.59 34.59
C LEU C 469 1.27 -2.13 35.21
N THR C 470 0.13 -1.67 34.72
CA THR C 470 -1.17 -2.29 34.98
C THR C 470 -1.69 -2.83 33.66
N MET C 471 -1.96 -4.14 33.61
CA MET C 471 -2.44 -4.76 32.38
C MET C 471 -3.94 -4.55 32.27
N LYS C 472 -4.35 -3.80 31.26
CA LYS C 472 -5.75 -3.54 30.99
C LYS C 472 -6.23 -4.47 29.89
N HIS C 473 -7.49 -4.30 29.49
CA HIS C 473 -8.09 -5.16 28.48
C HIS C 473 -8.70 -4.31 27.37
N ALA C 474 -8.98 -4.97 26.25
CA ALA C 474 -9.64 -4.31 25.13
C ALA C 474 -10.97 -3.73 25.58
N CYS C 475 -11.26 -2.51 25.14
CA CYS C 475 -12.48 -1.84 25.53
C CYS C 475 -13.69 -2.63 25.04
N CYS C 476 -14.59 -2.95 25.97
CA CYS C 476 -15.84 -3.64 25.67
C CYS C 476 -17.00 -2.68 25.83
N GLU C 477 -17.80 -2.54 24.78
CA GLU C 477 -18.88 -1.55 24.73
C GLU C 477 -20.26 -2.18 24.74
N HIS C 478 -20.39 -3.41 25.26
CA HIS C 478 -21.64 -4.16 25.16
C HIS C 478 -22.19 -4.63 26.50
N PHE C 479 -21.73 -4.04 27.61
CA PHE C 479 -22.25 -4.41 28.91
C PHE C 479 -23.70 -4.00 29.05
N GLN C 480 -24.45 -4.79 29.83
CA GLN C 480 -25.83 -4.49 30.17
C GLN C 480 -26.04 -4.74 31.67
N MET C 481 -27.08 -4.13 32.21
CA MET C 481 -27.33 -4.16 33.64
C MET C 481 -28.83 -4.06 33.91
N GLN C 482 -29.32 -4.91 34.81
CA GLN C 482 -30.73 -4.87 35.21
C GLN C 482 -30.81 -5.05 36.73
N LEU C 483 -31.85 -4.47 37.33
CA LEU C 483 -32.07 -4.60 38.75
C LEU C 483 -32.55 -6.00 39.10
N ARG C 484 -32.45 -6.34 40.38
CA ARG C 484 -32.86 -7.64 40.91
C ARG C 484 -34.16 -7.47 41.70
N SER C 485 -35.24 -8.05 41.19
CA SER C 485 -36.56 -8.04 41.83
C SER C 485 -36.52 -7.74 43.34
N LEU D 10 51.50 10.43 24.59
CA LEU D 10 50.77 10.44 23.32
C LEU D 10 49.31 10.84 23.54
N LYS D 11 48.43 10.53 22.58
CA LYS D 11 47.02 10.86 22.66
C LYS D 11 46.21 9.75 22.00
N ASN D 12 44.93 9.68 22.36
CA ASN D 12 44.04 8.77 21.65
C ASN D 12 43.47 9.47 20.42
N PRO D 13 43.26 8.76 19.31
CA PRO D 13 42.79 9.43 18.09
C PRO D 13 41.44 10.10 18.32
N PRO D 14 41.24 11.31 17.82
CA PRO D 14 39.98 12.00 18.04
C PRO D 14 38.87 11.42 17.16
N GLY D 15 37.65 11.86 17.45
CA GLY D 15 36.50 11.41 16.71
C GLY D 15 35.22 11.98 17.27
N PRO D 16 34.15 11.94 16.50
CA PRO D 16 32.88 12.52 16.96
C PRO D 16 32.24 11.61 18.00
N TRP D 17 31.20 12.15 18.63
CA TRP D 17 30.43 11.38 19.61
C TRP D 17 29.57 10.36 18.90
N GLY D 18 29.50 9.16 19.46
CA GLY D 18 28.73 8.08 18.87
C GLY D 18 27.80 7.45 19.86
N TRP D 19 26.71 6.87 19.33
CA TRP D 19 25.74 6.19 20.17
C TRP D 19 26.40 5.03 20.90
N PRO D 20 25.95 4.72 22.13
CA PRO D 20 26.62 3.67 22.90
C PRO D 20 26.45 2.26 22.33
N LEU D 21 25.39 2.01 21.56
CA LEU D 21 25.11 0.67 21.05
C LEU D 21 25.57 0.49 19.61
N ILE D 22 25.17 1.37 18.70
CA ILE D 22 25.48 1.22 17.29
C ILE D 22 26.66 2.06 16.83
N GLY D 23 27.16 2.98 17.67
CA GLY D 23 28.25 3.82 17.23
C GLY D 23 27.81 4.76 16.13
N HIS D 24 28.69 4.97 15.15
CA HIS D 24 28.47 5.89 14.05
C HIS D 24 27.93 5.20 12.79
N MET D 25 27.31 4.03 12.96
CA MET D 25 26.86 3.27 11.79
C MET D 25 25.85 4.06 10.95
N LEU D 26 25.14 5.00 11.57
CA LEU D 26 24.18 5.81 10.82
C LEU D 26 24.84 6.97 10.09
N THR D 27 25.94 7.49 10.63
CA THR D 27 26.66 8.58 9.97
C THR D 27 27.21 8.14 8.61
N LEU D 28 27.76 6.93 8.55
CA LEU D 28 28.27 6.40 7.28
C LEU D 28 27.21 6.46 6.19
N GLY D 29 26.06 5.85 6.44
CA GLY D 29 25.00 5.86 5.44
C GLY D 29 25.33 4.99 4.24
N LYS D 30 24.83 5.39 3.07
CA LYS D 30 25.01 4.61 1.86
C LYS D 30 26.24 5.01 1.06
N ASN D 31 26.95 6.08 1.47
CA ASN D 31 28.20 6.49 0.83
C ASN D 31 29.20 6.83 1.93
N PRO D 32 29.74 5.81 2.61
CA PRO D 32 30.66 6.08 3.72
C PRO D 32 31.90 6.85 3.31
N HIS D 33 32.32 6.77 2.05
CA HIS D 33 33.50 7.50 1.61
C HIS D 33 33.27 9.01 1.65
N LEU D 34 32.06 9.46 1.36
CA LEU D 34 31.77 10.88 1.46
C LEU D 34 31.64 11.33 2.91
N ALA D 35 30.99 10.51 3.74
CA ALA D 35 30.82 10.87 5.14
C ALA D 35 32.17 10.96 5.85
N LEU D 36 33.05 9.99 5.61
CA LEU D 36 34.36 10.01 6.27
C LEU D 36 35.29 11.03 5.65
N SER D 37 34.97 11.56 4.47
CA SER D 37 35.74 12.67 3.93
C SER D 37 35.31 13.98 4.56
N ARG D 38 34.01 14.17 4.76
CA ARG D 38 33.54 15.32 5.52
C ARG D 38 33.99 15.24 6.97
N MET D 39 34.09 14.02 7.52
CA MET D 39 34.51 13.87 8.90
C MET D 39 35.98 14.21 9.09
N SER D 40 36.82 13.81 8.12
CA SER D 40 38.24 14.12 8.22
C SER D 40 38.51 15.61 8.10
N GLN D 41 37.61 16.36 7.46
CA GLN D 41 37.78 17.79 7.35
C GLN D 41 37.76 18.46 8.72
N GLN D 42 37.19 17.80 9.72
CA GLN D 42 37.07 18.35 11.07
C GLN D 42 38.02 17.70 12.08
N TYR D 43 38.21 16.39 12.00
CA TYR D 43 38.99 15.66 12.99
C TYR D 43 40.38 15.24 12.50
N GLY D 44 40.67 15.39 11.21
CA GLY D 44 42.01 15.22 10.70
C GLY D 44 42.23 13.88 10.02
N ASP D 45 43.50 13.65 9.67
CA ASP D 45 43.89 12.49 8.87
C ASP D 45 43.88 11.19 9.66
N VAL D 46 43.82 11.26 10.99
CA VAL D 46 43.73 10.07 11.84
C VAL D 46 42.58 10.31 12.80
N LEU D 47 41.48 9.61 12.62
CA LEU D 47 40.30 9.73 13.46
C LEU D 47 39.80 8.34 13.81
N GLN D 48 38.87 8.30 14.77
CA GLN D 48 38.39 7.06 15.35
C GLN D 48 36.88 7.07 15.36
N ILE D 49 36.27 5.99 14.89
CA ILE D 49 34.82 5.81 14.91
C ILE D 49 34.52 4.46 15.55
N ARG D 50 33.24 4.13 15.61
CA ARG D 50 32.77 2.85 16.14
C ARG D 50 31.58 2.39 15.32
N ILE D 51 31.62 1.15 14.85
CA ILE D 51 30.49 0.51 14.20
C ILE D 51 29.99 -0.58 15.14
N GLY D 52 28.79 -0.41 15.69
CA GLY D 52 28.35 -1.26 16.76
C GLY D 52 29.18 -1.05 18.00
N SER D 53 29.98 -2.06 18.37
CA SER D 53 30.94 -1.94 19.45
C SER D 53 32.39 -2.03 18.97
N THR D 54 32.60 -2.20 17.66
CA THR D 54 33.94 -2.38 17.13
C THR D 54 34.59 -1.03 16.84
N PRO D 55 35.71 -0.69 17.47
CA PRO D 55 36.41 0.54 17.09
C PRO D 55 37.08 0.41 15.73
N VAL D 56 37.15 1.52 15.02
CA VAL D 56 37.79 1.58 13.70
C VAL D 56 38.53 2.91 13.57
N VAL D 57 39.77 2.85 13.10
CA VAL D 57 40.56 4.04 12.81
C VAL D 57 40.51 4.29 11.31
N VAL D 58 40.31 5.55 10.93
CA VAL D 58 40.16 5.93 9.53
C VAL D 58 41.29 6.87 9.17
N LEU D 59 42.08 6.49 8.18
CA LEU D 59 43.19 7.31 7.70
C LEU D 59 42.74 8.03 6.44
N SER D 60 42.92 9.35 6.42
CA SER D 60 42.50 10.18 5.28
C SER D 60 43.53 11.28 5.06
N GLY D 61 44.55 10.98 4.27
CA GLY D 61 45.55 11.97 3.92
C GLY D 61 46.71 11.38 3.17
N LEU D 62 47.19 12.07 2.14
CA LEU D 62 48.27 11.50 1.32
C LEU D 62 49.54 11.33 2.13
N ASP D 63 49.91 12.36 2.89
CA ASP D 63 51.14 12.27 3.67
C ASP D 63 50.99 11.27 4.81
N THR D 64 49.82 11.25 5.45
CA THR D 64 49.61 10.34 6.57
C THR D 64 49.45 8.90 6.11
N ILE D 65 48.87 8.68 4.94
CA ILE D 65 48.69 7.31 4.45
C ILE D 65 50.01 6.76 3.92
N ARG D 66 50.84 7.60 3.30
CA ARG D 66 52.18 7.15 2.93
C ARG D 66 53.02 6.88 4.17
N GLN D 67 52.82 7.66 5.24
CA GLN D 67 53.54 7.43 6.48
C GLN D 67 53.16 6.09 7.10
N ALA D 68 51.89 5.70 6.97
CA ALA D 68 51.38 4.51 7.66
C ALA D 68 51.58 3.24 6.83
N LEU D 69 51.27 3.27 5.55
CA LEU D 69 51.31 2.07 4.72
C LEU D 69 52.70 1.79 4.16
N VAL D 70 53.53 2.81 3.97
CA VAL D 70 54.85 2.63 3.36
C VAL D 70 55.92 2.57 4.44
N ARG D 71 56.18 3.70 5.10
CA ARG D 71 57.26 3.76 6.07
C ARG D 71 57.02 2.86 7.27
N GLN D 72 55.76 2.69 7.68
CA GLN D 72 55.39 1.77 8.74
C GLN D 72 54.59 0.59 8.21
N GLY D 73 54.87 0.18 6.97
CA GLY D 73 54.01 -0.80 6.32
C GLY D 73 53.85 -2.10 7.10
N ASP D 74 54.91 -2.53 7.78
CA ASP D 74 54.83 -3.77 8.53
C ASP D 74 53.93 -3.65 9.76
N ASP D 75 53.63 -2.43 10.21
CA ASP D 75 52.72 -2.24 11.33
C ASP D 75 51.26 -2.32 10.92
N PHE D 76 50.96 -2.15 9.63
CA PHE D 76 49.58 -2.09 9.14
C PHE D 76 49.29 -3.14 8.09
N LYS D 77 50.14 -4.15 7.93
CA LYS D 77 50.03 -5.09 6.82
C LYS D 77 49.04 -6.23 7.09
N GLY D 78 48.27 -6.17 8.17
CA GLY D 78 47.34 -7.23 8.50
C GLY D 78 45.92 -6.94 8.06
N ARG D 79 45.10 -8.02 8.01
CA ARG D 79 43.69 -7.92 7.73
C ARG D 79 42.86 -8.19 8.98
N PRO D 80 41.78 -7.47 9.20
CA PRO D 80 40.88 -7.79 10.32
C PRO D 80 40.12 -9.10 10.07
N ASP D 81 39.60 -9.65 11.16
CA ASP D 81 38.88 -10.92 11.11
C ASP D 81 37.37 -10.65 11.05
N LEU D 82 36.94 -10.18 9.87
CA LEU D 82 35.54 -9.87 9.65
C LEU D 82 34.78 -11.12 9.22
N TYR D 83 33.47 -11.12 9.48
CA TYR D 83 32.64 -12.27 9.13
C TYR D 83 32.59 -12.48 7.63
N THR D 84 32.31 -11.41 6.88
CA THR D 84 32.18 -11.55 5.43
C THR D 84 33.45 -12.11 4.81
N PHE D 85 34.61 -11.83 5.40
CA PHE D 85 35.87 -12.35 4.85
C PHE D 85 35.98 -13.86 5.02
N THR D 86 35.42 -14.41 6.09
CA THR D 86 35.49 -15.84 6.33
C THR D 86 34.66 -16.65 5.33
N LEU D 87 33.83 -15.99 4.55
CA LEU D 87 33.05 -16.66 3.50
C LEU D 87 33.78 -16.71 2.16
N ILE D 88 35.00 -16.17 2.10
CA ILE D 88 35.76 -16.06 0.86
C ILE D 88 36.77 -17.18 0.79
N SER D 89 36.75 -17.93 -0.31
CA SER D 89 37.71 -19.01 -0.59
C SER D 89 37.84 -19.94 0.62
N ASN D 90 36.70 -20.37 1.16
CA ASN D 90 36.67 -21.30 2.28
C ASN D 90 37.40 -20.73 3.50
N GLY D 91 37.45 -19.42 3.60
CA GLY D 91 38.11 -18.76 4.71
C GLY D 91 39.61 -18.73 4.66
N GLN D 92 40.21 -19.07 3.51
CA GLN D 92 41.67 -19.14 3.39
C GLN D 92 42.17 -18.28 2.22
N SER D 93 41.45 -17.21 1.88
CA SER D 93 41.88 -16.36 0.79
C SER D 93 43.19 -15.67 1.15
N MET D 94 44.09 -15.56 0.18
CA MET D 94 45.35 -14.88 0.41
C MET D 94 45.12 -13.42 0.81
N SER D 95 44.26 -12.73 0.07
CA SER D 95 44.12 -11.28 0.25
C SER D 95 43.20 -10.92 1.40
N PHE D 96 42.27 -11.80 1.76
CA PHE D 96 41.24 -11.45 2.74
C PHE D 96 41.36 -12.20 4.06
N SER D 97 42.16 -13.25 4.14
CA SER D 97 42.30 -13.98 5.39
C SER D 97 43.11 -13.16 6.39
N PRO D 98 42.88 -13.36 7.69
CA PRO D 98 43.65 -12.63 8.71
C PRO D 98 45.13 -13.00 8.73
N ASP D 99 45.53 -14.08 8.06
CA ASP D 99 46.94 -14.44 7.95
C ASP D 99 47.75 -13.26 7.45
N SER D 100 48.72 -12.83 8.26
CA SER D 100 49.59 -11.73 7.87
C SER D 100 51.07 -11.98 8.20
N GLY D 101 51.44 -13.21 8.55
CA GLY D 101 52.82 -13.52 8.84
C GLY D 101 53.63 -13.80 7.58
N PRO D 102 54.68 -14.62 7.71
CA PRO D 102 55.45 -15.00 6.52
C PRO D 102 54.72 -15.98 5.62
N VAL D 103 53.63 -16.60 6.09
CA VAL D 103 52.84 -17.46 5.23
C VAL D 103 52.17 -16.65 4.13
N TRP D 104 51.58 -15.51 4.50
CA TRP D 104 50.98 -14.63 3.51
C TRP D 104 52.02 -14.10 2.53
N ALA D 105 53.16 -13.64 3.04
CA ALA D 105 54.20 -13.08 2.18
C ALA D 105 54.66 -14.08 1.13
N ALA D 106 54.63 -15.38 1.46
CA ALA D 106 55.05 -16.39 0.49
C ALA D 106 54.01 -16.56 -0.60
N ARG D 107 52.73 -16.56 -0.25
CA ARG D 107 51.68 -16.67 -1.24
C ARG D 107 51.65 -15.44 -2.15
N ARG D 108 51.88 -14.26 -1.58
CA ARG D 108 51.94 -13.05 -2.39
C ARG D 108 53.06 -13.13 -3.41
N ARG D 109 54.22 -13.66 -3.00
CA ARG D 109 55.33 -13.82 -3.94
C ARG D 109 55.00 -14.85 -5.01
N LEU D 110 54.23 -15.88 -4.67
CA LEU D 110 53.78 -16.83 -5.68
C LEU D 110 52.89 -16.15 -6.71
N ALA D 111 51.98 -15.28 -6.24
CA ALA D 111 51.10 -14.57 -7.15
C ALA D 111 51.88 -13.57 -7.99
N GLN D 112 52.75 -12.79 -7.35
CA GLN D 112 53.56 -11.82 -8.08
C GLN D 112 54.37 -12.50 -9.18
N ASN D 113 54.98 -13.64 -8.86
CA ASN D 113 55.76 -14.36 -9.87
C ASN D 113 54.85 -15.02 -10.89
N GLY D 114 53.70 -15.55 -10.45
CA GLY D 114 52.78 -16.15 -11.40
C GLY D 114 52.22 -15.16 -12.40
N LEU D 115 51.92 -13.94 -11.95
CA LEU D 115 51.40 -12.92 -12.86
C LEU D 115 52.47 -12.46 -13.83
N LYS D 116 53.63 -12.05 -13.31
CA LYS D 116 54.70 -11.53 -14.16
C LYS D 116 55.14 -12.54 -15.19
N SER D 117 55.00 -13.84 -14.90
CA SER D 117 55.47 -14.86 -15.83
C SER D 117 54.56 -14.99 -17.04
N PHE D 118 53.24 -14.77 -16.88
CA PHE D 118 52.28 -15.01 -17.95
C PHE D 118 51.53 -13.73 -18.35
N SER D 119 52.12 -12.56 -18.11
CA SER D 119 51.51 -11.30 -18.51
C SER D 119 52.57 -10.36 -19.06
N ILE D 120 53.59 -10.07 -18.25
CA ILE D 120 54.64 -9.14 -18.66
C ILE D 120 55.76 -9.83 -19.42
N ALA D 121 55.90 -11.15 -19.28
CA ALA D 121 56.96 -11.87 -19.96
C ALA D 121 56.66 -11.96 -21.46
N SER D 122 57.72 -12.18 -22.24
CA SER D 122 57.57 -12.28 -23.68
C SER D 122 56.92 -13.61 -24.07
N ASP D 123 56.00 -13.54 -25.02
CA ASP D 123 55.35 -14.75 -25.52
C ASP D 123 56.22 -15.38 -26.62
N PRO D 124 56.60 -16.66 -26.48
CA PRO D 124 57.34 -17.30 -27.59
C PRO D 124 56.61 -17.28 -28.92
N ALA D 125 55.27 -17.17 -28.90
CA ALA D 125 54.50 -17.21 -30.15
C ALA D 125 54.80 -15.99 -31.01
N SER D 126 54.90 -14.81 -30.40
CA SER D 126 55.16 -13.56 -31.11
C SER D 126 56.39 -12.91 -30.49
N SER D 127 57.43 -12.70 -31.30
CA SER D 127 58.66 -12.12 -30.77
C SER D 127 58.44 -10.69 -30.28
N THR D 128 57.62 -9.92 -30.99
CA THR D 128 57.46 -8.50 -30.68
C THR D 128 56.72 -8.30 -29.35
N SER D 129 55.58 -8.93 -29.20
CA SER D 129 54.72 -8.70 -28.06
C SER D 129 54.91 -9.59 -26.89
N CYS D 130 54.24 -9.27 -25.79
CA CYS D 130 54.21 -10.09 -24.59
C CYS D 130 52.86 -10.79 -24.48
N TYR D 131 52.72 -11.62 -23.45
CA TYR D 131 51.48 -12.37 -23.26
C TYR D 131 50.27 -11.45 -23.21
N LEU D 132 50.35 -10.37 -22.42
CA LEU D 132 49.18 -9.53 -22.19
C LEU D 132 48.74 -8.83 -23.46
N GLU D 133 49.67 -8.27 -24.23
CA GLU D 133 49.29 -7.60 -25.46
C GLU D 133 48.71 -8.60 -26.46
N GLU D 134 49.25 -9.82 -26.48
CA GLU D 134 48.72 -10.85 -27.37
C GLU D 134 47.27 -11.16 -27.02
N HIS D 135 46.96 -11.30 -25.73
CA HIS D 135 45.60 -11.62 -25.33
C HIS D 135 44.66 -10.44 -25.55
N VAL D 136 45.09 -9.24 -25.15
CA VAL D 136 44.21 -8.08 -25.24
C VAL D 136 43.94 -7.71 -26.70
N SER D 137 44.91 -7.82 -27.57
CA SER D 137 44.65 -7.43 -28.92
C SER D 137 43.66 -8.34 -29.56
N LYS D 138 43.75 -9.61 -29.33
CA LYS D 138 42.75 -10.51 -29.90
C LYS D 138 41.34 -10.13 -29.44
N GLU D 139 41.17 -9.93 -28.13
CA GLU D 139 39.83 -9.70 -27.60
C GLU D 139 39.29 -8.33 -27.97
N ALA D 140 40.16 -7.34 -28.13
CA ALA D 140 39.71 -6.03 -28.56
C ALA D 140 39.17 -6.08 -30.00
N GLU D 141 39.71 -6.96 -30.83
CA GLU D 141 39.17 -7.13 -32.17
C GLU D 141 37.79 -7.79 -32.12
N VAL D 142 37.65 -8.83 -31.30
CA VAL D 142 36.34 -9.48 -31.14
C VAL D 142 35.32 -8.48 -30.62
N LEU D 143 35.73 -7.60 -29.71
CA LEU D 143 34.79 -6.65 -29.14
C LEU D 143 34.26 -5.70 -30.20
N ILE D 144 35.16 -5.17 -31.05
CA ILE D 144 34.71 -4.26 -32.10
C ILE D 144 33.79 -4.99 -33.06
N SER D 145 34.07 -6.27 -33.34
CA SER D 145 33.20 -7.05 -34.21
C SER D 145 31.85 -7.30 -33.55
N THR D 146 31.87 -7.61 -32.25
CA THR D 146 30.61 -7.86 -31.53
C THR D 146 29.76 -6.60 -31.47
N LEU D 147 30.38 -5.43 -31.29
CA LEU D 147 29.61 -4.19 -31.21
C LEU D 147 29.09 -3.76 -32.57
N GLN D 148 29.80 -4.07 -33.64
CA GLN D 148 29.31 -3.75 -34.98
C GLN D 148 28.01 -4.51 -35.26
N GLU D 149 27.92 -5.75 -34.79
CA GLU D 149 26.70 -6.52 -34.98
C GLU D 149 25.53 -5.91 -34.22
N LEU D 150 25.79 -5.35 -33.04
CA LEU D 150 24.73 -4.73 -32.25
C LEU D 150 24.18 -3.48 -32.91
N MET D 151 25.02 -2.74 -33.64
CA MET D 151 24.55 -1.58 -34.38
C MET D 151 23.79 -1.96 -35.64
N ALA D 152 23.91 -3.22 -36.08
CA ALA D 152 23.16 -3.67 -37.26
C ALA D 152 21.69 -3.89 -36.93
N GLY D 153 21.39 -4.35 -35.72
CA GLY D 153 20.03 -4.62 -35.31
C GLY D 153 19.51 -3.62 -34.30
N PRO D 154 19.74 -3.90 -33.01
CA PRO D 154 19.18 -3.01 -31.97
C PRO D 154 19.49 -1.54 -32.16
N GLY D 155 20.62 -1.20 -32.76
CA GLY D 155 21.03 0.18 -32.90
C GLY D 155 21.62 0.79 -31.63
N HIS D 156 21.67 0.03 -30.54
CA HIS D 156 22.26 0.49 -29.28
C HIS D 156 22.60 -0.74 -28.47
N PHE D 157 23.29 -0.52 -27.35
CA PHE D 157 23.77 -1.63 -26.55
C PHE D 157 24.17 -1.15 -25.17
N ASN D 158 24.33 -2.10 -24.25
CA ASN D 158 24.91 -1.84 -22.95
C ASN D 158 26.37 -2.27 -22.96
N PRO D 159 27.33 -1.37 -22.75
CA PRO D 159 28.73 -1.79 -22.88
C PRO D 159 29.17 -2.84 -21.87
N TYR D 160 28.68 -2.76 -20.64
CA TYR D 160 29.16 -3.66 -19.59
C TYR D 160 28.95 -5.12 -19.96
N ARG D 161 27.85 -5.43 -20.64
CA ARG D 161 27.53 -6.82 -20.97
C ARG D 161 28.63 -7.44 -21.82
N TYR D 162 29.22 -6.67 -22.73
CA TYR D 162 30.19 -7.18 -23.68
C TYR D 162 31.63 -6.87 -23.31
N VAL D 163 31.87 -5.79 -22.58
CA VAL D 163 33.22 -5.52 -22.08
C VAL D 163 33.63 -6.59 -21.06
N VAL D 164 32.70 -7.01 -20.21
CA VAL D 164 33.03 -7.98 -19.16
C VAL D 164 33.50 -9.29 -19.77
N VAL D 165 33.04 -9.61 -20.98
CA VAL D 165 33.49 -10.84 -21.63
C VAL D 165 34.91 -10.67 -22.15
N SER D 166 35.18 -9.54 -22.80
CA SER D 166 36.52 -9.30 -23.33
C SER D 166 37.55 -9.23 -22.21
N VAL D 167 37.21 -8.60 -21.09
CA VAL D 167 38.17 -8.50 -20.00
C VAL D 167 38.32 -9.83 -19.28
N THR D 168 37.26 -10.64 -19.23
CA THR D 168 37.36 -11.94 -18.59
C THR D 168 38.18 -12.91 -19.43
N ASN D 169 38.03 -12.84 -20.76
CA ASN D 169 38.82 -13.71 -21.64
C ASN D 169 40.31 -13.44 -21.51
N VAL D 170 40.69 -12.24 -21.08
CA VAL D 170 42.11 -11.94 -20.89
C VAL D 170 42.63 -12.56 -19.60
N ILE D 171 42.03 -12.19 -18.48
CA ILE D 171 42.46 -12.74 -17.19
C ILE D 171 42.23 -14.24 -17.14
N CYS D 172 41.26 -14.75 -17.90
CA CYS D 172 41.00 -16.18 -17.91
C CYS D 172 42.06 -16.94 -18.69
N ALA D 173 42.55 -16.36 -19.79
CA ALA D 173 43.64 -16.99 -20.53
C ALA D 173 44.93 -17.00 -19.72
N ILE D 174 45.15 -16.00 -18.87
CA ILE D 174 46.37 -15.96 -18.07
C ILE D 174 46.31 -16.97 -16.94
N CYS D 175 45.12 -17.26 -16.41
CA CYS D 175 44.96 -18.14 -15.26
C CYS D 175 44.55 -19.55 -15.64
N PHE D 176 43.75 -19.72 -16.70
CA PHE D 176 43.26 -21.03 -17.08
C PHE D 176 43.51 -21.38 -18.54
N GLY D 177 44.13 -20.49 -19.32
CA GLY D 177 44.46 -20.81 -20.70
C GLY D 177 43.27 -21.14 -21.57
N ARG D 178 42.13 -20.50 -21.34
CA ARG D 178 40.93 -20.75 -22.13
C ARG D 178 40.22 -19.44 -22.43
N ARG D 179 39.30 -19.50 -23.39
CA ARG D 179 38.44 -18.38 -23.73
C ARG D 179 37.02 -18.90 -23.91
N TYR D 180 36.06 -17.98 -23.89
CA TYR D 180 34.64 -18.33 -23.98
C TYR D 180 33.95 -17.37 -24.94
N ASP D 181 32.84 -17.83 -25.51
CA ASP D 181 32.09 -17.03 -26.47
C ASP D 181 31.36 -15.89 -25.78
N HIS D 182 30.98 -14.89 -26.59
CA HIS D 182 30.29 -13.71 -26.05
C HIS D 182 28.89 -14.04 -25.57
N ASN D 183 28.30 -15.12 -26.03
CA ASN D 183 26.98 -15.55 -25.60
C ASN D 183 27.14 -16.92 -24.95
N HIS D 184 27.75 -16.91 -23.79
CA HIS D 184 28.02 -18.13 -23.12
C HIS D 184 27.56 -17.93 -21.73
N GLN D 185 26.61 -18.71 -21.24
CA GLN D 185 26.20 -18.48 -19.89
C GLN D 185 27.05 -19.19 -18.86
N GLU D 186 28.05 -19.96 -19.27
CA GLU D 186 28.95 -20.61 -18.30
C GLU D 186 29.69 -19.56 -17.51
N LEU D 187 30.15 -18.54 -18.22
CA LEU D 187 30.86 -17.42 -17.68
C LEU D 187 29.98 -16.31 -17.17
N LEU D 188 28.91 -15.97 -17.88
CA LEU D 188 28.10 -14.83 -17.49
C LEU D 188 27.50 -15.00 -16.15
N SER D 189 27.01 -16.19 -15.94
CA SER D 189 26.43 -16.56 -14.70
C SER D 189 27.38 -16.31 -13.59
N LEU D 190 28.62 -16.64 -13.80
CA LEU D 190 29.63 -16.47 -12.75
C LEU D 190 29.87 -15.00 -12.45
N VAL D 191 30.03 -14.19 -13.50
CA VAL D 191 30.55 -12.84 -13.34
C VAL D 191 29.44 -11.81 -13.19
N ASN D 192 28.30 -11.99 -13.86
CA ASN D 192 27.25 -10.95 -13.88
C ASN D 192 26.16 -11.13 -12.83
N LEU D 193 25.28 -12.12 -13.00
CA LEU D 193 24.06 -12.19 -12.21
C LEU D 193 24.27 -12.37 -10.71
N ASN D 194 25.49 -12.63 -10.25
CA ASN D 194 25.72 -12.74 -8.81
C ASN D 194 27.03 -12.06 -8.44
N ASN D 195 27.21 -10.83 -8.91
CA ASN D 195 28.37 -10.04 -8.53
C ASN D 195 27.84 -8.90 -7.68
N ASN D 196 27.52 -9.24 -6.44
CA ASN D 196 27.37 -8.29 -5.34
C ASN D 196 28.56 -8.39 -4.39
N PHE D 197 29.66 -8.99 -4.87
CA PHE D 197 30.86 -9.12 -4.05
C PHE D 197 31.33 -7.74 -3.60
N GLY D 198 31.33 -6.76 -4.49
CA GLY D 198 31.71 -5.42 -4.10
C GLY D 198 30.77 -4.84 -3.06
N GLU D 199 29.47 -5.12 -3.19
CA GLU D 199 28.50 -4.57 -2.25
C GLU D 199 28.64 -5.19 -0.85
N VAL D 200 29.05 -6.46 -0.78
CA VAL D 200 29.13 -7.13 0.51
C VAL D 200 30.48 -6.92 1.19
N VAL D 201 31.55 -6.73 0.41
CA VAL D 201 32.89 -6.62 0.98
C VAL D 201 33.32 -5.17 1.21
N GLY D 202 32.64 -4.19 0.61
CA GLY D 202 32.99 -2.81 0.82
C GLY D 202 33.09 -2.46 2.29
N SER D 203 34.12 -1.70 2.65
CA SER D 203 34.33 -1.32 4.04
C SER D 203 33.06 -0.70 4.61
N GLY D 204 32.79 -1.00 5.88
CA GLY D 204 31.61 -0.48 6.55
C GLY D 204 30.37 -1.32 6.40
N ASN D 205 30.49 -2.56 5.95
CA ASN D 205 29.32 -3.44 5.84
C ASN D 205 28.74 -3.67 7.22
N PRO D 206 27.44 -3.40 7.45
CA PRO D 206 26.90 -3.58 8.79
C PRO D 206 26.96 -5.02 9.29
N ALA D 207 26.85 -5.99 8.38
CA ALA D 207 26.83 -7.39 8.81
C ALA D 207 28.11 -7.81 9.52
N ASP D 208 29.23 -7.13 9.26
CA ASP D 208 30.48 -7.48 9.93
C ASP D 208 30.56 -6.97 11.36
N PHE D 209 29.80 -5.91 11.68
CA PHE D 209 29.88 -5.28 13.00
C PHE D 209 28.58 -5.35 13.78
N ILE D 210 27.47 -5.76 13.16
CA ILE D 210 26.22 -5.98 13.86
C ILE D 210 25.93 -7.48 13.78
N PRO D 211 26.35 -8.28 14.76
CA PRO D 211 26.30 -9.74 14.58
C PRO D 211 24.92 -10.30 14.29
N ILE D 212 23.84 -9.59 14.64
CA ILE D 212 22.51 -10.15 14.46
C ILE D 212 22.05 -10.12 13.00
N LEU D 213 22.59 -9.21 12.18
CA LEU D 213 22.16 -9.09 10.79
C LEU D 213 22.58 -10.28 9.93
N ARG D 214 23.51 -11.10 10.41
CA ARG D 214 23.94 -12.26 9.64
C ARG D 214 22.85 -13.33 9.60
N TYR D 215 22.16 -13.53 10.73
CA TYR D 215 21.17 -14.59 10.85
C TYR D 215 19.77 -14.16 10.41
N LEU D 216 19.52 -12.86 10.33
CA LEU D 216 18.23 -12.35 9.88
C LEU D 216 18.10 -12.58 8.37
N PRO D 217 16.89 -12.42 7.83
CA PRO D 217 16.74 -12.52 6.37
C PRO D 217 17.63 -11.51 5.65
N ASN D 218 18.70 -12.01 5.05
CA ASN D 218 19.66 -11.17 4.32
C ASN D 218 19.80 -11.69 2.90
N PRO D 219 19.10 -11.10 1.92
CA PRO D 219 19.22 -11.63 0.55
C PRO D 219 20.60 -11.43 -0.05
N SER D 220 21.26 -10.32 0.29
CA SER D 220 22.59 -10.06 -0.27
C SER D 220 23.63 -11.01 0.30
N LEU D 221 23.53 -11.34 1.59
CA LEU D 221 24.50 -12.22 2.21
C LEU D 221 24.33 -13.66 1.75
N ASN D 222 23.12 -14.07 1.38
CA ASN D 222 22.91 -15.44 0.92
C ASN D 222 23.40 -15.61 -0.51
N ALA D 223 23.15 -14.63 -1.38
CA ALA D 223 23.70 -14.69 -2.74
C ALA D 223 25.21 -14.63 -2.71
N PHE D 224 25.79 -14.04 -1.65
CA PHE D 224 27.24 -13.99 -1.53
C PHE D 224 27.80 -15.37 -1.21
N LYS D 225 27.13 -16.12 -0.32
CA LYS D 225 27.57 -17.47 -0.01
C LYS D 225 27.47 -18.38 -1.25
N ASP D 226 26.44 -18.19 -2.07
CA ASP D 226 26.30 -19.01 -3.27
C ASP D 226 27.33 -18.63 -4.33
N LEU D 227 27.60 -17.34 -4.48
CA LEU D 227 28.60 -16.90 -5.44
C LEU D 227 29.93 -17.57 -5.17
N ASN D 228 30.29 -17.74 -3.90
CA ASN D 228 31.59 -18.27 -3.56
C ASN D 228 31.68 -19.77 -3.84
N GLU D 229 30.65 -20.53 -3.46
CA GLU D 229 30.68 -21.97 -3.71
C GLU D 229 30.67 -22.29 -5.20
N LYS D 230 29.96 -21.50 -6.01
CA LYS D 230 30.01 -21.71 -7.45
C LYS D 230 31.41 -21.42 -7.98
N PHE D 231 32.05 -20.36 -7.50
CA PHE D 231 33.41 -20.06 -7.91
C PHE D 231 34.37 -21.16 -7.44
N TYR D 232 34.25 -21.58 -6.18
CA TYR D 232 35.12 -22.63 -5.67
C TYR D 232 34.93 -23.94 -6.41
N SER D 233 33.70 -24.22 -6.86
CA SER D 233 33.46 -25.41 -7.68
C SER D 233 34.10 -25.25 -9.05
N PHE D 234 33.95 -24.08 -9.67
CA PHE D 234 34.58 -23.83 -10.96
C PHE D 234 36.09 -23.97 -10.87
N MET D 235 36.68 -23.51 -9.77
CA MET D 235 38.11 -23.70 -9.56
C MET D 235 38.47 -25.18 -9.57
N GLN D 236 37.72 -25.98 -8.82
CA GLN D 236 38.01 -27.41 -8.76
C GLN D 236 37.90 -28.08 -10.12
N LYS D 237 36.94 -27.65 -10.94
CA LYS D 237 36.83 -28.20 -12.29
C LYS D 237 38.02 -27.82 -13.15
N MET D 238 38.49 -26.57 -13.04
CA MET D 238 39.58 -26.12 -13.88
C MET D 238 40.92 -26.70 -13.42
N VAL D 239 41.08 -26.93 -12.12
CA VAL D 239 42.34 -27.48 -11.62
C VAL D 239 42.40 -28.98 -11.86
N LYS D 240 41.27 -29.68 -11.67
CA LYS D 240 41.24 -31.11 -11.97
C LYS D 240 41.45 -31.36 -13.46
N GLU D 241 40.90 -30.50 -14.31
CA GLU D 241 41.06 -30.67 -15.75
C GLU D 241 42.48 -30.35 -16.19
N HIS D 242 43.16 -29.44 -15.49
CA HIS D 242 44.55 -29.13 -15.80
C HIS D 242 45.49 -30.21 -15.27
N TYR D 243 45.14 -30.85 -14.16
CA TYR D 243 46.02 -31.87 -13.58
C TYR D 243 46.08 -33.12 -14.44
N LYS D 244 44.98 -33.46 -15.13
CA LYS D 244 44.96 -34.64 -15.99
C LYS D 244 45.78 -34.47 -17.25
N THR D 245 46.17 -33.23 -17.59
CA THR D 245 46.95 -32.95 -18.79
C THR D 245 48.21 -32.17 -18.46
N PHE D 246 48.66 -32.23 -17.21
CA PHE D 246 49.77 -31.40 -16.72
C PHE D 246 51.09 -31.94 -17.24
N GLU D 247 51.82 -31.10 -17.97
CA GLU D 247 53.18 -31.38 -18.40
C GLU D 247 54.13 -30.56 -17.53
N LYS D 248 55.11 -31.23 -16.92
CA LYS D 248 56.00 -30.54 -16.00
C LYS D 248 56.89 -29.53 -16.70
N GLY D 249 57.18 -29.76 -17.98
CA GLY D 249 58.07 -28.88 -18.73
C GLY D 249 57.34 -27.79 -19.49
N HIS D 250 56.06 -28.03 -19.80
CA HIS D 250 55.22 -27.06 -20.50
C HIS D 250 54.24 -26.45 -19.50
N ILE D 251 54.66 -25.35 -18.88
CA ILE D 251 53.81 -24.61 -17.95
C ILE D 251 52.96 -23.66 -18.78
N ARG D 252 51.65 -23.90 -18.82
CA ARG D 252 50.76 -23.19 -19.73
C ARG D 252 50.20 -21.89 -19.15
N ASP D 253 49.92 -21.83 -17.85
CA ASP D 253 49.27 -20.68 -17.26
C ASP D 253 49.56 -20.66 -15.76
N ILE D 254 48.92 -19.73 -15.04
CA ILE D 254 49.16 -19.59 -13.62
C ILE D 254 48.71 -20.82 -12.86
N THR D 255 47.63 -21.47 -13.31
CA THR D 255 47.18 -22.69 -12.65
C THR D 255 48.26 -23.76 -12.70
N ASP D 256 48.92 -23.90 -13.85
CA ASP D 256 50.00 -24.86 -13.97
C ASP D 256 51.16 -24.48 -13.05
N SER D 257 51.45 -23.19 -12.95
CA SER D 257 52.56 -22.72 -12.11
C SER D 257 52.32 -22.95 -10.63
N LEU D 258 51.06 -23.06 -10.20
CA LEU D 258 50.78 -23.36 -8.79
C LEU D 258 50.76 -24.86 -8.51
N ILE D 259 50.28 -25.67 -9.46
CA ILE D 259 50.41 -27.11 -9.34
C ILE D 259 51.88 -27.50 -9.29
N GLU D 260 52.70 -26.90 -10.14
CA GLU D 260 54.13 -27.19 -10.16
C GLU D 260 54.78 -26.91 -8.80
N HIS D 261 54.27 -25.93 -8.06
CA HIS D 261 54.87 -25.54 -6.78
C HIS D 261 54.43 -26.40 -5.61
N CYS D 262 53.46 -27.29 -5.80
CA CYS D 262 53.07 -28.20 -4.73
C CYS D 262 54.11 -29.31 -4.53
N GLN D 263 54.87 -29.63 -5.57
CA GLN D 263 55.88 -30.68 -5.49
C GLN D 263 57.13 -30.19 -4.76
N LEU D 275 52.87 -24.06 4.87
CA LEU D 275 52.14 -23.70 3.66
C LEU D 275 51.38 -24.91 3.13
N SER D 276 50.06 -24.91 3.33
CA SER D 276 49.25 -26.05 2.92
C SER D 276 49.08 -26.07 1.40
N ASP D 277 48.60 -27.21 0.90
CA ASP D 277 48.35 -27.36 -0.52
C ASP D 277 47.16 -26.52 -0.98
N GLU D 278 46.17 -26.32 -0.12
CA GLU D 278 45.00 -25.53 -0.50
C GLU D 278 45.36 -24.05 -0.61
N LYS D 279 46.11 -23.52 0.35
CA LYS D 279 46.49 -22.11 0.33
C LYS D 279 47.34 -21.75 -0.87
N ILE D 280 47.86 -22.74 -1.61
CA ILE D 280 48.63 -22.47 -2.81
C ILE D 280 47.73 -22.39 -4.05
N ILE D 281 46.75 -23.29 -4.16
CA ILE D 281 45.96 -23.38 -5.38
C ILE D 281 44.89 -22.29 -5.43
N ASN D 282 44.29 -21.94 -4.29
CA ASN D 282 43.21 -20.96 -4.27
C ASN D 282 43.73 -19.52 -4.43
N ILE D 283 44.99 -19.34 -4.80
CA ILE D 283 45.49 -18.01 -5.12
C ILE D 283 44.95 -17.55 -6.47
N VAL D 284 44.61 -18.49 -7.36
CA VAL D 284 44.09 -18.11 -8.67
C VAL D 284 42.74 -17.42 -8.52
N LEU D 285 42.00 -17.72 -7.45
CA LEU D 285 40.71 -17.06 -7.23
C LEU D 285 40.89 -15.57 -6.95
N ASP D 286 41.90 -15.22 -6.14
CA ASP D 286 42.15 -13.81 -5.88
C ASP D 286 42.57 -13.09 -7.16
N LEU D 287 43.41 -13.73 -7.98
CA LEU D 287 43.83 -13.11 -9.23
C LEU D 287 42.68 -13.00 -10.22
N PHE D 288 41.96 -14.10 -10.45
CA PHE D 288 40.84 -14.05 -11.38
C PHE D 288 39.76 -13.09 -10.90
N GLY D 289 39.48 -13.10 -9.60
CA GLY D 289 38.44 -12.25 -9.06
C GLY D 289 38.75 -10.77 -9.25
N ALA D 290 39.83 -10.31 -8.61
CA ALA D 290 40.23 -8.91 -8.78
C ALA D 290 40.47 -8.58 -10.25
N GLY D 291 40.94 -9.55 -11.03
CA GLY D 291 41.26 -9.32 -12.42
C GLY D 291 40.12 -8.76 -13.24
N PHE D 292 39.00 -9.49 -13.32
CA PHE D 292 37.93 -9.09 -14.23
C PHE D 292 37.02 -8.03 -13.62
N ASP D 293 36.92 -7.99 -12.30
CA ASP D 293 36.00 -7.04 -11.67
C ASP D 293 36.52 -5.62 -11.76
N THR D 294 37.80 -5.41 -11.44
CA THR D 294 38.34 -4.05 -11.40
C THR D 294 38.56 -3.49 -12.81
N VAL D 295 39.10 -4.30 -13.71
CA VAL D 295 39.42 -3.79 -15.04
C VAL D 295 38.14 -3.49 -15.82
N THR D 296 37.10 -4.30 -15.62
CA THR D 296 35.83 -4.04 -16.29
C THR D 296 35.19 -2.76 -15.78
N THR D 297 35.23 -2.55 -14.46
CA THR D 297 34.71 -1.30 -13.90
C THR D 297 35.47 -0.10 -14.45
N ALA D 298 36.80 -0.20 -14.54
CA ALA D 298 37.59 0.92 -15.04
C ALA D 298 37.25 1.23 -16.49
N ILE D 299 37.14 0.21 -17.33
CA ILE D 299 36.78 0.43 -18.72
C ILE D 299 35.35 0.93 -18.83
N SER D 300 34.46 0.42 -17.99
CA SER D 300 33.08 0.88 -17.99
C SER D 300 33.00 2.36 -17.67
N TRP D 301 33.69 2.79 -16.61
CA TRP D 301 33.71 4.20 -16.26
C TRP D 301 34.34 5.03 -17.37
N SER D 302 35.41 4.53 -17.98
CA SER D 302 36.08 5.27 -19.05
C SER D 302 35.11 5.55 -20.20
N LEU D 303 34.35 4.55 -20.64
CA LEU D 303 33.42 4.75 -21.73
C LEU D 303 32.33 5.75 -21.34
N MET D 304 31.90 5.74 -20.07
CA MET D 304 30.93 6.72 -19.62
C MET D 304 31.48 8.14 -19.71
N TYR D 305 32.74 8.33 -19.33
CA TYR D 305 33.32 9.66 -19.36
C TYR D 305 33.55 10.14 -20.78
N LEU D 306 33.93 9.22 -21.68
CA LEU D 306 34.11 9.58 -23.08
C LEU D 306 32.80 10.02 -23.72
N VAL D 307 31.70 9.41 -23.30
CA VAL D 307 30.41 9.70 -23.90
C VAL D 307 29.83 11.01 -23.36
N MET D 308 30.02 11.27 -22.06
CA MET D 308 29.55 12.50 -21.47
C MET D 308 30.46 13.69 -21.75
N ASN D 309 31.69 13.44 -22.21
CA ASN D 309 32.64 14.50 -22.54
C ASN D 309 33.18 14.25 -23.95
N PRO D 310 32.37 14.49 -24.98
CA PRO D 310 32.87 14.29 -26.35
C PRO D 310 34.08 15.15 -26.68
N ARG D 311 34.31 16.23 -25.93
CA ARG D 311 35.52 17.02 -26.15
C ARG D 311 36.77 16.17 -26.00
N VAL D 312 36.86 15.41 -24.90
CA VAL D 312 38.07 14.64 -24.63
C VAL D 312 38.15 13.37 -25.47
N GLN D 313 37.03 12.85 -25.96
CA GLN D 313 37.11 11.71 -26.86
C GLN D 313 37.70 12.13 -28.20
N ARG D 314 37.39 13.35 -28.66
CA ARG D 314 37.95 13.83 -29.91
C ARG D 314 39.44 14.13 -29.76
N LYS D 315 39.87 14.57 -28.58
CA LYS D 315 41.30 14.85 -28.37
C LYS D 315 42.10 13.56 -28.30
N ILE D 316 41.55 12.53 -27.63
CA ILE D 316 42.24 11.25 -27.59
C ILE D 316 42.40 10.71 -29.01
N GLN D 317 41.41 10.96 -29.88
CA GLN D 317 41.47 10.45 -31.24
C GLN D 317 42.41 11.28 -32.12
N GLU D 318 42.46 12.59 -31.90
CA GLU D 318 43.41 13.43 -32.65
C GLU D 318 44.84 13.13 -32.24
N GLU D 319 45.07 12.69 -30.99
CA GLU D 319 46.42 12.32 -30.58
C GLU D 319 46.83 10.99 -31.21
N LEU D 320 45.93 10.01 -31.22
CA LEU D 320 46.23 8.74 -31.86
C LEU D 320 46.56 8.94 -33.33
N ASP D 321 45.88 9.87 -33.99
CA ASP D 321 46.11 10.09 -35.42
C ASP D 321 47.44 10.81 -35.67
N THR D 322 47.91 11.61 -34.70
CA THR D 322 49.19 12.29 -34.86
C THR D 322 50.36 11.35 -34.63
N VAL D 323 50.31 10.57 -33.54
CA VAL D 323 51.44 9.74 -33.16
C VAL D 323 51.45 8.39 -33.84
N ILE D 324 50.32 7.93 -34.38
CA ILE D 324 50.22 6.59 -34.92
C ILE D 324 49.63 6.60 -36.32
N GLY D 325 48.78 7.57 -36.62
CA GLY D 325 48.08 7.55 -37.90
C GLY D 325 46.97 6.52 -37.89
N ARG D 326 46.68 5.97 -39.08
CA ARG D 326 45.67 4.93 -39.22
C ARG D 326 46.20 3.72 -39.97
N SER D 327 47.51 3.62 -40.16
CA SER D 327 48.09 2.51 -40.91
C SER D 327 48.39 1.28 -40.06
N ARG D 328 48.34 1.43 -38.77
CA ARG D 328 48.59 0.32 -37.93
C ARG D 328 47.89 0.49 -36.65
N ARG D 329 47.61 -0.59 -35.96
CA ARG D 329 46.95 -0.47 -34.71
C ARG D 329 47.91 -0.06 -33.67
N PRO D 330 47.43 0.48 -32.57
CA PRO D 330 48.40 0.82 -31.56
C PRO D 330 48.90 -0.39 -30.87
N ARG D 331 50.06 -0.24 -30.29
CA ARG D 331 50.74 -1.28 -29.59
C ARG D 331 51.18 -0.77 -28.26
N LEU D 332 51.45 -1.66 -27.33
CA LEU D 332 51.79 -1.26 -25.97
C LEU D 332 53.00 -0.33 -25.93
N SER D 333 53.91 -0.44 -26.90
CA SER D 333 55.11 0.38 -26.90
C SER D 333 54.80 1.87 -27.01
N ASP D 334 53.64 2.24 -27.55
CA ASP D 334 53.30 3.64 -27.79
C ASP D 334 52.82 4.37 -26.54
N ARG D 335 52.68 3.68 -25.41
CA ARG D 335 52.04 4.30 -24.25
C ARG D 335 52.77 5.55 -23.79
N SER D 336 54.10 5.60 -23.95
CA SER D 336 54.86 6.74 -23.46
C SER D 336 54.84 7.92 -24.41
N HIS D 337 54.36 7.74 -25.64
CA HIS D 337 54.25 8.83 -26.60
C HIS D 337 52.83 9.38 -26.71
N LEU D 338 51.92 8.93 -25.85
CA LEU D 338 50.52 9.35 -25.85
C LEU D 338 50.21 9.91 -24.46
N PRO D 339 50.70 11.12 -24.16
CA PRO D 339 50.50 11.66 -22.79
C PRO D 339 49.07 12.01 -22.47
N TYR D 340 48.25 12.35 -23.47
CA TYR D 340 46.86 12.69 -23.19
C TYR D 340 46.04 11.46 -22.83
N MET D 341 46.24 10.35 -23.57
CA MET D 341 45.58 9.11 -23.20
C MET D 341 45.86 8.74 -21.75
N GLU D 342 47.09 8.97 -21.30
CA GLU D 342 47.44 8.66 -19.91
C GLU D 342 46.80 9.64 -18.94
N ALA D 343 46.67 10.91 -19.32
CA ALA D 343 45.99 11.88 -18.46
C ALA D 343 44.51 11.58 -18.36
N PHE D 344 43.91 11.06 -19.42
CA PHE D 344 42.51 10.67 -19.36
C PHE D 344 42.30 9.50 -18.42
N ILE D 345 43.14 8.46 -18.54
CA ILE D 345 43.02 7.31 -17.66
C ILE D 345 43.30 7.68 -16.22
N LEU D 346 44.26 8.59 -16.00
CA LEU D 346 44.53 9.06 -14.66
C LEU D 346 43.34 9.81 -14.08
N GLU D 347 42.70 10.65 -14.90
CA GLU D 347 41.55 11.41 -14.44
C GLU D 347 40.31 10.53 -14.31
N THR D 348 40.25 9.42 -15.03
CA THR D 348 39.18 8.45 -14.80
C THR D 348 39.34 7.78 -13.44
N PHE D 349 40.58 7.43 -13.08
CA PHE D 349 40.84 6.85 -11.77
C PHE D 349 40.61 7.86 -10.65
N ARG D 350 41.01 9.12 -10.86
CA ARG D 350 40.89 10.11 -9.80
C ARG D 350 39.44 10.54 -9.60
N HIS D 351 38.77 10.94 -10.69
CA HIS D 351 37.45 11.54 -10.55
C HIS D 351 36.41 10.50 -10.09
N SER D 352 36.48 9.28 -10.61
CA SER D 352 35.55 8.25 -10.19
C SER D 352 35.96 7.65 -8.85
N SER D 353 37.25 7.38 -8.67
CA SER D 353 37.76 6.71 -7.48
C SER D 353 36.94 5.46 -7.19
N PHE D 354 36.75 4.64 -8.23
CA PHE D 354 35.82 3.53 -8.12
C PHE D 354 36.29 2.48 -7.12
N VAL D 355 37.49 2.66 -6.57
CA VAL D 355 37.89 1.90 -5.39
C VAL D 355 38.11 2.91 -4.26
N PRO D 356 37.05 3.39 -3.60
CA PRO D 356 37.20 4.51 -2.68
C PRO D 356 37.98 4.16 -1.42
N PHE D 357 37.89 2.93 -0.95
CA PHE D 357 38.66 2.46 0.19
C PHE D 357 39.54 1.29 -0.25
N THR D 358 40.70 1.18 0.37
CA THR D 358 41.46 -0.05 0.26
C THR D 358 40.71 -1.15 1.01
N ILE D 359 41.12 -2.39 0.77
CA ILE D 359 40.60 -3.46 1.64
C ILE D 359 41.00 -3.14 3.07
N PRO D 360 40.12 -3.31 4.06
CA PRO D 360 40.46 -2.90 5.42
C PRO D 360 41.78 -3.51 5.89
N HIS D 361 42.58 -2.69 6.56
CA HIS D 361 43.84 -3.12 7.16
C HIS D 361 43.64 -3.43 8.63
N SER D 362 44.74 -3.83 9.29
CA SER D 362 44.71 -4.15 10.70
C SER D 362 46.13 -4.01 11.26
N THR D 363 46.24 -3.45 12.45
CA THR D 363 47.55 -3.25 13.08
C THR D 363 48.07 -4.58 13.63
N THR D 364 49.33 -4.87 13.36
CA THR D 364 49.97 -6.10 13.83
C THR D 364 50.64 -5.94 15.18
N ARG D 365 50.67 -4.74 15.75
CA ARG D 365 51.33 -4.50 17.03
C ARG D 365 50.99 -3.09 17.48
N ASP D 366 51.08 -2.87 18.78
CA ASP D 366 50.96 -1.52 19.31
C ASP D 366 51.87 -0.58 18.53
N THR D 367 51.28 0.49 17.99
CA THR D 367 52.02 1.40 17.12
C THR D 367 51.54 2.82 17.36
N SER D 368 52.33 3.77 16.86
CA SER D 368 52.03 5.20 16.99
C SER D 368 52.06 5.82 15.61
N LEU D 369 51.11 6.73 15.37
CA LEU D 369 50.97 7.37 14.06
C LEU D 369 50.61 8.83 14.27
N LYS D 370 51.51 9.73 13.86
CA LYS D 370 51.30 11.17 13.99
C LYS D 370 50.90 11.56 15.40
N GLY D 371 51.50 10.88 16.38
CA GLY D 371 51.30 11.20 17.78
C GLY D 371 50.09 10.56 18.42
N PHE D 372 49.40 9.66 17.72
CA PHE D 372 48.24 8.97 18.26
C PHE D 372 48.56 7.50 18.47
N TYR D 373 48.02 6.92 19.54
CA TYR D 373 48.27 5.53 19.89
C TYR D 373 47.21 4.63 19.27
N ILE D 374 47.68 3.56 18.61
CA ILE D 374 46.80 2.58 17.98
C ILE D 374 47.18 1.20 18.50
N PRO D 375 46.31 0.50 19.21
CA PRO D 375 46.66 -0.83 19.75
C PRO D 375 46.67 -1.90 18.67
N LYS D 376 47.18 -3.06 19.06
CA LYS D 376 47.25 -4.20 18.16
C LYS D 376 45.84 -4.74 17.88
N GLY D 377 45.60 -5.10 16.62
CA GLY D 377 44.32 -5.65 16.22
C GLY D 377 43.29 -4.63 15.76
N ARG D 378 43.55 -3.35 15.98
CA ARG D 378 42.59 -2.32 15.61
C ARG D 378 42.34 -2.31 14.10
N CYS D 379 41.06 -2.27 13.72
CA CYS D 379 40.69 -2.17 12.32
C CYS D 379 41.02 -0.78 11.78
N VAL D 380 41.51 -0.73 10.54
CA VAL D 380 41.97 0.52 9.92
C VAL D 380 41.38 0.62 8.53
N PHE D 381 40.64 1.68 8.27
CA PHE D 381 40.17 2.02 6.92
C PHE D 381 41.12 3.05 6.31
N VAL D 382 41.34 2.92 5.01
CA VAL D 382 42.20 3.84 4.25
C VAL D 382 41.35 4.48 3.17
N ASN D 383 41.18 5.79 3.26
CA ASN D 383 40.21 6.52 2.43
C ASN D 383 40.94 7.04 1.19
N GLN D 384 40.89 6.26 0.11
CA GLN D 384 41.50 6.70 -1.13
C GLN D 384 40.69 7.80 -1.81
N TRP D 385 39.36 7.77 -1.66
CA TRP D 385 38.53 8.82 -2.24
C TRP D 385 38.94 10.19 -1.72
N GLN D 386 39.28 10.27 -0.43
CA GLN D 386 39.62 11.55 0.16
C GLN D 386 40.85 12.15 -0.50
N ILE D 387 41.86 11.32 -0.78
CA ILE D 387 43.09 11.82 -1.40
C ILE D 387 42.81 12.36 -2.80
N ASN D 388 42.02 11.62 -3.58
CA ASN D 388 41.79 11.99 -4.97
C ASN D 388 40.86 13.19 -5.12
N HIS D 389 40.24 13.64 -4.02
CA HIS D 389 39.38 14.83 -4.06
C HIS D 389 39.80 15.87 -3.03
N ASP D 390 40.92 15.67 -2.34
CA ASP D 390 41.43 16.66 -1.40
C ASP D 390 41.56 18.01 -2.07
N GLN D 391 40.82 19.00 -1.57
CA GLN D 391 40.89 20.34 -2.14
C GLN D 391 42.28 20.95 -2.02
N LYS D 392 43.11 20.44 -1.10
CA LYS D 392 44.46 20.98 -0.93
C LYS D 392 45.40 20.50 -2.01
N LEU D 393 45.14 19.32 -2.59
CA LEU D 393 46.01 18.76 -3.62
C LEU D 393 45.56 19.09 -5.04
N TRP D 394 44.28 19.34 -5.28
CA TRP D 394 43.77 19.51 -6.63
C TRP D 394 43.01 20.81 -6.79
N VAL D 395 42.98 21.30 -8.03
CA VAL D 395 42.28 22.52 -8.42
C VAL D 395 40.91 22.09 -8.93
N ASN D 396 39.87 22.32 -8.14
CA ASN D 396 38.51 21.97 -8.51
C ASN D 396 38.41 20.45 -8.67
N PRO D 397 38.49 19.71 -7.57
CA PRO D 397 38.52 18.24 -7.66
C PRO D 397 37.29 17.63 -8.30
N SER D 398 36.12 18.25 -8.10
CA SER D 398 34.86 17.70 -8.60
C SER D 398 34.78 17.72 -10.13
N GLU D 399 35.61 18.50 -10.80
CA GLU D 399 35.54 18.64 -12.25
C GLU D 399 36.39 17.56 -12.92
N PHE D 400 35.86 17.01 -14.00
CA PHE D 400 36.59 16.03 -14.81
C PHE D 400 37.41 16.78 -15.84
N LEU D 401 38.73 16.84 -15.63
CA LEU D 401 39.62 17.66 -16.45
C LEU D 401 40.94 16.94 -16.62
N PRO D 402 41.09 16.14 -17.69
CA PRO D 402 42.36 15.44 -17.91
C PRO D 402 43.55 16.37 -18.03
N GLU D 403 43.34 17.58 -18.55
CA GLU D 403 44.44 18.51 -18.74
C GLU D 403 45.14 18.90 -17.45
N ARG D 404 44.57 18.56 -16.28
CA ARG D 404 45.22 18.86 -15.02
C ARG D 404 46.53 18.12 -14.83
N PHE D 405 46.75 17.04 -15.58
CA PHE D 405 47.97 16.23 -15.47
C PHE D 405 49.01 16.57 -16.52
N LEU D 406 48.76 17.58 -17.35
CA LEU D 406 49.64 17.94 -18.46
C LEU D 406 50.45 19.17 -18.10
N THR D 407 51.75 19.12 -18.38
CA THR D 407 52.62 20.27 -18.22
C THR D 407 52.38 21.25 -19.36
N PRO D 408 52.92 22.46 -19.28
CA PRO D 408 52.70 23.43 -20.37
C PRO D 408 53.16 22.93 -21.73
N ASP D 409 54.10 21.98 -21.77
CA ASP D 409 54.61 21.43 -23.01
C ASP D 409 53.89 20.15 -23.43
N GLY D 410 52.84 19.75 -22.71
CA GLY D 410 52.01 18.64 -23.12
C GLY D 410 52.42 17.28 -22.60
N ALA D 411 53.33 17.21 -21.64
CA ALA D 411 53.78 15.94 -21.07
C ALA D 411 53.17 15.73 -19.69
N ILE D 412 53.16 14.48 -19.25
CA ILE D 412 52.57 14.13 -17.97
C ILE D 412 53.41 14.69 -16.84
N ASP D 413 52.77 15.41 -15.92
CA ASP D 413 53.42 15.88 -14.70
C ASP D 413 53.52 14.70 -13.74
N LYS D 414 54.72 14.11 -13.65
CA LYS D 414 54.86 12.90 -12.85
C LYS D 414 54.67 13.18 -11.36
N VAL D 415 55.04 14.37 -10.89
CA VAL D 415 54.84 14.70 -9.49
C VAL D 415 53.35 14.63 -9.13
N LEU D 416 52.50 15.14 -10.02
CA LEU D 416 51.07 15.22 -9.75
C LEU D 416 50.38 13.89 -10.02
N SER D 417 50.83 13.15 -11.05
CA SER D 417 50.18 11.90 -11.39
C SER D 417 50.37 10.84 -10.31
N GLU D 418 51.37 10.99 -9.45
CA GLU D 418 51.62 10.05 -8.37
C GLU D 418 50.82 10.40 -7.11
N LYS D 419 49.96 11.41 -7.17
CA LYS D 419 49.02 11.69 -6.09
C LYS D 419 47.65 11.05 -6.32
N VAL D 420 47.45 10.40 -7.48
CA VAL D 420 46.22 9.67 -7.76
C VAL D 420 46.35 8.30 -7.11
N ILE D 421 45.77 8.14 -5.94
CA ILE D 421 45.87 6.91 -5.16
C ILE D 421 44.62 6.07 -5.42
N ILE D 422 44.83 4.90 -6.02
CA ILE D 422 43.72 3.99 -6.29
C ILE D 422 44.19 2.54 -6.19
N PHE D 423 45.51 2.31 -6.26
CA PHE D 423 46.08 0.98 -6.19
C PHE D 423 46.66 0.65 -4.82
N GLY D 424 46.43 1.49 -3.82
CA GLY D 424 46.96 1.24 -2.49
C GLY D 424 48.43 1.62 -2.37
N MET D 425 49.00 1.25 -1.23
CA MET D 425 50.38 1.59 -0.92
C MET D 425 50.97 0.52 -0.01
N GLY D 426 52.30 0.48 0.01
CA GLY D 426 53.01 -0.27 1.03
C GLY D 426 53.11 -1.75 0.75
N LYS D 427 53.22 -2.53 1.84
CA LYS D 427 53.41 -3.97 1.72
C LYS D 427 52.17 -4.66 1.15
N ARG D 428 51.00 -4.04 1.25
CA ARG D 428 49.75 -4.63 0.77
C ARG D 428 49.28 -4.01 -0.52
N LYS D 429 50.14 -3.25 -1.21
CA LYS D 429 49.79 -2.61 -2.48
C LYS D 429 49.23 -3.63 -3.48
N CYS D 430 48.48 -3.15 -4.45
CA CYS D 430 47.99 -4.01 -5.52
C CYS D 430 49.14 -4.68 -6.26
N ILE D 431 49.01 -5.98 -6.50
CA ILE D 431 50.04 -6.72 -7.23
C ILE D 431 49.76 -6.78 -8.73
N GLY D 432 48.57 -6.38 -9.16
CA GLY D 432 48.26 -6.35 -10.58
C GLY D 432 48.16 -4.94 -11.13
N GLU D 433 48.78 -3.98 -10.42
CA GLU D 433 48.72 -2.59 -10.86
C GLU D 433 49.26 -2.43 -12.28
N THR D 434 50.48 -2.93 -12.51
CA THR D 434 51.09 -2.79 -13.83
C THR D 434 50.25 -3.47 -14.91
N ILE D 435 49.63 -4.60 -14.57
CA ILE D 435 48.82 -5.32 -15.55
C ILE D 435 47.56 -4.52 -15.88
N ALA D 436 46.93 -3.93 -14.85
CA ALA D 436 45.70 -3.17 -15.09
C ALA D 436 45.95 -1.92 -15.92
N ARG D 437 47.04 -1.20 -15.65
CA ARG D 437 47.31 0.02 -16.39
C ARG D 437 47.53 -0.26 -17.87
N TRP D 438 48.09 -1.42 -18.20
CA TRP D 438 48.32 -1.77 -19.60
C TRP D 438 47.04 -2.27 -20.26
N GLU D 439 46.22 -3.02 -19.53
CA GLU D 439 44.97 -3.51 -20.09
C GLU D 439 44.04 -2.35 -20.45
N VAL D 440 43.90 -1.38 -19.55
CA VAL D 440 43.02 -0.24 -19.82
C VAL D 440 43.53 0.56 -21.01
N PHE D 441 44.84 0.82 -21.06
CA PHE D 441 45.39 1.63 -22.14
C PHE D 441 45.16 0.98 -23.49
N LEU D 442 45.42 -0.32 -23.59
CA LEU D 442 45.35 -1.00 -24.87
C LEU D 442 43.91 -1.06 -25.37
N PHE D 443 42.99 -1.51 -24.53
CA PHE D 443 41.59 -1.58 -24.93
C PHE D 443 41.10 -0.23 -25.47
N LEU D 444 41.37 0.84 -24.73
CA LEU D 444 40.90 2.16 -25.16
C LEU D 444 41.61 2.61 -26.43
N ALA D 445 42.92 2.42 -26.51
CA ALA D 445 43.66 2.87 -27.69
C ALA D 445 43.20 2.13 -28.94
N ILE D 446 43.05 0.80 -28.84
CA ILE D 446 42.66 0.02 -30.00
C ILE D 446 41.25 0.40 -30.45
N LEU D 447 40.35 0.62 -29.48
CA LEU D 447 38.97 0.95 -29.83
C LEU D 447 38.86 2.38 -30.37
N LEU D 448 39.33 3.35 -29.60
CA LEU D 448 39.15 4.76 -29.96
C LEU D 448 39.87 5.13 -31.25
N GLN D 449 40.84 4.33 -31.70
CA GLN D 449 41.44 4.59 -33.00
C GLN D 449 40.46 4.26 -34.13
N ARG D 450 39.65 3.22 -33.95
CA ARG D 450 38.78 2.70 -34.99
C ARG D 450 37.36 3.20 -34.89
N VAL D 451 36.81 3.32 -33.68
CA VAL D 451 35.40 3.57 -33.47
C VAL D 451 35.23 4.81 -32.59
N GLU D 452 34.01 5.34 -32.60
CA GLU D 452 33.64 6.51 -31.81
C GLU D 452 32.35 6.21 -31.07
N PHE D 453 32.37 6.31 -29.74
CA PHE D 453 31.21 6.04 -28.93
C PHE D 453 30.43 7.33 -28.68
N SER D 454 29.12 7.19 -28.48
CA SER D 454 28.24 8.33 -28.31
C SER D 454 26.97 7.87 -27.63
N VAL D 455 26.17 8.84 -27.21
CA VAL D 455 24.85 8.58 -26.62
C VAL D 455 23.88 9.65 -27.11
N PRO D 456 22.68 9.27 -27.57
CA PRO D 456 21.78 10.28 -28.14
C PRO D 456 21.23 11.21 -27.07
N LEU D 457 20.76 12.36 -27.53
CA LEU D 457 20.13 13.34 -26.64
C LEU D 457 18.82 12.79 -26.11
N GLY D 458 18.44 13.27 -24.92
CA GLY D 458 17.15 12.96 -24.35
C GLY D 458 17.05 11.64 -23.62
N VAL D 459 18.17 10.99 -23.31
CA VAL D 459 18.18 9.77 -22.52
C VAL D 459 18.97 10.03 -21.24
N LYS D 460 18.47 9.49 -20.13
CA LYS D 460 19.15 9.66 -18.85
C LYS D 460 20.40 8.79 -18.80
N VAL D 461 21.48 9.36 -18.27
CA VAL D 461 22.74 8.65 -18.06
C VAL D 461 23.21 9.00 -16.65
N ASP D 462 22.96 8.10 -15.70
CA ASP D 462 23.26 8.35 -14.30
C ASP D 462 24.75 8.11 -14.07
N MET D 463 25.50 9.20 -13.91
CA MET D 463 26.94 9.13 -13.61
C MET D 463 27.23 8.97 -12.13
N THR D 464 26.23 8.71 -11.31
CA THR D 464 26.43 8.64 -9.86
C THR D 464 27.02 7.29 -9.48
N PRO D 465 28.13 7.26 -8.73
CA PRO D 465 28.69 5.97 -8.31
C PRO D 465 27.80 5.28 -7.29
N ILE D 466 27.81 3.95 -7.35
CA ILE D 466 27.09 3.09 -6.41
C ILE D 466 28.12 2.45 -5.49
N TYR D 467 28.02 2.73 -4.19
CA TYR D 467 29.07 2.36 -3.27
C TYR D 467 29.30 0.85 -3.26
N GLY D 468 30.52 0.47 -2.93
CA GLY D 468 30.96 -0.91 -2.91
C GLY D 468 32.46 -0.95 -2.96
N LEU D 469 33.01 -2.14 -2.69
CA LEU D 469 34.46 -2.30 -2.80
C LEU D 469 34.95 -1.72 -4.13
N THR D 470 34.24 -2.03 -5.22
CA THR D 470 34.37 -1.33 -6.49
C THR D 470 33.07 -0.62 -6.78
N MET D 471 33.13 0.69 -6.99
CA MET D 471 31.93 1.48 -7.23
C MET D 471 31.54 1.39 -8.70
N LYS D 472 30.36 0.84 -8.96
CA LYS D 472 29.82 0.75 -10.31
C LYS D 472 28.86 1.91 -10.53
N HIS D 473 28.24 1.95 -11.70
CA HIS D 473 27.28 2.97 -12.06
C HIS D 473 26.01 2.31 -12.56
N ALA D 474 24.93 3.10 -12.60
CA ALA D 474 23.67 2.58 -13.14
C ALA D 474 23.86 2.12 -14.57
N CYS D 475 23.34 0.94 -14.89
CA CYS D 475 23.49 0.40 -16.23
C CYS D 475 22.79 1.28 -17.25
N CYS D 476 23.52 1.67 -18.28
CA CYS D 476 23.00 2.46 -19.39
C CYS D 476 22.90 1.58 -20.63
N GLU D 477 21.72 1.54 -21.24
CA GLU D 477 21.44 0.66 -22.36
C GLU D 477 21.27 1.44 -23.66
N HIS D 478 21.86 2.63 -23.75
CA HIS D 478 21.65 3.54 -24.88
C HIS D 478 22.95 3.93 -25.57
N PHE D 479 24.03 3.18 -25.34
CA PHE D 479 25.29 3.48 -26.01
C PHE D 479 25.16 3.21 -27.51
N GLN D 480 25.90 3.99 -28.29
CA GLN D 480 25.98 3.79 -29.73
C GLN D 480 27.45 3.88 -30.14
N MET D 481 27.74 3.34 -31.31
CA MET D 481 29.12 3.25 -31.78
C MET D 481 29.13 3.31 -33.30
N GLN D 482 30.04 4.12 -33.85
CA GLN D 482 30.23 4.20 -35.29
C GLN D 482 31.72 4.25 -35.57
N LEU D 483 32.10 3.71 -36.73
CA LEU D 483 33.48 3.71 -37.17
C LEU D 483 33.90 5.10 -37.66
N ARG D 484 35.21 5.29 -37.76
CA ARG D 484 35.80 6.54 -38.22
C ARG D 484 36.31 6.37 -39.65
N SER D 485 36.36 7.49 -40.37
CA SER D 485 36.87 7.52 -41.75
C SER D 485 37.94 6.45 -42.03
CHA HEM E . -36.56 -24.72 -7.34
CHB HEM E . -36.49 -23.40 -2.67
CHC HEM E . -34.84 -27.81 -1.50
CHD HEM E . -34.91 -29.13 -6.16
C1A HEM E . -36.65 -23.97 -6.19
C2A HEM E . -37.05 -22.57 -6.13
C3A HEM E . -37.02 -22.20 -4.84
C4A HEM E . -36.64 -23.35 -4.05
CMA HEM E . -37.37 -20.80 -4.30
CAA HEM E . -37.39 -21.72 -7.35
CBA HEM E . -38.87 -21.34 -7.33
CGA HEM E . -39.21 -20.62 -8.61
O1A HEM E . -40.39 -20.18 -8.75
O2A HEM E . -38.32 -20.49 -9.48
C1B HEM E . -36.02 -24.47 -1.95
C2B HEM E . -35.78 -24.50 -0.52
C3B HEM E . -35.31 -25.72 -0.20
C4B HEM E . -35.25 -26.50 -1.42
CMB HEM E . -36.02 -23.30 0.42
CAB HEM E . -34.91 -26.29 1.18
CBB HEM E . -35.24 -25.70 2.33
C1C HEM E . -34.77 -28.57 -2.65
C2C HEM E . -34.48 -29.98 -2.71
C3C HEM E . -34.50 -30.36 -4.00
C4C HEM E . -34.80 -29.18 -4.79
CMC HEM E . -34.20 -30.86 -1.47
CAC HEM E . -34.25 -31.75 -4.62
CBC HEM E . -33.69 -32.75 -3.93
C1D HEM E . -35.30 -28.03 -6.89
C2D HEM E . -35.32 -27.93 -8.33
C3D HEM E . -35.78 -26.71 -8.65
C4D HEM E . -36.07 -26.01 -7.42
CMD HEM E . -34.88 -29.04 -9.30
CAD HEM E . -35.97 -26.15 -10.08
CBD HEM E . -37.46 -26.14 -10.40
CGD HEM E . -37.69 -25.52 -11.75
O1D HEM E . -38.83 -25.62 -12.27
O2D HEM E . -36.73 -24.93 -12.31
NA HEM E . -36.42 -24.41 -4.90
NB HEM E . -35.69 -25.71 -2.47
NC HEM E . -34.96 -28.11 -3.93
ND HEM E . -35.77 -26.84 -6.37
FE HEM E . -35.88 -26.33 -4.40
HHB HEM E . -36.88 -22.65 -2.16
HHC HEM E . -34.58 -28.24 -0.66
HHD HEM E . -34.57 -29.89 -6.66
HMA HEM E . -36.81 -20.12 -4.76
HMAA HEM E . -37.19 -20.76 -3.34
HMAB HEM E . -38.32 -20.60 -4.46
HAA HEM E . -37.20 -22.22 -8.16
HAAA HEM E . -36.86 -20.90 -7.33
HBA HEM E . -39.05 -20.75 -6.58
HBAA HEM E . -39.41 -22.13 -7.26
HMB HEM E . -35.92 -22.48 -0.07
HMBA HEM E . -35.38 -23.32 1.15
HMBB HEM E . -36.92 -23.36 0.78
HAB HEM E . -34.40 -27.10 1.21
HBB HEM E . -34.73 -25.87 3.13
HBBA HEM E . -36.00 -25.08 2.37
HMC HEM E . -34.52 -31.76 -1.62
HMCA HEM E . -34.67 -30.49 -0.70
HMCB HEM E . -33.26 -30.88 -1.27
HAC HEM E . -34.49 -31.90 -5.53
HBC HEM E . -33.74 -33.66 -4.27
HBCA HEM E . -33.14 -32.57 -3.15
HMD HEM E . -35.12 -28.79 -10.22
HMDA HEM E . -35.32 -29.87 -9.06
HMDB HEM E . -33.91 -29.17 -9.25
HAD HEM E . -35.50 -26.71 -10.73
HADA HEM E . -35.62 -25.24 -10.11
HBD HEM E . -37.92 -25.63 -9.72
HBDA HEM E . -37.79 -27.06 -10.40
HHA HEM E . -36.94 -24.34 -8.15
C10 Q4P F . -31.73 -24.00 -6.53
C13 Q4P F . -32.25 -22.66 -4.23
C15 Q4P F . -30.95 -23.04 -4.45
C20 Q4P F . -24.37 -26.80 -10.26
C21 Q4P F . -24.78 -27.30 -11.54
C22 Q4P F . -26.14 -27.36 -11.89
C26 Q4P F . -22.90 -26.93 -10.31
C02 Q4P F . -24.61 -26.67 -6.89
C03 Q4P F . -25.22 -25.75 -7.94
C04 Q4P F . -26.68 -25.33 -7.51
C06 Q4P F . -29.05 -25.64 -8.60
C07 Q4P F . -29.84 -24.94 -7.50
C08 Q4P F . -29.47 -24.33 -6.28
C09 Q4P F . -30.66 -23.75 -5.66
C11 Q4P F . -33.08 -23.58 -6.25
C12 Q4P F . -33.34 -22.90 -5.08
C18 Q4P F . -26.75 -26.40 -9.66
C19 Q4P F . -25.35 -26.33 -9.35
C23 Q4P F . -27.08 -26.89 -10.96
C25 Q4P F . -22.54 -27.47 -11.53
F14 Q4P F . -32.55 -21.96 -3.05
N05 Q4P F . -27.61 -25.83 -8.62
N16 Q4P F . -31.21 -24.70 -7.64
O17 Q4P F . -29.69 -26.05 -9.58
O24 Q4P F . -23.68 -27.71 -12.29
CL1 Q4P F . -23.95 -25.64 -5.52
H151 Q4P F . -30.28 -22.86 -3.84
H221 Q4P F . -26.45 -27.68 -12.71
H261 Q4P F . -22.27 -26.69 -9.66
H021 Q4P F . -23.86 -27.21 -7.18
H022 Q4P F . -25.22 -27.28 -6.46
H031 Q4P F . -24.68 -24.96 -7.97
H042 Q4P F . -26.70 -24.38 -7.31
H041 Q4P F . -26.89 -25.70 -6.64
H081 Q4P F . -28.62 -24.31 -5.93
H111 Q4P F . -33.77 -23.75 -6.85
H121 Q4P F . -34.19 -22.61 -4.86
H231 Q4P F . -27.97 -26.95 -11.24
H251 Q4P F . -21.72 -27.68 -11.88
H161 Q4P F . -31.65 -24.99 -8.33
C1 CPS G . -13.47 -58.21 -14.90
C2 CPS G . -13.48 -58.32 -16.45
C3 CPS G . -14.06 -55.91 -16.83
C4 CPS G . -15.19 -54.94 -17.18
C5 CPS G . -15.63 -55.19 -18.63
C6 CPS G . -16.01 -56.70 -18.80
C7 CPS G . -16.54 -56.73 -20.23
C8 CPS G . -17.42 -55.45 -20.28
C9 CPS G . -17.00 -54.59 -19.07
C10 CPS G . -14.51 -54.77 -19.60
C11 CPS G . -12.08 -58.00 -16.97
C12 CPS G . -13.35 -59.53 -14.14
C13 CPS G . -14.53 -60.45 -14.48
C14 CPS G . -15.00 -60.24 -15.92
C15 CPS G . -13.80 -59.80 -16.76
C16 CPS G . -14.06 -59.99 -18.25
C17 CPS G . -15.16 -59.07 -18.78
C18 CPS G . -14.80 -57.60 -18.50
C19 CPS G . -14.52 -57.33 -17.02
C20 CPS G . -16.89 -53.09 -19.48
C21 CPS G . -16.07 -52.27 -18.52
C22 CPS G . -18.30 -52.49 -19.48
C23 CPS G . -18.84 -52.47 -20.89
C24 CPS G . -20.24 -53.04 -20.75
C25 CPS G . -22.56 -52.68 -21.06
C26 CPS G . -23.46 -51.46 -21.11
C27 CPS G . -24.48 -51.65 -22.25
C28 CPS G . -26.12 -50.45 -20.79
C29 CPS G . -26.90 -51.54 -22.90
C30 CPS G . -26.09 -52.99 -20.96
C31 CPS G . -27.50 -53.07 -20.37
C32 CPS G . -27.66 -54.41 -19.73
N1 CPS G . -21.18 -52.16 -21.19
N2 CPS G . -25.93 -51.64 -21.73
O1 CPS G . -20.51 -54.12 -20.32
O2 CPS G . -15.63 -60.13 -13.64
O3 CPS G . -16.41 -59.32 -18.17
O4 CPS G . -16.31 -55.17 -16.34
O2S CPS G . -29.87 -55.13 -20.81
O3S CPS G . -29.50 -55.72 -18.49
O1S CPS G . -29.94 -53.42 -19.14
S CPS G . -29.47 -54.71 -19.51
H1 CPS G . -14.27 -57.74 -14.62
H1A CPS G . -12.77 -57.59 -14.63
H3 CPS G . -13.79 -55.77 -15.91
H3A CPS G . -13.29 -55.73 -17.37
H4 CPS G . -14.88 -54.03 -17.07
H6 CPS G . -16.73 -56.95 -18.21
H7 CPS G . -15.83 -56.69 -20.89
H7A CPS G . -17.06 -57.52 -20.42
H8 CPS G . -17.31 -54.98 -21.11
H8A CPS G . -18.35 -55.68 -20.22
H9 CPS G . -17.65 -54.69 -18.36
H10 CPS G . -13.94 -55.51 -19.86
H10A CPS G . -13.92 -54.12 -19.21
H10B CPS G . -14.84 -54.43 -20.45
H11 CPS G . -11.48 -58.74 -16.78
H11A CPS G . -11.70 -57.21 -16.56
H11B CPS G . -12.08 -57.93 -17.93
H12 CPS G . -12.53 -59.99 -14.39
H12A CPS G . -13.27 -59.39 -13.18
H13 CPS G . -14.29 -61.38 -14.37
H14 CPS G . -15.38 -61.06 -16.26
H14A CPS G . -15.71 -59.58 -15.93
H15 CPS G . -13.02 -60.33 -16.52
H16 CPS G . -13.24 -59.81 -18.73
H16A CPS G . -14.27 -60.91 -18.48
H17 CPS G . -15.26 -59.16 -19.74
H18 CPS G . -14.05 -57.39 -19.05
H19 CPS G . -15.35 -57.45 -16.55
H20 CPS G . -16.53 -53.02 -20.37
H21 CPS G . -16.21 -51.31 -18.64
H21A CPS G . -15.13 -52.42 -18.62
H21B CPS G . -16.31 -52.48 -17.60
H22 CPS G . -18.88 -53.01 -18.92
H22A CPS G . -18.30 -51.59 -19.11
H23 CPS G . -18.87 -51.57 -21.26
H23A CPS G . -18.32 -53.01 -21.51
H25 CPS G . -22.73 -53.30 -21.79
H25A CPS G . -22.65 -53.16 -20.23
H261 CPS G . -23.88 -51.35 -20.24
H271 CPS G . -24.40 -50.92 -22.89
H28 CPS G . -25.52 -49.75 -21.04
H28A CPS G . -26.04 -50.73 -19.86
H28B CPS G . -27.01 -50.12 -20.93
H29 CPS G . -26.60 -50.82 -23.48
H29A CPS G . -27.78 -51.33 -22.56
H29B CPS G . -26.91 -52.36 -23.38
H30 CPS G . -25.94 -53.68 -21.61
H30A CPS G . -25.38 -53.04 -20.31
H31 CPS G . -27.65 -52.37 -19.72
H31A CPS G . -28.16 -52.94 -21.07
H32 CPS G . -27.28 -55.10 -20.30
H32A CPS G . -27.16 -54.45 -18.90
HN1 CPS G . -21.03 -51.37 -21.51
HO2 CPS G . -15.53 -59.30 -13.45
HO3 CPS G . -16.98 -59.50 -18.78
HO4 CPS G . -16.09 -54.95 -15.55
H272 CPS G . -24.34 -52.46 -22.75
H262 CPS G . -22.93 -50.67 -21.25
CHA HEM H . -10.60 28.44 -33.02
CHB HEM H . -6.22 26.49 -33.71
CHC HEM H . -4.18 30.68 -32.32
CHD HEM H . -8.57 32.55 -31.42
C1A HEM H . -9.60 27.56 -33.32
C2A HEM H . -9.79 26.20 -33.80
C3A HEM H . -8.58 25.67 -34.00
C4A HEM H . -7.58 26.66 -33.65
CMA HEM H . -8.30 24.24 -34.50
CAA HEM H . -11.16 25.56 -34.02
CBA HEM H . -11.40 25.28 -35.49
CGA HEM H . -12.80 24.76 -35.68
O1A HEM H . -13.16 24.41 -36.84
O2A HEM H . -13.55 24.70 -34.67
C1B HEM H . -5.28 27.45 -33.38
C2B HEM H . -3.84 27.29 -33.42
C3B HEM H . -3.28 28.45 -33.02
C4B HEM H . -4.35 29.39 -32.74
CMB HEM H . -3.11 25.99 -33.82
CAB HEM H . -1.79 28.80 -32.89
CBB HEM H . -0.82 28.05 -33.43
C1C HEM H . -5.19 31.57 -31.98
C2C HEM H . -5.03 32.96 -31.61
C3C HEM H . -6.23 33.47 -31.37
C4C HEM H . -7.20 32.41 -31.58
CMC HEM H . -3.66 33.68 -31.52
CAC HEM H . -6.61 34.90 -30.93
CBC HEM H . -5.72 35.78 -30.49
C1D HEM H . -9.50 31.58 -31.75
C2D HEM H . -10.93 31.69 -31.58
C3D HEM H . -11.48 30.56 -32.01
C4D HEM H . -10.43 29.70 -32.48
CMD HEM H . -11.67 32.92 -30.98
CAD HEM H . -12.98 30.20 -32.03
CBD HEM H . -13.48 30.31 -33.47
CGD HEM H . -14.91 29.87 -33.56
O1D HEM H . -15.54 30.10 -34.61
O2D HEM H . -15.43 29.31 -32.56
NA HEM H . -8.23 27.80 -33.25
NB HEM H . -5.56 28.74 -32.98
NC HEM H . -6.54 31.27 -31.96
ND HEM H . -9.23 30.35 -32.32
FE HEM H . -7.39 29.56 -32.69
HHB HEM H . -5.88 25.68 -34.14
HHC HEM H . -3.27 31.01 -32.24
HHD HEM H . -8.89 33.32 -30.94
HMA HEM H . -8.76 23.59 -33.93
HMAA HEM H . -7.33 24.07 -34.47
HMAB HEM H . -8.62 24.15 -35.43
HAA HEM H . -11.85 26.14 -33.69
HAAA HEM H . -11.20 24.72 -33.53
HBA HEM H . -10.77 24.62 -35.81
HBAA HEM H . -11.29 26.10 -36.00
HMB HEM H . -3.70 25.24 -33.69
HMBA HEM H . -2.32 25.87 -33.27
HMBB HEM H . -2.86 26.04 -34.76
HAB HEM H . -1.53 29.59 -32.40
HBB HEM H . 0.08 28.07 -33.06
HBBA HEM H . -1.01 27.48 -34.19
HMC HEM H . -3.75 34.59 -31.81
HMCA HEM H . -3.02 33.23 -32.11
HMCB HEM H . -3.33 33.64 -30.61
HAC HEM H . -7.54 35.17 -30.98
HBC HEM H . -5.89 36.73 -30.56
HBCA HEM H . -4.89 35.48 -30.08
HMD HEM H . -12.63 32.80 -31.08
HMDA HEM H . -11.38 33.73 -31.45
HMDB HEM H . -11.45 33.00 -30.03
HAD HEM H . -13.48 30.82 -31.47
HADA HEM H . -13.11 29.29 -31.72
HBD HEM H . -12.93 29.73 -34.04
HBDA HEM H . -13.40 31.22 -33.78
HHA HEM H . -11.50 28.20 -33.30
C10 Q4P I . -8.98 27.38 -28.36
C13 Q4P I . -6.96 25.85 -29.35
C15 Q4P I . -6.88 26.21 -28.02
C20 Q4P I . -11.17 30.50 -20.52
C21 Q4P I . -12.42 31.14 -20.79
C22 Q4P I . -12.93 31.22 -22.10
C26 Q4P I . -11.03 30.64 -19.06
C02 Q4P I . -7.87 29.90 -20.98
C03 Q4P I . -9.08 29.19 -21.62
C04 Q4P I . -8.80 28.86 -23.17
C06 Q4P I . -10.33 29.08 -25.32
C07 Q4P I . -9.47 28.32 -26.29
C08 Q4P I . -8.26 27.60 -26.19
C09 Q4P I . -7.93 27.01 -27.49
C11 Q4P I . -9.01 26.97 -29.74
C12 Q4P I . -7.98 26.20 -30.24
C18 Q4P I . -10.90 30.00 -22.94
C19 Q4P I . -10.42 29.92 -21.60
C23 Q4P I . -12.17 30.65 -23.13
C25 Q4P I . -12.14 31.32 -18.57
F14 Q4P I . -5.92 25.07 -29.88
N05 Q4P I . -10.06 29.34 -23.91
N16 Q4P I . -9.88 28.14 -27.63
O17 Q4P I . -11.39 29.51 -25.77
O24 Q4P I . -13.00 31.62 -19.62
CL1 Q4P I . -6.89 28.69 -19.99
H151 Q4P I . -6.17 25.94 -27.49
H221 Q4P I . -13.74 31.63 -22.31
H261 Q4P I . -10.34 30.35 -18.50
H021 Q4P I . -8.09 30.62 -20.37
H022 Q4P I . -7.24 30.29 -21.62
H031 Q4P I . -9.17 28.34 -21.16
H042 Q4P I . -7.95 29.24 -23.44
H041 Q4P I . -8.63 27.91 -23.29
H081 Q4P I . -7.74 27.52 -25.42
H111 Q4P I . -9.71 27.22 -30.30
H121 Q4P I . -7.97 25.92 -31.13
H231 Q4P I . -12.55 30.72 -23.97
H251 Q4P I . -12.37 31.58 -17.71
H161 Q4P I . -10.62 28.50 -27.90
CHA HEM J . 3.47 0.62 45.08
CHB HEM J . 0.28 -2.73 43.63
CHC HEM J . -3.37 0.13 45.06
CHD HEM J . -0.19 3.58 46.25
C1A HEM J . 2.92 -0.53 44.56
C2A HEM J . 3.67 -1.65 44.01
C3A HEM J . 2.79 -2.56 43.61
C4A HEM J . 1.46 -2.08 43.90
CMA HEM J . 3.12 -3.93 42.95
CAA HEM J . 5.21 -1.71 43.90
CBA HEM J . 5.76 -2.80 44.81
CGA HEM J . 7.26 -2.78 44.78
O1A HEM J . 7.89 -3.66 45.41
O2A HEM J . 7.84 -1.87 44.13
C1B HEM J . -0.98 -2.25 43.87
C2B HEM J . -2.23 -2.89 43.51
C3B HEM J . -3.24 -2.09 43.90
C4B HEM J . -2.67 -0.92 44.52
CMB HEM J . -2.31 -4.25 42.79
CAB HEM J . -4.76 -2.32 43.76
CBB HEM J . -5.29 -3.53 43.46
C1C HEM J . -2.83 1.30 45.54
C2C HEM J . -3.56 2.39 46.16
C3C HEM J . -2.68 3.34 46.50
C4C HEM J . -1.37 2.88 46.09
CMC HEM J . -5.09 2.39 46.38
CAC HEM J . -2.93 4.71 47.17
CBC HEM J . -4.15 5.24 47.29
C1D HEM J . 1.08 3.09 46.02
C2D HEM J . 2.31 3.82 46.17
C3D HEM J . 3.32 3.01 45.85
C4D HEM J . 2.76 1.73 45.48
CMD HEM J . 2.43 5.30 46.62
CAD HEM J . 4.82 3.36 45.86
CBD HEM J . 5.45 2.72 47.10
CGD HEM J . 6.93 2.96 47.11
O1D HEM J . 7.57 2.68 48.16
O2D HEM J . 7.48 3.44 46.08
NA HEM J . 1.58 -0.83 44.48
NB HEM J . -1.29 -1.04 44.48
NC HEM J . -1.49 1.64 45.52
ND HEM J . 1.39 1.81 45.59
FE HEM J . 0.03 0.35 45.15
HHB HEM J . 0.34 -3.67 43.34
HHC HEM J . -4.35 0.07 45.02
HHD HEM J . -0.25 4.49 46.59
HMA HEM J . 3.70 -3.79 42.17
HMAA HEM J . 2.30 -4.36 42.66
HMAB HEM J . 3.58 -4.50 43.60
HAA HEM J . 5.59 -0.86 44.17
HAAA HEM J . 5.46 -1.89 42.99
HBA HEM J . 5.45 -3.66 44.49
HBAA HEM J . 5.44 -2.66 45.71
HMB HEM J . -1.49 -4.40 42.29
HMBA HEM J . -3.07 -4.27 42.18
HMBB HEM J . -2.41 -4.96 43.45
HAB HEM J . -5.36 -1.59 43.89
HBB HEM J . -6.18 -3.58 43.07
HBBA HEM J . -4.79 -4.34 43.64
HMC HEM J . -5.30 2.86 47.19
HMCA HEM J . -5.40 1.48 46.44
HMCB HEM J . -5.52 2.82 45.62
HAC HEM J . -2.18 5.19 47.52
HBC HEM J . -4.30 5.98 47.91
HBCA HEM J . -4.86 4.97 46.68
HMD HEM J . 3.37 5.50 46.84
HMDA HEM J . 1.87 5.44 47.42
HMDB HEM J . 2.12 5.88 45.91
HAD HEM J . 4.94 4.33 45.91
HADA HEM J . 5.25 3.02 45.06
HBD HEM J . 5.28 1.76 47.08
HBDA HEM J . 5.05 3.09 47.90
HHA HEM J . 4.42 0.61 45.30
C10 Q4P K . 1.52 2.94 40.50
C13 Q4P K . 0.85 0.46 40.24
C15 Q4P K . 0.35 1.33 39.36
C20 Q4P K . 1.30 10.20 37.02
C21 Q4P K . 2.20 10.84 37.81
C22 Q4P K . 2.72 10.27 38.89
C26 Q4P K . 1.04 11.16 36.05
C02 Q4P K . -1.45 8.44 36.62
C03 Q4P K . -0.04 8.01 36.70
C04 Q4P K . 0.07 6.72 37.53
C06 Q4P K . 1.41 6.18 39.47
C07 Q4P K . 1.13 4.81 39.57
C08 Q4P K . 0.44 3.89 38.86
C09 Q4P K . 0.69 2.65 39.50
C11 Q4P K . 1.98 2.02 41.34
C12 Q4P K . 1.66 0.75 41.21
C18 Q4P K . 1.37 8.35 38.43
C19 Q4P K . 0.90 8.94 37.32
C23 Q4P K . 2.31 9.05 39.15
C25 Q4P K . 1.80 12.23 36.36
F14 Q4P K . 0.54 -0.88 40.17
N05 Q4P K . 0.97 7.06 38.60
N16 Q4P K . 1.77 4.12 40.52
O17 Q4P K . 2.21 6.63 40.24
O24 Q4P K . 2.47 12.00 37.41
CL1 Q4P K . -2.19 7.85 35.12
H151 Q4P K . -0.23 1.06 38.68
H221 Q4P K . 3.34 10.67 39.45
H261 Q4P K . 0.48 11.14 35.32
H021 Q4P K . -2.04 8.13 37.33
H022 Q4P K . -1.58 9.40 36.60
H031 Q4P K . 0.24 7.81 35.79
H042 Q4P K . -0.82 6.41 37.78
H041 Q4P K . 0.37 5.99 36.98
H081 Q4P K . -0.10 4.02 38.12
H111 Q4P K . 2.57 2.25 42.03
H121 Q4P K . 1.97 0.09 41.79
H231 Q4P K . 2.69 8.67 39.90
H251 Q4P K . 1.90 13.05 35.95
H161 Q4P K . 2.28 4.52 41.08
CHA HEM L . 44.74 -5.59 -4.01
CHB HEM L . 43.13 -1.87 -6.67
CHC HEM L . 43.50 -4.57 -10.69
CHD HEM L . 44.97 -8.34 -8.01
C1A HEM L . 44.26 -4.36 -4.38
C2A HEM L . 43.94 -3.27 -3.48
C3A HEM L . 43.49 -2.25 -4.20
C4A HEM L . 43.52 -2.64 -5.61
CMA HEM L . 43.04 -0.87 -3.67
CAA HEM L . 44.09 -3.30 -1.94
CBA HEM L . 45.17 -2.33 -1.49
CGA HEM L . 45.38 -2.45 -0.01
O1A HEM L . 46.19 -1.66 0.54
O2A HEM L . 44.74 -3.32 0.63
C1B HEM L . 43.09 -2.27 -7.99
C2B HEM L . 42.67 -1.46 -9.12
C3B HEM L . 42.77 -2.21 -10.23
C4B HEM L . 43.26 -3.53 -9.83
CMB HEM L . 42.20 0.00 -9.01
CAB HEM L . 42.45 -1.82 -11.70
CBB HEM L . 42.29 -0.56 -12.07
C1C HEM L . 43.97 -5.82 -10.32
C2C HEM L . 44.36 -6.88 -11.22
C3C HEM L . 44.78 -7.92 -10.48
C4C HEM L . 44.65 -7.55 -9.09
CMC HEM L . 44.30 -6.77 -12.77
CAC HEM L . 45.27 -9.30 -10.94
CBC HEM L . 45.12 -9.74 -12.21
C1D HEM L . 45.00 -7.94 -6.69
C2D HEM L . 45.30 -8.79 -5.55
C3D HEM L . 45.23 -8.03 -4.46
C4D HEM L . 44.90 -6.68 -4.85
CMD HEM L . 45.61 -10.29 -5.62
CAD HEM L . 45.47 -8.51 -3.00
CBD HEM L . 46.83 -8.02 -2.52
CGD HEM L . 47.02 -8.42 -1.08
O1D HEM L . 48.17 -8.30 -0.56
O2D HEM L . 46.04 -8.86 -0.44
NA HEM L . 43.99 -3.94 -5.67
NB HEM L . 43.44 -3.52 -8.47
NC HEM L . 44.16 -6.25 -9.02
ND HEM L . 44.77 -6.66 -6.23
FE HEM L . 44.21 -5.03 -7.37
HHB HEM L . 42.91 -0.93 -6.49
HHC HEM L . 43.31 -4.44 -11.64
HHD HEM L . 45.12 -9.29 -8.19
HMA HEM L . 42.39 -0.99 -2.95
HMAA HEM L . 42.62 -0.36 -4.40
HMAB HEM L . 43.81 -0.37 -3.33
HAA HEM L . 44.34 -4.20 -1.66
HAAA HEM L . 43.25 -3.06 -1.53
HBA HEM L . 44.90 -1.42 -1.71
HBAA HEM L . 46.00 -2.54 -1.96
HMB HEM L . 41.85 0.16 -8.12
HMBA HEM L . 41.50 0.17 -9.66
HMBB HEM L . 42.96 0.60 -9.17
HAB HEM L . 42.37 -2.52 -12.35
HBB HEM L . 41.77 -0.36 -12.87
HBBA HEM L . 42.69 0.16 -11.57
HMC HEM L . 45.01 -7.29 -13.16
HMCA HEM L . 44.39 -5.84 -13.02
HMCB HEM L . 43.44 -7.11 -13.08
HAC HEM L . 45.71 -9.88 -10.31
HBC HEM L . 45.74 -10.40 -12.57
HBCA HEM L . 44.40 -9.40 -12.75
HMD HEM L . 45.95 -10.60 -4.76
HMDA HEM L . 46.29 -10.45 -6.32
HMDB HEM L . 44.80 -10.79 -5.86
HAD HEM L . 45.45 -9.47 -2.97
HADA HEM L . 44.77 -8.15 -2.43
HBD HEM L . 46.88 -7.05 -2.59
HBDA HEM L . 47.53 -8.42 -3.06
HHA HEM L . 45.08 -5.69 -3.10
C10 Q4P M . 40.00 -6.68 -5.01
C13 Q4P M . 39.50 -4.16 -5.88
C15 Q4P M . 38.62 -5.14 -6.28
C20 Q4P M . 35.50 -14.13 -5.59
C21 Q4P M . 36.29 -15.10 -4.91
C22 Q4P M . 37.57 -14.78 -4.41
C26 Q4P M . 34.28 -14.89 -5.95
C02 Q4P M . 35.01 -11.66 -7.91
C03 Q4P M . 35.37 -11.57 -6.43
C04 Q4P M . 36.41 -10.39 -6.19
C06 Q4P M . 38.80 -10.25 -5.09
C07 Q4P M . 38.98 -8.76 -5.32
C08 Q4P M . 38.24 -7.78 -6.00
C09 Q4P M . 38.88 -6.47 -5.83
C11 Q4P M . 40.88 -5.63 -4.62
C12 Q4P M . 40.62 -4.33 -5.05
C18 Q4P M . 37.28 -12.43 -5.27
C19 Q4P M . 35.99 -12.79 -5.76
C23 Q4P M . 38.02 -13.46 -4.58
C25 Q4P M . 34.42 -16.18 -5.48
F14 Q4P M . 39.25 -2.84 -6.31
N05 Q4P M . 37.61 -11.02 -5.48
N16 Q4P M . 40.04 -8.06 -4.70
O17 Q4P M . 39.70 -10.83 -4.51
O24 Q4P M . 35.65 -16.32 -4.85
CL1 Q4P M . 33.33 -12.41 -8.08
H151 Q4P M . 37.89 -4.96 -6.83
H221 Q4P M . 38.12 -15.38 -3.96
H261 Q4P M . 33.52 -14.60 -6.40
H021 Q4P M . 34.95 -10.82 -8.39
H022 Q4P M . 35.60 -12.22 -8.45
H031 Q4P M . 34.55 -11.33 -5.96
H042 Q4P M . 36.58 -9.94 -7.03
H041 Q4P M . 35.99 -9.67 -5.68
H081 Q4P M . 37.48 -7.93 -6.50
H111 Q4P M . 41.61 -5.77 -4.07
H121 Q4P M . 41.17 -3.61 -4.83
H231 Q4P M . 38.87 -13.29 -4.23
H251 Q4P M . 33.86 -16.92 -5.54
H161 Q4P M . 40.62 -8.48 -4.21
#